data_2OY3
# 
_entry.id   2OY3 
# 
_audit_conform.dict_name       mmcif_pdbx.dic 
_audit_conform.dict_version    5.398 
_audit_conform.dict_location   http://mmcif.pdb.org/dictionaries/ascii/mmcif_pdbx.dic 
# 
loop_
_database_2.database_id 
_database_2.database_code 
_database_2.pdbx_database_accession 
_database_2.pdbx_DOI 
PDB   2OY3         pdb_00002oy3 10.2210/pdb2oy3/pdb 
RCSB  RCSB041727   ?            ?                   
WWPDB D_1000041727 ?            ?                   
# 
loop_
_pdbx_audit_revision_history.ordinal 
_pdbx_audit_revision_history.data_content_type 
_pdbx_audit_revision_history.major_revision 
_pdbx_audit_revision_history.minor_revision 
_pdbx_audit_revision_history.revision_date 
1 'Structure model' 1 0 2007-04-17 
2 'Structure model' 1 1 2008-05-01 
3 'Structure model' 1 2 2011-07-13 
4 'Structure model' 1 3 2017-10-18 
5 'Structure model' 1 4 2021-03-31 
6 'Structure model' 1 5 2023-08-30 
7 'Structure model' 1 6 2024-11-13 
# 
_pdbx_audit_revision_details.ordinal             1 
_pdbx_audit_revision_details.revision_ordinal    1 
_pdbx_audit_revision_details.data_content_type   'Structure model' 
_pdbx_audit_revision_details.provider            repository 
_pdbx_audit_revision_details.type                'Initial release' 
_pdbx_audit_revision_details.description         ? 
_pdbx_audit_revision_details.details             ? 
# 
loop_
_pdbx_audit_revision_group.ordinal 
_pdbx_audit_revision_group.revision_ordinal 
_pdbx_audit_revision_group.data_content_type 
_pdbx_audit_revision_group.group 
1  2 'Structure model' 'Version format compliance' 
2  3 'Structure model' 'Version format compliance' 
3  4 'Structure model' 'Refinement description'    
4  5 'Structure model' 'Database references'       
5  5 'Structure model' 'Derived calculations'      
6  5 'Structure model' 'Source and taxonomy'       
7  6 'Structure model' 'Data collection'           
8  6 'Structure model' 'Database references'       
9  6 'Structure model' 'Refinement description'    
10 7 'Structure model' 'Structure summary'         
# 
loop_
_pdbx_audit_revision_category.ordinal 
_pdbx_audit_revision_category.revision_ordinal 
_pdbx_audit_revision_category.data_content_type 
_pdbx_audit_revision_category.category 
1  4 'Structure model' software                      
2  5 'Structure model' entity_src_gen                
3  5 'Structure model' pdbx_struct_conn_angle        
4  5 'Structure model' struct_conn                   
5  5 'Structure model' struct_ref_seq_dif            
6  5 'Structure model' struct_site                   
7  6 'Structure model' chem_comp_atom                
8  6 'Structure model' chem_comp_bond                
9  6 'Structure model' database_2                    
10 6 'Structure model' pdbx_initial_refinement_model 
11 7 'Structure model' pdbx_entry_details            
12 7 'Structure model' pdbx_modification_feature     
# 
loop_
_pdbx_audit_revision_item.ordinal 
_pdbx_audit_revision_item.revision_ordinal 
_pdbx_audit_revision_item.data_content_type 
_pdbx_audit_revision_item.item 
1  5 'Structure model' '_entity_src_gen.pdbx_host_org_cell_line'     
2  5 'Structure model' '_entity_src_gen.pdbx_host_org_strain'        
3  5 'Structure model' '_pdbx_struct_conn_angle.ptnr1_auth_comp_id'  
4  5 'Structure model' '_pdbx_struct_conn_angle.ptnr1_auth_seq_id'   
5  5 'Structure model' '_pdbx_struct_conn_angle.ptnr1_label_asym_id' 
6  5 'Structure model' '_pdbx_struct_conn_angle.ptnr1_label_atom_id' 
7  5 'Structure model' '_pdbx_struct_conn_angle.ptnr1_label_comp_id' 
8  5 'Structure model' '_pdbx_struct_conn_angle.ptnr1_label_seq_id'  
9  5 'Structure model' '_pdbx_struct_conn_angle.ptnr3_auth_comp_id'  
10 5 'Structure model' '_pdbx_struct_conn_angle.ptnr3_auth_seq_id'   
11 5 'Structure model' '_pdbx_struct_conn_angle.ptnr3_label_asym_id' 
12 5 'Structure model' '_pdbx_struct_conn_angle.ptnr3_label_atom_id' 
13 5 'Structure model' '_pdbx_struct_conn_angle.ptnr3_label_comp_id' 
14 5 'Structure model' '_pdbx_struct_conn_angle.ptnr3_label_seq_id'  
15 5 'Structure model' '_pdbx_struct_conn_angle.value'               
16 5 'Structure model' '_struct_conn.pdbx_dist_value'                
17 5 'Structure model' '_struct_conn.ptnr1_auth_comp_id'             
18 5 'Structure model' '_struct_conn.ptnr1_auth_seq_id'              
19 5 'Structure model' '_struct_conn.ptnr1_label_asym_id'            
20 5 'Structure model' '_struct_conn.ptnr1_label_atom_id'            
21 5 'Structure model' '_struct_conn.ptnr1_label_comp_id'            
22 5 'Structure model' '_struct_conn.ptnr2_auth_comp_id'             
23 5 'Structure model' '_struct_conn.ptnr2_auth_seq_id'              
24 5 'Structure model' '_struct_conn.ptnr2_label_asym_id'            
25 5 'Structure model' '_struct_conn.ptnr2_label_atom_id'            
26 5 'Structure model' '_struct_conn.ptnr2_label_comp_id'            
27 5 'Structure model' '_struct_conn.ptnr2_label_seq_id'             
28 5 'Structure model' '_struct_ref_seq_dif.details'                 
29 5 'Structure model' '_struct_site.pdbx_auth_asym_id'              
30 5 'Structure model' '_struct_site.pdbx_auth_comp_id'              
31 5 'Structure model' '_struct_site.pdbx_auth_seq_id'               
32 6 'Structure model' '_database_2.pdbx_DOI'                        
33 6 'Structure model' '_database_2.pdbx_database_accession'         
# 
_pdbx_database_status.entry_id                        2OY3 
_pdbx_database_status.deposit_site                    RCSB 
_pdbx_database_status.process_site                    RCSB 
_pdbx_database_status.recvd_initial_deposition_date   2007-02-21 
_pdbx_database_status.status_code                     REL 
_pdbx_database_status.status_code_sf                  REL 
_pdbx_database_status.status_code_mr                  ? 
_pdbx_database_status.SG_entry                        ? 
_pdbx_database_status.pdb_format_compatible           Y 
_pdbx_database_status.status_code_cs                  ? 
_pdbx_database_status.methods_development_category    ? 
_pdbx_database_status.status_code_nmr_data            ? 
# 
_pdbx_database_related.db_name        PDB 
_pdbx_database_related.db_id          2OYA 
_pdbx_database_related.details        . 
_pdbx_database_related.content_type   unspecified 
# 
loop_
_audit_author.name 
_audit_author.pdbx_ordinal 
'Ojala, J.R.M.'   1 
'Pikkarainen, T.' 2 
'Tuuttila, A.'    3 
'Sandalova, T.'   4 
'Tryggvason, K.'  5 
# 
_citation.id                        primary 
_citation.title                     
;Crystal structure of the cysteine-rich domain of scavenger receptor MARCO reveals the presence of a basic and an acidic cluster that both contribute to ligand recognition.
;
_citation.journal_abbrev            J.Biol.Chem. 
_citation.journal_volume            282 
_citation.page_first                16654 
_citation.page_last                 16666 
_citation.year                      2007 
_citation.journal_id_ASTM           JBCHA3 
_citation.country                   US 
_citation.journal_id_ISSN           0021-9258 
_citation.journal_id_CSD            0071 
_citation.book_publisher            ? 
_citation.pdbx_database_id_PubMed   17405873 
_citation.pdbx_database_id_DOI      10.1074/jbc.M701750200 
# 
loop_
_citation_author.citation_id 
_citation_author.name 
_citation_author.ordinal 
_citation_author.identifier_ORCID 
primary 'Ojala, J.R.'     1 ? 
primary 'Pikkarainen, T.' 2 ? 
primary 'Tuuttila, A.'    3 ? 
primary 'Sandalova, T.'   4 ? 
primary 'Tryggvason, K.'  5 ? 
# 
loop_
_entity.id 
_entity.type 
_entity.src_method 
_entity.pdbx_description 
_entity.formula_weight 
_entity.pdbx_number_of_molecules 
_entity.pdbx_ec 
_entity.pdbx_mutation 
_entity.pdbx_fragment 
_entity.details 
1 polymer     man 'Macrophage receptor MARCO' 11337.281 1  ? ? 'C-terminal domain, scavenger receptor cysteine-rich domain (SRCR)' 
? 
2 non-polymer syn 'MAGNESIUM ION'             24.305    2  ? ? ?                                                                   
? 
3 water       nat water                       18.015    67 ? ? ?                                                                   
? 
# 
_entity_name_com.entity_id   1 
_entity_name_com.name        'Macrophage receptor with collagenous structure' 
# 
_entity_poly.entity_id                      1 
_entity_poly.type                           'polypeptide(L)' 
_entity_poly.nstd_linkage                   no 
_entity_poly.nstd_monomer                   no 
_entity_poly.pdbx_seq_one_letter_code       
;APLAQRVRIMGGTNRGRAEVYYNNEWGTICDDDWDNNDATVFCRMLGYSRGRALSSYGGGSGNIWLDNVNCRGTENSLWD
CSKNSWGNHNCVHNEDAGVECS
;
_entity_poly.pdbx_seq_one_letter_code_can   
;APLAQRVRIMGGTNRGRAEVYYNNEWGTICDDDWDNNDATVFCRMLGYSRGRALSSYGGGSGNIWLDNVNCRGTENSLWD
CSKNSWGNHNCVHNEDAGVECS
;
_entity_poly.pdbx_strand_id                 A 
_entity_poly.pdbx_target_identifier         ? 
# 
loop_
_pdbx_entity_nonpoly.entity_id 
_pdbx_entity_nonpoly.name 
_pdbx_entity_nonpoly.comp_id 
2 'MAGNESIUM ION' MG  
3 water           HOH 
# 
loop_
_entity_poly_seq.entity_id 
_entity_poly_seq.num 
_entity_poly_seq.mon_id 
_entity_poly_seq.hetero 
1 1   ALA n 
1 2   PRO n 
1 3   LEU n 
1 4   ALA n 
1 5   GLN n 
1 6   ARG n 
1 7   VAL n 
1 8   ARG n 
1 9   ILE n 
1 10  MET n 
1 11  GLY n 
1 12  GLY n 
1 13  THR n 
1 14  ASN n 
1 15  ARG n 
1 16  GLY n 
1 17  ARG n 
1 18  ALA n 
1 19  GLU n 
1 20  VAL n 
1 21  TYR n 
1 22  TYR n 
1 23  ASN n 
1 24  ASN n 
1 25  GLU n 
1 26  TRP n 
1 27  GLY n 
1 28  THR n 
1 29  ILE n 
1 30  CYS n 
1 31  ASP n 
1 32  ASP n 
1 33  ASP n 
1 34  TRP n 
1 35  ASP n 
1 36  ASN n 
1 37  ASN n 
1 38  ASP n 
1 39  ALA n 
1 40  THR n 
1 41  VAL n 
1 42  PHE n 
1 43  CYS n 
1 44  ARG n 
1 45  MET n 
1 46  LEU n 
1 47  GLY n 
1 48  TYR n 
1 49  SER n 
1 50  ARG n 
1 51  GLY n 
1 52  ARG n 
1 53  ALA n 
1 54  LEU n 
1 55  SER n 
1 56  SER n 
1 57  TYR n 
1 58  GLY n 
1 59  GLY n 
1 60  GLY n 
1 61  SER n 
1 62  GLY n 
1 63  ASN n 
1 64  ILE n 
1 65  TRP n 
1 66  LEU n 
1 67  ASP n 
1 68  ASN n 
1 69  VAL n 
1 70  ASN n 
1 71  CYS n 
1 72  ARG n 
1 73  GLY n 
1 74  THR n 
1 75  GLU n 
1 76  ASN n 
1 77  SER n 
1 78  LEU n 
1 79  TRP n 
1 80  ASP n 
1 81  CYS n 
1 82  SER n 
1 83  LYS n 
1 84  ASN n 
1 85  SER n 
1 86  TRP n 
1 87  GLY n 
1 88  ASN n 
1 89  HIS n 
1 90  ASN n 
1 91  CYS n 
1 92  VAL n 
1 93  HIS n 
1 94  ASN n 
1 95  GLU n 
1 96  ASP n 
1 97  ALA n 
1 98  GLY n 
1 99  VAL n 
1 100 GLU n 
1 101 CYS n 
1 102 SER n 
# 
_entity_src_gen.entity_id                          1 
_entity_src_gen.pdbx_src_id                        1 
_entity_src_gen.pdbx_alt_source_flag               sample 
_entity_src_gen.pdbx_seq_type                      ? 
_entity_src_gen.pdbx_beg_seq_num                   ? 
_entity_src_gen.pdbx_end_seq_num                   ? 
_entity_src_gen.gene_src_common_name               'house mouse' 
_entity_src_gen.gene_src_genus                     Mus 
_entity_src_gen.pdbx_gene_src_gene                 Marco 
_entity_src_gen.gene_src_species                   ? 
_entity_src_gen.gene_src_strain                    C57BL/6 
_entity_src_gen.gene_src_tissue                    ? 
_entity_src_gen.gene_src_tissue_fraction           ? 
_entity_src_gen.gene_src_details                   ? 
_entity_src_gen.pdbx_gene_src_fragment             ? 
_entity_src_gen.pdbx_gene_src_scientific_name      'Mus musculus' 
_entity_src_gen.pdbx_gene_src_ncbi_taxonomy_id     10090 
_entity_src_gen.pdbx_gene_src_variant              ? 
_entity_src_gen.pdbx_gene_src_cell_line            ? 
_entity_src_gen.pdbx_gene_src_atcc                 ? 
_entity_src_gen.pdbx_gene_src_organ                ? 
_entity_src_gen.pdbx_gene_src_organelle            ? 
_entity_src_gen.pdbx_gene_src_cell                 ? 
_entity_src_gen.pdbx_gene_src_cellular_location    ? 
_entity_src_gen.host_org_common_name               human 
_entity_src_gen.pdbx_host_org_scientific_name      'Homo sapiens' 
_entity_src_gen.pdbx_host_org_ncbi_taxonomy_id     9606 
_entity_src_gen.host_org_genus                     Homo 
_entity_src_gen.pdbx_host_org_gene                 ? 
_entity_src_gen.pdbx_host_org_organ                ? 
_entity_src_gen.host_org_species                   ? 
_entity_src_gen.pdbx_host_org_tissue               ? 
_entity_src_gen.pdbx_host_org_tissue_fraction      ? 
_entity_src_gen.pdbx_host_org_strain               ? 
_entity_src_gen.pdbx_host_org_variant              ? 
_entity_src_gen.pdbx_host_org_cell_line            HEK293-EBNA 
_entity_src_gen.pdbx_host_org_atcc                 ? 
_entity_src_gen.pdbx_host_org_culture_collection   ? 
_entity_src_gen.pdbx_host_org_cell                 ? 
_entity_src_gen.pdbx_host_org_organelle            ? 
_entity_src_gen.pdbx_host_org_cellular_location    ? 
_entity_src_gen.pdbx_host_org_vector_type          plasmid 
_entity_src_gen.pdbx_host_org_vector               ? 
_entity_src_gen.host_org_details                   ? 
_entity_src_gen.expression_system_id               ? 
_entity_src_gen.plasmid_name                       pCEP-PU 
_entity_src_gen.plasmid_details                    ? 
_entity_src_gen.pdbx_description                   ? 
# 
loop_
_chem_comp.id 
_chem_comp.type 
_chem_comp.mon_nstd_flag 
_chem_comp.name 
_chem_comp.pdbx_synonyms 
_chem_comp.formula 
_chem_comp.formula_weight 
ALA 'L-peptide linking' y ALANINE         ? 'C3 H7 N O2'     89.093  
ARG 'L-peptide linking' y ARGININE        ? 'C6 H15 N4 O2 1' 175.209 
ASN 'L-peptide linking' y ASPARAGINE      ? 'C4 H8 N2 O3'    132.118 
ASP 'L-peptide linking' y 'ASPARTIC ACID' ? 'C4 H7 N O4'     133.103 
CYS 'L-peptide linking' y CYSTEINE        ? 'C3 H7 N O2 S'   121.158 
GLN 'L-peptide linking' y GLUTAMINE       ? 'C5 H10 N2 O3'   146.144 
GLU 'L-peptide linking' y 'GLUTAMIC ACID' ? 'C5 H9 N O4'     147.129 
GLY 'peptide linking'   y GLYCINE         ? 'C2 H5 N O2'     75.067  
HIS 'L-peptide linking' y HISTIDINE       ? 'C6 H10 N3 O2 1' 156.162 
HOH non-polymer         . WATER           ? 'H2 O'           18.015  
ILE 'L-peptide linking' y ISOLEUCINE      ? 'C6 H13 N O2'    131.173 
LEU 'L-peptide linking' y LEUCINE         ? 'C6 H13 N O2'    131.173 
LYS 'L-peptide linking' y LYSINE          ? 'C6 H15 N2 O2 1' 147.195 
MET 'L-peptide linking' y METHIONINE      ? 'C5 H11 N O2 S'  149.211 
MG  non-polymer         . 'MAGNESIUM ION' ? 'Mg 2'           24.305  
PHE 'L-peptide linking' y PHENYLALANINE   ? 'C9 H11 N O2'    165.189 
PRO 'L-peptide linking' y PROLINE         ? 'C5 H9 N O2'     115.130 
SER 'L-peptide linking' y SERINE          ? 'C3 H7 N O3'     105.093 
THR 'L-peptide linking' y THREONINE       ? 'C4 H9 N O3'     119.119 
TRP 'L-peptide linking' y TRYPTOPHAN      ? 'C11 H12 N2 O2'  204.225 
TYR 'L-peptide linking' y TYROSINE        ? 'C9 H11 N O3'    181.189 
VAL 'L-peptide linking' y VALINE          ? 'C5 H11 N O2'    117.146 
# 
loop_
_pdbx_poly_seq_scheme.asym_id 
_pdbx_poly_seq_scheme.entity_id 
_pdbx_poly_seq_scheme.seq_id 
_pdbx_poly_seq_scheme.mon_id 
_pdbx_poly_seq_scheme.ndb_seq_num 
_pdbx_poly_seq_scheme.pdb_seq_num 
_pdbx_poly_seq_scheme.auth_seq_num 
_pdbx_poly_seq_scheme.pdb_mon_id 
_pdbx_poly_seq_scheme.auth_mon_id 
_pdbx_poly_seq_scheme.pdb_strand_id 
_pdbx_poly_seq_scheme.pdb_ins_code 
_pdbx_poly_seq_scheme.hetero 
A 1 1   ALA 1   417 ?   ?   ?   A . n 
A 1 2   PRO 2   418 ?   ?   ?   A . n 
A 1 3   LEU 3   419 ?   ?   ?   A . n 
A 1 4   ALA 4   420 ?   ?   ?   A . n 
A 1 5   GLN 5   421 421 GLN GLN A . n 
A 1 6   ARG 6   422 422 ARG ARG A . n 
A 1 7   VAL 7   423 423 VAL VAL A . n 
A 1 8   ARG 8   424 424 ARG ARG A . n 
A 1 9   ILE 9   425 425 ILE ILE A . n 
A 1 10  MET 10  426 426 MET MET A . n 
A 1 11  GLY 11  427 427 GLY GLY A . n 
A 1 12  GLY 12  428 428 GLY GLY A . n 
A 1 13  THR 13  429 429 THR THR A . n 
A 1 14  ASN 14  430 430 ASN ASN A . n 
A 1 15  ARG 15  431 431 ARG ARG A . n 
A 1 16  GLY 16  432 432 GLY GLY A . n 
A 1 17  ARG 17  433 433 ARG ARG A . n 
A 1 18  ALA 18  434 434 ALA ALA A . n 
A 1 19  GLU 19  435 435 GLU GLU A . n 
A 1 20  VAL 20  436 436 VAL VAL A . n 
A 1 21  TYR 21  437 437 TYR TYR A . n 
A 1 22  TYR 22  438 438 TYR TYR A . n 
A 1 23  ASN 23  439 439 ASN ASN A . n 
A 1 24  ASN 24  440 440 ASN ASN A . n 
A 1 25  GLU 25  441 441 GLU GLU A . n 
A 1 26  TRP 26  442 442 TRP TRP A . n 
A 1 27  GLY 27  443 443 GLY GLY A . n 
A 1 28  THR 28  444 444 THR THR A . n 
A 1 29  ILE 29  445 445 ILE ILE A . n 
A 1 30  CYS 30  446 446 CYS CYS A . n 
A 1 31  ASP 31  447 447 ASP ASP A . n 
A 1 32  ASP 32  448 448 ASP ASP A . n 
A 1 33  ASP 33  449 449 ASP ASP A . n 
A 1 34  TRP 34  450 450 TRP TRP A . n 
A 1 35  ASP 35  451 451 ASP ASP A . n 
A 1 36  ASN 36  452 452 ASN ASN A . n 
A 1 37  ASN 37  453 453 ASN ASN A . n 
A 1 38  ASP 38  454 454 ASP ASP A . n 
A 1 39  ALA 39  455 455 ALA ALA A . n 
A 1 40  THR 40  456 456 THR THR A . n 
A 1 41  VAL 41  457 457 VAL VAL A . n 
A 1 42  PHE 42  458 458 PHE PHE A . n 
A 1 43  CYS 43  459 459 CYS CYS A . n 
A 1 44  ARG 44  460 460 ARG ARG A . n 
A 1 45  MET 45  461 461 MET MET A . n 
A 1 46  LEU 46  462 462 LEU LEU A . n 
A 1 47  GLY 47  463 463 GLY GLY A . n 
A 1 48  TYR 48  464 464 TYR TYR A . n 
A 1 49  SER 49  465 465 SER SER A . n 
A 1 50  ARG 50  466 466 ARG ARG A . n 
A 1 51  GLY 51  467 467 GLY GLY A . n 
A 1 52  ARG 52  468 468 ARG ARG A . n 
A 1 53  ALA 53  469 469 ALA ALA A . n 
A 1 54  LEU 54  470 470 LEU LEU A . n 
A 1 55  SER 55  471 471 SER SER A . n 
A 1 56  SER 56  472 472 SER SER A . n 
A 1 57  TYR 57  473 473 TYR TYR A . n 
A 1 58  GLY 58  474 474 GLY GLY A . n 
A 1 59  GLY 59  475 475 GLY GLY A . n 
A 1 60  GLY 60  476 476 GLY GLY A . n 
A 1 61  SER 61  477 477 SER SER A . n 
A 1 62  GLY 62  478 478 GLY GLY A . n 
A 1 63  ASN 63  479 479 ASN ASN A . n 
A 1 64  ILE 64  480 480 ILE ILE A . n 
A 1 65  TRP 65  481 481 TRP TRP A . n 
A 1 66  LEU 66  482 482 LEU LEU A . n 
A 1 67  ASP 67  483 483 ASP ASP A . n 
A 1 68  ASN 68  484 484 ASN ASN A . n 
A 1 69  VAL 69  485 485 VAL VAL A . n 
A 1 70  ASN 70  486 486 ASN ASN A . n 
A 1 71  CYS 71  487 487 CYS CYS A . n 
A 1 72  ARG 72  488 488 ARG ARG A . n 
A 1 73  GLY 73  489 489 GLY GLY A . n 
A 1 74  THR 74  490 490 THR THR A . n 
A 1 75  GLU 75  491 491 GLU GLU A . n 
A 1 76  ASN 76  492 492 ASN ASN A . n 
A 1 77  SER 77  493 493 SER SER A . n 
A 1 78  LEU 78  494 494 LEU LEU A . n 
A 1 79  TRP 79  495 495 TRP TRP A . n 
A 1 80  ASP 80  496 496 ASP ASP A . n 
A 1 81  CYS 81  497 497 CYS CYS A . n 
A 1 82  SER 82  498 498 SER SER A . n 
A 1 83  LYS 83  499 499 LYS LYS A . n 
A 1 84  ASN 84  500 500 ASN ASN A . n 
A 1 85  SER 85  501 501 SER SER A . n 
A 1 86  TRP 86  502 502 TRP TRP A . n 
A 1 87  GLY 87  503 503 GLY GLY A . n 
A 1 88  ASN 88  504 504 ASN ASN A . n 
A 1 89  HIS 89  505 505 HIS HIS A . n 
A 1 90  ASN 90  506 506 ASN ASN A . n 
A 1 91  CYS 91  507 507 CYS CYS A . n 
A 1 92  VAL 92  508 508 VAL VAL A . n 
A 1 93  HIS 93  509 509 HIS HIS A . n 
A 1 94  ASN 94  510 510 ASN ASN A . n 
A 1 95  GLU 95  511 511 GLU GLU A . n 
A 1 96  ASP 96  512 512 ASP ASP A . n 
A 1 97  ALA 97  513 513 ALA ALA A . n 
A 1 98  GLY 98  514 514 GLY GLY A . n 
A 1 99  VAL 99  515 515 VAL VAL A . n 
A 1 100 GLU 100 516 516 GLU GLU A . n 
A 1 101 CYS 101 517 517 CYS CYS A . n 
A 1 102 SER 102 518 518 SER SER A . n 
# 
loop_
_pdbx_nonpoly_scheme.asym_id 
_pdbx_nonpoly_scheme.entity_id 
_pdbx_nonpoly_scheme.mon_id 
_pdbx_nonpoly_scheme.ndb_seq_num 
_pdbx_nonpoly_scheme.pdb_seq_num 
_pdbx_nonpoly_scheme.auth_seq_num 
_pdbx_nonpoly_scheme.pdb_mon_id 
_pdbx_nonpoly_scheme.auth_mon_id 
_pdbx_nonpoly_scheme.pdb_strand_id 
_pdbx_nonpoly_scheme.pdb_ins_code 
B 2 MG  1  201 201 MG  MG  A . 
C 2 MG  1  202 202 MG  MG  A . 
D 3 HOH 1  1   1   HOH HOH A . 
D 3 HOH 2  2   2   HOH HOH A . 
D 3 HOH 3  3   3   HOH HOH A . 
D 3 HOH 4  4   4   HOH HOH A . 
D 3 HOH 5  5   5   HOH HOH A . 
D 3 HOH 6  6   6   HOH HOH A . 
D 3 HOH 7  7   7   HOH HOH A . 
D 3 HOH 8  8   8   HOH HOH A . 
D 3 HOH 9  9   9   HOH HOH A . 
D 3 HOH 10 10  10  HOH HOH A . 
D 3 HOH 11 11  11  HOH HOH A . 
D 3 HOH 12 12  12  HOH HOH A . 
D 3 HOH 13 13  13  HOH HOH A . 
D 3 HOH 14 14  14  HOH HOH A . 
D 3 HOH 15 15  15  HOH HOH A . 
D 3 HOH 16 16  16  HOH HOH A . 
D 3 HOH 17 17  17  HOH HOH A . 
D 3 HOH 18 18  18  HOH HOH A . 
D 3 HOH 19 19  19  HOH HOH A . 
D 3 HOH 20 20  20  HOH HOH A . 
D 3 HOH 21 21  21  HOH HOH A . 
D 3 HOH 22 22  22  HOH HOH A . 
D 3 HOH 23 23  23  HOH HOH A . 
D 3 HOH 24 24  24  HOH HOH A . 
D 3 HOH 25 25  25  HOH HOH A . 
D 3 HOH 26 26  26  HOH HOH A . 
D 3 HOH 27 27  27  HOH HOH A . 
D 3 HOH 28 28  28  HOH HOH A . 
D 3 HOH 29 29  29  HOH HOH A . 
D 3 HOH 30 30  30  HOH HOH A . 
D 3 HOH 31 31  31  HOH HOH A . 
D 3 HOH 32 32  32  HOH HOH A . 
D 3 HOH 33 33  33  HOH HOH A . 
D 3 HOH 34 34  34  HOH HOH A . 
D 3 HOH 35 35  35  HOH HOH A . 
D 3 HOH 36 36  36  HOH HOH A . 
D 3 HOH 37 37  37  HOH HOH A . 
D 3 HOH 38 38  38  HOH HOH A . 
D 3 HOH 39 39  39  HOH HOH A . 
D 3 HOH 40 40  40  HOH HOH A . 
D 3 HOH 41 41  41  HOH HOH A . 
D 3 HOH 42 42  42  HOH HOH A . 
D 3 HOH 43 43  43  HOH HOH A . 
D 3 HOH 44 44  44  HOH HOH A . 
D 3 HOH 45 45  45  HOH HOH A . 
D 3 HOH 46 46  46  HOH HOH A . 
D 3 HOH 47 47  47  HOH HOH A . 
D 3 HOH 48 48  48  HOH HOH A . 
D 3 HOH 49 49  49  HOH HOH A . 
D 3 HOH 50 50  50  HOH HOH A . 
D 3 HOH 51 51  51  HOH HOH A . 
D 3 HOH 52 52  52  HOH HOH A . 
D 3 HOH 53 53  53  HOH HOH A . 
D 3 HOH 54 54  54  HOH HOH A . 
D 3 HOH 55 55  55  HOH HOH A . 
D 3 HOH 56 56  56  HOH HOH A . 
D 3 HOH 57 57  57  HOH HOH A . 
D 3 HOH 58 58  58  HOH HOH A . 
D 3 HOH 59 59  59  HOH HOH A . 
D 3 HOH 60 60  60  HOH HOH A . 
D 3 HOH 61 61  61  HOH HOH A . 
D 3 HOH 62 62  62  HOH HOH A . 
D 3 HOH 63 63  63  HOH HOH A . 
D 3 HOH 64 64  64  HOH HOH A . 
D 3 HOH 65 65  65  HOH HOH A . 
D 3 HOH 66 66  66  HOH HOH A . 
D 3 HOH 67 67  67  HOH HOH A . 
# 
loop_
_software.name 
_software.version 
_software.date 
_software.type 
_software.contact_author 
_software.contact_author_email 
_software.classification 
_software.location 
_software.language 
_software.citation_id 
_software.pdbx_ordinal 
DENZO       .     ?                package 'Zbyszek Otwinowski' zbyszek@mix.swmed.edu    'data reduction'  
http://www.lnls.br/infra/linhasluz/denzo-hkl.htm ?          ? 1 
SCALEPACK   .     ?                package 'Zbyszek Otwinowski' zbyszek@mix.swmed.edu    'data scaling'    
http://www.lnls.br/infra/linhasluz/denzo-hkl.htm ?          ? 2 
AMoRE       .     ?                program 'Jorge Navaza'       ccp4@dl.ac.uk            phasing           
http://www.ccp4.ac.uk/main.html                  Fortran_77 ? 3 
REFMAC      .     ?                program 'Murshudov, G.N.'    ccp4@dl.ac.uk            refinement        
http://www.ccp4.ac.uk/main.html                  Fortran_77 ? 4 
PDB_EXTRACT 2.000 'April. 3, 2006' package PDB                  sw-help@rcsb.rutgers.edu 'data extraction' 
http://pdb.rutgers.edu/software/                 C++        ? 5 
HKL-2000    .     ?                ?       ?                    ?                        'data collection' ? ?          ? 6 
# 
_cell.length_a           32.345 
_cell.length_b           28.060 
_cell.length_c           42.665 
_cell.angle_alpha        90.000 
_cell.angle_beta         99.190 
_cell.angle_gamma        90.000 
_cell.entry_id           2OY3 
_cell.pdbx_unique_axis   ? 
_cell.Z_PDB              2 
_cell.length_a_esd       ? 
_cell.length_b_esd       ? 
_cell.length_c_esd       ? 
_cell.angle_alpha_esd    ? 
_cell.angle_beta_esd     ? 
_cell.angle_gamma_esd    ? 
# 
_symmetry.space_group_name_H-M             'P 1 21 1' 
_symmetry.entry_id                         2OY3 
_symmetry.Int_Tables_number                4 
_symmetry.pdbx_full_space_group_name_H-M   ? 
_symmetry.cell_setting                     ? 
_symmetry.space_group_name_Hall            ? 
# 
_exptl.crystals_number   1 
_exptl.entry_id          2OY3 
_exptl.method            'X-RAY DIFFRACTION' 
# 
_exptl_crystal.id                    1 
_exptl_crystal.density_Matthews      1.69 
_exptl_crystal.density_meas          ? 
_exptl_crystal.density_percent_sol   27.04 
_exptl_crystal.description           ? 
_exptl_crystal.F_000                 ? 
_exptl_crystal.preparation           ? 
# 
_exptl_crystal_grow.crystal_id      1 
_exptl_crystal_grow.method          'VAPOR DIFFUSION, HANGING DROP' 
_exptl_crystal_grow.pH              6.0 
_exptl_crystal_grow.temp            277 
_exptl_crystal_grow.temp_details    ? 
_exptl_crystal_grow.pdbx_details    
'12% PEG 8000, 0.1M Bis-Tris, 0.2M Ammonium acetate, pH 6.0, VAPOR DIFFUSION, HANGING DROP, temperature 277K' 
_exptl_crystal_grow.pdbx_pH_range   . 
# 
_diffrn.id                     1 
_diffrn.ambient_temp           100 
_diffrn.ambient_temp_details   ? 
_diffrn.crystal_id             1 
# 
_diffrn_detector.diffrn_id              1 
_diffrn_detector.detector               CCD 
_diffrn_detector.type                   'MAR CCD 130 mm' 
_diffrn_detector.pdbx_collection_date   2002-12-03 
_diffrn_detector.details                ? 
# 
_diffrn_radiation.diffrn_id                        1 
_diffrn_radiation.wavelength_id                    1 
_diffrn_radiation.pdbx_diffrn_protocol             'SINGLE WAVELENGTH' 
_diffrn_radiation.monochromator                    ? 
_diffrn_radiation.pdbx_monochromatic_or_laue_m_l   M 
_diffrn_radiation.pdbx_scattering_type             x-ray 
# 
_diffrn_radiation_wavelength.id           1 
_diffrn_radiation_wavelength.wavelength   1.5418 
_diffrn_radiation_wavelength.wt           1.0 
# 
_diffrn_source.diffrn_id                   1 
_diffrn_source.source                      'ROTATING ANODE' 
_diffrn_source.type                        RIGAKU 
_diffrn_source.pdbx_wavelength             ? 
_diffrn_source.pdbx_wavelength_list        1.5418 
_diffrn_source.pdbx_synchrotron_site       ? 
_diffrn_source.pdbx_synchrotron_beamline   ? 
# 
_reflns.entry_id                     2OY3 
_reflns.d_resolution_high            1.780 
_reflns.d_resolution_low             25.000 
_reflns.number_obs                   7161 
_reflns.pdbx_Rmerge_I_obs            0.048 
_reflns.pdbx_netI_over_sigmaI        32.42 
_reflns.pdbx_chi_squared             1.496 
_reflns.percent_possible_obs         96.200 
_reflns.observed_criterion_sigma_F   0.013 
_reflns.observed_criterion_sigma_I   0 
_reflns.number_all                   7444 
_reflns.pdbx_Rsym_value              ? 
_reflns.B_iso_Wilson_estimate        ? 
_reflns.pdbx_redundancy              ? 
_reflns.R_free_details               ? 
_reflns.limit_h_max                  ? 
_reflns.limit_h_min                  ? 
_reflns.limit_k_max                  ? 
_reflns.limit_k_min                  ? 
_reflns.limit_l_max                  ? 
_reflns.limit_l_min                  ? 
_reflns.observed_criterion_F_max     ? 
_reflns.observed_criterion_F_min     ? 
_reflns.pdbx_scaling_rejects         ? 
_reflns.pdbx_diffrn_id               1 
_reflns.pdbx_ordinal                 1 
# 
_reflns_shell.d_res_high             1.78 
_reflns_shell.d_res_low              1.81 
_reflns_shell.number_measured_obs    ? 
_reflns_shell.number_measured_all    ? 
_reflns_shell.number_unique_obs      ? 
_reflns_shell.Rmerge_I_obs           0.375 
_reflns_shell.meanI_over_sigI_obs    ? 
_reflns_shell.pdbx_Rsym_value        ? 
_reflns_shell.pdbx_chi_squared       1.570 
_reflns_shell.pdbx_redundancy        ? 
_reflns_shell.percent_possible_obs   ? 
_reflns_shell.number_unique_all      282 
_reflns_shell.percent_possible_all   78.80 
_reflns_shell.pdbx_diffrn_id         ? 
_reflns_shell.pdbx_ordinal           1 
# 
_refine.entry_id                                 2OY3 
_refine.ls_d_res_high                            1.780 
_refine.ls_d_res_low                             23.700 
_refine.pdbx_ls_sigma_F                          0.00 
_refine.ls_percent_reflns_obs                    100.000 
_refine.ls_number_reflns_obs                     7155 
_refine.pdbx_ls_cross_valid_method               THROUGHOUT 
_refine.pdbx_R_Free_selection_details            RANDOM 
_refine.details                                  'HYDROGENS HAVE BEEN ADDED IN THE RIDING POSITIONS' 
_refine.ls_R_factor_obs                          0.167 
_refine.ls_R_factor_R_work                       0.161 
_refine.ls_R_factor_R_free                       0.21 
_refine.ls_percent_reflns_R_free                 12.600 
_refine.ls_number_reflns_R_free                  903 
_refine.B_iso_mean                               19.731 
_refine.aniso_B[1][1]                            -0.870 
_refine.aniso_B[2][2]                            0.790 
_refine.aniso_B[3][3]                            0.290 
_refine.aniso_B[1][2]                            0.000 
_refine.aniso_B[1][3]                            0.630 
_refine.aniso_B[2][3]                            0.000 
_refine.correlation_coeff_Fo_to_Fc               0.966 
_refine.correlation_coeff_Fo_to_Fc_free          0.942 
_refine.pdbx_overall_ESU_R                       0.165 
_refine.pdbx_overall_ESU_R_Free                  0.145 
_refine.overall_SU_ML                            0.089 
_refine.overall_SU_B                             2.810 
_refine.solvent_model_details                    MASK 
_refine.pdbx_solvent_vdw_probe_radii             1.400 
_refine.pdbx_solvent_ion_probe_radii             0.800 
_refine.pdbx_solvent_shrinkage_radii             0.800 
_refine.pdbx_stereochemistry_target_values       'MAXIMUM LIKELIHOOD' 
_refine.pdbx_ls_sigma_I                          ? 
_refine.ls_number_reflns_all                     7155 
_refine.ls_R_factor_all                          ? 
_refine.ls_redundancy_reflns_obs                 ? 
_refine.pdbx_data_cutoff_high_absF               ? 
_refine.pdbx_data_cutoff_low_absF                ? 
_refine.ls_number_parameters                     ? 
_refine.ls_number_restraints                     ? 
_refine.ls_R_factor_R_free_error                 ? 
_refine.ls_R_factor_R_free_error_details         ? 
_refine.pdbx_method_to_determine_struct          'MOLECULAR REPLACEMENT' 
_refine.pdbx_starting_model                      'PDB ENTRY 1BY2' 
_refine.pdbx_stereochem_target_val_spec_case     ? 
_refine.solvent_model_param_bsol                 ? 
_refine.solvent_model_param_ksol                 ? 
_refine.occupancy_max                            ? 
_refine.occupancy_min                            ? 
_refine.pdbx_isotropic_thermal_model             Isotropic 
_refine.B_iso_min                                ? 
_refine.B_iso_max                                ? 
_refine.overall_SU_R_Cruickshank_DPI             ? 
_refine.overall_SU_R_free                        ? 
_refine.pdbx_data_cutoff_high_rms_absF           ? 
_refine.ls_wR_factor_R_free                      ? 
_refine.ls_wR_factor_R_work                      ? 
_refine.overall_FOM_free_R_set                   ? 
_refine.overall_FOM_work_R_set                   ? 
_refine.pdbx_refine_id                           'X-RAY DIFFRACTION' 
_refine.pdbx_diffrn_id                           1 
_refine.pdbx_TLS_residual_ADP_flag               ? 
_refine.pdbx_overall_phase_error                 ? 
_refine.pdbx_overall_SU_R_free_Cruickshank_DPI   ? 
_refine.pdbx_overall_SU_R_Blow_DPI               ? 
_refine.pdbx_overall_SU_R_free_Blow_DPI          ? 
# 
_refine_hist.pdbx_refine_id                   'X-RAY DIFFRACTION' 
_refine_hist.cycle_id                         LAST 
_refine_hist.pdbx_number_atoms_protein        789 
_refine_hist.pdbx_number_atoms_nucleic_acid   0 
_refine_hist.pdbx_number_atoms_ligand         2 
_refine_hist.number_atoms_solvent             67 
_refine_hist.number_atoms_total               858 
_refine_hist.d_res_high                       1.780 
_refine_hist.d_res_low                        23.700 
# 
loop_
_refine_ls_restr.type 
_refine_ls_restr.number 
_refine_ls_restr.dev_ideal 
_refine_ls_restr.dev_ideal_target 
_refine_ls_restr.weight 
_refine_ls_restr.pdbx_refine_id 
_refine_ls_restr.pdbx_restraint_function 
r_bond_refined_d         811  0.013  0.021  ? 'X-RAY DIFFRACTION' ? 
r_angle_refined_deg      1105 1.345  1.877  ? 'X-RAY DIFFRACTION' ? 
r_dihedral_angle_1_deg   103  6.941  5.000  ? 'X-RAY DIFFRACTION' ? 
r_dihedral_angle_2_deg   49   31.782 24.286 ? 'X-RAY DIFFRACTION' ? 
r_dihedral_angle_3_deg   120  11.671 15.000 ? 'X-RAY DIFFRACTION' ? 
r_dihedral_angle_4_deg   8    12.119 15.000 ? 'X-RAY DIFFRACTION' ? 
r_chiral_restr           105  0.105  0.200  ? 'X-RAY DIFFRACTION' ? 
r_gen_planes_refined     673  0.006  0.020  ? 'X-RAY DIFFRACTION' ? 
r_nbd_refined            392  0.186  0.200  ? 'X-RAY DIFFRACTION' ? 
r_nbtor_refined          543  0.298  0.200  ? 'X-RAY DIFFRACTION' ? 
r_xyhbond_nbd_refined    66   0.135  0.200  ? 'X-RAY DIFFRACTION' ? 
r_symmetry_vdw_refined   46   0.197  0.200  ? 'X-RAY DIFFRACTION' ? 
r_symmetry_hbond_refined 13   0.182  0.200  ? 'X-RAY DIFFRACTION' ? 
r_mcbond_it              507  0.813  1.500  ? 'X-RAY DIFFRACTION' ? 
r_mcangle_it             786  1.307  2.000  ? 'X-RAY DIFFRACTION' ? 
r_scbond_it              365  2.250  3.000  ? 'X-RAY DIFFRACTION' ? 
r_scangle_it             319  3.225  4.500  ? 'X-RAY DIFFRACTION' ? 
# 
_refine_ls_shell.d_res_high                       1.780 
_refine_ls_shell.d_res_low                        1.826 
_refine_ls_shell.pdbx_total_number_of_bins_used   20 
_refine_ls_shell.percent_reflns_obs               100.000 
_refine_ls_shell.number_reflns_R_work             383 
_refine_ls_shell.R_factor_all                     ? 
_refine_ls_shell.R_factor_R_work                  0.355 
_refine_ls_shell.R_factor_R_free                  0.464 
_refine_ls_shell.percent_reflns_R_free            ? 
_refine_ls_shell.number_reflns_R_free             63 
_refine_ls_shell.R_factor_R_free_error            ? 
_refine_ls_shell.number_reflns_all                ? 
_refine_ls_shell.number_reflns_obs                446 
_refine_ls_shell.redundancy_reflns_obs            ? 
_refine_ls_shell.pdbx_refine_id                   'X-RAY DIFFRACTION' 
# 
_struct.entry_id                  2OY3 
_struct.title                     'Crystal structure analysis of the monomeric SRCR domain of mouse MARCO' 
_struct.pdbx_model_details        ? 
_struct.pdbx_CASP_flag            N 
_struct.pdbx_model_type_details   ? 
# 
_struct_keywords.entry_id        2OY3 
_struct_keywords.pdbx_keywords   'LIGAND BINDING PROTEIN' 
_struct_keywords.text            
;Extracellular matrix, Scavenger receptor cysteine-rich (SRCR), macrophage receptor, ligand binding domain, basic cluster, acidic cluster, LIGAND BINDING PROTEIN
;
# 
loop_
_struct_asym.id 
_struct_asym.pdbx_blank_PDB_chainid_flag 
_struct_asym.pdbx_modified 
_struct_asym.entity_id 
_struct_asym.details 
A N N 1 ? 
B N N 2 ? 
C N N 2 ? 
D N N 3 ? 
# 
_struct_ref.id                         1 
_struct_ref.db_name                    UNP 
_struct_ref.db_code                    MARCO_MOUSE 
_struct_ref.pdbx_db_accession          Q60754 
_struct_ref.entity_id                  1 
_struct_ref.pdbx_seq_one_letter_code   
;QRVRIMGGTNRGRAEVYYNNEWGTICDDDWDNNDATVFCRMLGYSRGRALSSYGGGSGNIWLDNVNCRGTENSLWDCSKN
SWGNHNCVHNEDAGVECS
;
_struct_ref.pdbx_align_begin           421 
_struct_ref.pdbx_db_isoform            ? 
# 
_struct_ref_seq.align_id                      1 
_struct_ref_seq.ref_id                        1 
_struct_ref_seq.pdbx_PDB_id_code              2OY3 
_struct_ref_seq.pdbx_strand_id                A 
_struct_ref_seq.seq_align_beg                 5 
_struct_ref_seq.pdbx_seq_align_beg_ins_code   ? 
_struct_ref_seq.seq_align_end                 102 
_struct_ref_seq.pdbx_seq_align_end_ins_code   ? 
_struct_ref_seq.pdbx_db_accession             Q60754 
_struct_ref_seq.db_align_beg                  421 
_struct_ref_seq.pdbx_db_align_beg_ins_code    ? 
_struct_ref_seq.db_align_end                  518 
_struct_ref_seq.pdbx_db_align_end_ins_code    ? 
_struct_ref_seq.pdbx_auth_seq_align_beg       421 
_struct_ref_seq.pdbx_auth_seq_align_end       518 
# 
loop_
_struct_ref_seq_dif.align_id 
_struct_ref_seq_dif.pdbx_pdb_id_code 
_struct_ref_seq_dif.mon_id 
_struct_ref_seq_dif.pdbx_pdb_strand_id 
_struct_ref_seq_dif.seq_num 
_struct_ref_seq_dif.pdbx_pdb_ins_code 
_struct_ref_seq_dif.pdbx_seq_db_name 
_struct_ref_seq_dif.pdbx_seq_db_accession_code 
_struct_ref_seq_dif.db_mon_id 
_struct_ref_seq_dif.pdbx_seq_db_seq_num 
_struct_ref_seq_dif.details 
_struct_ref_seq_dif.pdbx_auth_seq_num 
_struct_ref_seq_dif.pdbx_ordinal 
1 2OY3 ALA A 1 ? UNP Q60754 ? ? 'cloning artifact' 417 1 
1 2OY3 PRO A 2 ? UNP Q60754 ? ? 'cloning artifact' 418 2 
1 2OY3 LEU A 3 ? UNP Q60754 ? ? 'cloning artifact' 419 3 
1 2OY3 ALA A 4 ? UNP Q60754 ? ? 'cloning artifact' 420 4 
# 
_pdbx_struct_assembly.id                   1 
_pdbx_struct_assembly.details              author_defined_assembly 
_pdbx_struct_assembly.method_details       ? 
_pdbx_struct_assembly.oligomeric_details   monomeric 
_pdbx_struct_assembly.oligomeric_count     1 
# 
_pdbx_struct_assembly_gen.assembly_id       1 
_pdbx_struct_assembly_gen.oper_expression   1 
_pdbx_struct_assembly_gen.asym_id_list      A,B,C,D 
# 
_pdbx_struct_oper_list.id                   1 
_pdbx_struct_oper_list.type                 'identity operation' 
_pdbx_struct_oper_list.name                 1_555 
_pdbx_struct_oper_list.symmetry_operation   x,y,z 
_pdbx_struct_oper_list.matrix[1][1]         1.0000000000 
_pdbx_struct_oper_list.matrix[1][2]         0.0000000000 
_pdbx_struct_oper_list.matrix[1][3]         0.0000000000 
_pdbx_struct_oper_list.vector[1]            0.0000000000 
_pdbx_struct_oper_list.matrix[2][1]         0.0000000000 
_pdbx_struct_oper_list.matrix[2][2]         1.0000000000 
_pdbx_struct_oper_list.matrix[2][3]         0.0000000000 
_pdbx_struct_oper_list.vector[2]            0.0000000000 
_pdbx_struct_oper_list.matrix[3][1]         0.0000000000 
_pdbx_struct_oper_list.matrix[3][2]         0.0000000000 
_pdbx_struct_oper_list.matrix[3][3]         1.0000000000 
_pdbx_struct_oper_list.vector[3]            0.0000000000 
# 
loop_
_struct_conf.conf_type_id 
_struct_conf.id 
_struct_conf.pdbx_PDB_helix_id 
_struct_conf.beg_label_comp_id 
_struct_conf.beg_label_asym_id 
_struct_conf.beg_label_seq_id 
_struct_conf.pdbx_beg_PDB_ins_code 
_struct_conf.end_label_comp_id 
_struct_conf.end_label_asym_id 
_struct_conf.end_label_seq_id 
_struct_conf.pdbx_end_PDB_ins_code 
_struct_conf.beg_auth_comp_id 
_struct_conf.beg_auth_asym_id 
_struct_conf.beg_auth_seq_id 
_struct_conf.end_auth_comp_id 
_struct_conf.end_auth_asym_id 
_struct_conf.end_auth_seq_id 
_struct_conf.pdbx_PDB_helix_class 
_struct_conf.details 
_struct_conf.pdbx_PDB_helix_length 
HELX_P HELX_P1 1 ASP A 35 ? MET A 45 ? ASP A 451 MET A 461 1 ? 11 
HELX_P HELX_P2 2 SER A 77 ? CYS A 81 ? SER A 493 CYS A 497 5 ? 5  
HELX_P HELX_P3 3 VAL A 92 ? ASP A 96 ? VAL A 508 ASP A 512 5 ? 5  
# 
_struct_conf_type.id          HELX_P 
_struct_conf_type.criteria    ? 
_struct_conf_type.reference   ? 
# 
loop_
_struct_conn.id 
_struct_conn.conn_type_id 
_struct_conn.pdbx_leaving_atom_flag 
_struct_conn.pdbx_PDB_id 
_struct_conn.ptnr1_label_asym_id 
_struct_conn.ptnr1_label_comp_id 
_struct_conn.ptnr1_label_seq_id 
_struct_conn.ptnr1_label_atom_id 
_struct_conn.pdbx_ptnr1_label_alt_id 
_struct_conn.pdbx_ptnr1_PDB_ins_code 
_struct_conn.pdbx_ptnr1_standard_comp_id 
_struct_conn.ptnr1_symmetry 
_struct_conn.ptnr2_label_asym_id 
_struct_conn.ptnr2_label_comp_id 
_struct_conn.ptnr2_label_seq_id 
_struct_conn.ptnr2_label_atom_id 
_struct_conn.pdbx_ptnr2_label_alt_id 
_struct_conn.pdbx_ptnr2_PDB_ins_code 
_struct_conn.ptnr1_auth_asym_id 
_struct_conn.ptnr1_auth_comp_id 
_struct_conn.ptnr1_auth_seq_id 
_struct_conn.ptnr2_auth_asym_id 
_struct_conn.ptnr2_auth_comp_id 
_struct_conn.ptnr2_auth_seq_id 
_struct_conn.ptnr2_symmetry 
_struct_conn.pdbx_ptnr3_label_atom_id 
_struct_conn.pdbx_ptnr3_label_seq_id 
_struct_conn.pdbx_ptnr3_label_comp_id 
_struct_conn.pdbx_ptnr3_label_asym_id 
_struct_conn.pdbx_ptnr3_label_alt_id 
_struct_conn.pdbx_ptnr3_PDB_ins_code 
_struct_conn.details 
_struct_conn.pdbx_dist_value 
_struct_conn.pdbx_value_order 
_struct_conn.pdbx_role 
disulf1  disulf ? ? A CYS 30 SG ? ? ? 1_555 A CYS 91  SG  ? ? A CYS 446 A CYS 507 1_555 ? ? ? ? ? ? ? 2.022 ? ? 
disulf2  disulf ? ? A CYS 43 SG ? ? ? 1_555 A CYS 101 SG  ? ? A CYS 459 A CYS 517 1_555 ? ? ? ? ? ? ? 2.022 ? ? 
disulf3  disulf ? ? A CYS 71 SG ? ? ? 1_555 A CYS 81  SG  ? ? A CYS 487 A CYS 497 1_555 ? ? ? ? ? ? ? 2.043 ? ? 
metalc1  metalc ? ? D HOH .  O  ? ? ? 1_555 B MG  .   MG  ? ? A HOH 7   A MG  201 1_555 ? ? ? ? ? ? ? 2.276 ? ? 
metalc2  metalc ? ? D HOH .  O  ? ? ? 1_555 C MG  .   MG  ? ? A HOH 15  A MG  202 1_555 ? ? ? ? ? ? ? 2.419 ? ? 
metalc3  metalc ? ? D HOH .  O  ? ? ? 1_555 B MG  .   MG  ? ? A HOH 16  A MG  201 1_555 ? ? ? ? ? ? ? 2.206 ? ? 
metalc4  metalc ? ? D HOH .  O  ? ? ? 1_555 B MG  .   MG  ? ? A HOH 21  A MG  201 1_555 ? ? ? ? ? ? ? 2.022 ? ? 
metalc5  metalc ? ? D HOH .  O  ? ? ? 1_555 B MG  .   MG  ? ? A HOH 24  A MG  201 1_555 ? ? ? ? ? ? ? 2.204 ? ? 
metalc6  metalc ? ? D HOH .  O  ? ? ? 1_555 B MG  .   MG  ? ? A HOH 31  A MG  201 1_555 ? ? ? ? ? ? ? 2.226 ? ? 
metalc7  metalc ? ? D HOH .  O  ? ? ? 1_555 C MG  .   MG  ? ? A HOH 53  A MG  202 1_555 ? ? ? ? ? ? ? 2.083 ? ? 
metalc8  metalc ? ? B MG  .  MG ? ? ? 1_555 A ASP 32  OD1 ? ? A MG  201 A ASP 448 1_555 ? ? ? ? ? ? ? 2.156 ? ? 
metalc9  metalc ? ? C MG  .  MG ? ? ? 1_555 A ASP 33  O   ? ? A MG  202 A ASP 449 1_555 ? ? ? ? ? ? ? 2.244 ? ? 
metalc10 metalc ? ? C MG  .  MG ? ? ? 1_555 A ASP 38  OD2 ? ? A MG  202 A ASP 454 1_555 ? ? ? ? ? ? ? 2.505 ? ? 
metalc11 metalc ? ? C MG  .  MG ? ? ? 1_555 A VAL 69  O   ? ? A MG  202 A VAL 485 1_555 ? ? ? ? ? ? ? 2.280 ? ? 
# 
loop_
_struct_conn_type.id 
_struct_conn_type.criteria 
_struct_conn_type.reference 
disulf ? ? 
metalc ? ? 
# 
loop_
_pdbx_struct_conn_angle.id 
_pdbx_struct_conn_angle.ptnr1_label_atom_id 
_pdbx_struct_conn_angle.ptnr1_label_alt_id 
_pdbx_struct_conn_angle.ptnr1_label_asym_id 
_pdbx_struct_conn_angle.ptnr1_label_comp_id 
_pdbx_struct_conn_angle.ptnr1_label_seq_id 
_pdbx_struct_conn_angle.ptnr1_auth_atom_id 
_pdbx_struct_conn_angle.ptnr1_auth_asym_id 
_pdbx_struct_conn_angle.ptnr1_auth_comp_id 
_pdbx_struct_conn_angle.ptnr1_auth_seq_id 
_pdbx_struct_conn_angle.ptnr1_PDB_ins_code 
_pdbx_struct_conn_angle.ptnr1_symmetry 
_pdbx_struct_conn_angle.ptnr2_label_atom_id 
_pdbx_struct_conn_angle.ptnr2_label_alt_id 
_pdbx_struct_conn_angle.ptnr2_label_asym_id 
_pdbx_struct_conn_angle.ptnr2_label_comp_id 
_pdbx_struct_conn_angle.ptnr2_label_seq_id 
_pdbx_struct_conn_angle.ptnr2_auth_atom_id 
_pdbx_struct_conn_angle.ptnr2_auth_asym_id 
_pdbx_struct_conn_angle.ptnr2_auth_comp_id 
_pdbx_struct_conn_angle.ptnr2_auth_seq_id 
_pdbx_struct_conn_angle.ptnr2_PDB_ins_code 
_pdbx_struct_conn_angle.ptnr2_symmetry 
_pdbx_struct_conn_angle.ptnr3_label_atom_id 
_pdbx_struct_conn_angle.ptnr3_label_alt_id 
_pdbx_struct_conn_angle.ptnr3_label_asym_id 
_pdbx_struct_conn_angle.ptnr3_label_comp_id 
_pdbx_struct_conn_angle.ptnr3_label_seq_id 
_pdbx_struct_conn_angle.ptnr3_auth_atom_id 
_pdbx_struct_conn_angle.ptnr3_auth_asym_id 
_pdbx_struct_conn_angle.ptnr3_auth_comp_id 
_pdbx_struct_conn_angle.ptnr3_auth_seq_id 
_pdbx_struct_conn_angle.ptnr3_PDB_ins_code 
_pdbx_struct_conn_angle.ptnr3_symmetry 
_pdbx_struct_conn_angle.value 
_pdbx_struct_conn_angle.value_esd 
1  O   ? D HOH .  ? A HOH 7   ? 1_555 MG ? B MG . ? A MG 201 ? 1_555 O   ? D HOH .  ? A HOH 16  ? 1_555 93.0  ? 
2  O   ? D HOH .  ? A HOH 7   ? 1_555 MG ? B MG . ? A MG 201 ? 1_555 O   ? D HOH .  ? A HOH 21  ? 1_555 93.2  ? 
3  O   ? D HOH .  ? A HOH 16  ? 1_555 MG ? B MG . ? A MG 201 ? 1_555 O   ? D HOH .  ? A HOH 21  ? 1_555 98.9  ? 
4  O   ? D HOH .  ? A HOH 7   ? 1_555 MG ? B MG . ? A MG 201 ? 1_555 O   ? D HOH .  ? A HOH 24  ? 1_555 90.5  ? 
5  O   ? D HOH .  ? A HOH 16  ? 1_555 MG ? B MG . ? A MG 201 ? 1_555 O   ? D HOH .  ? A HOH 24  ? 1_555 79.4  ? 
6  O   ? D HOH .  ? A HOH 21  ? 1_555 MG ? B MG . ? A MG 201 ? 1_555 O   ? D HOH .  ? A HOH 24  ? 1_555 176.0 ? 
7  O   ? D HOH .  ? A HOH 7   ? 1_555 MG ? B MG . ? A MG 201 ? 1_555 O   ? D HOH .  ? A HOH 31  ? 1_555 91.2  ? 
8  O   ? D HOH .  ? A HOH 16  ? 1_555 MG ? B MG . ? A MG 201 ? 1_555 O   ? D HOH .  ? A HOH 31  ? 1_555 172.4 ? 
9  O   ? D HOH .  ? A HOH 21  ? 1_555 MG ? B MG . ? A MG 201 ? 1_555 O   ? D HOH .  ? A HOH 31  ? 1_555 87.2  ? 
10 O   ? D HOH .  ? A HOH 24  ? 1_555 MG ? B MG . ? A MG 201 ? 1_555 O   ? D HOH .  ? A HOH 31  ? 1_555 94.2  ? 
11 O   ? D HOH .  ? A HOH 7   ? 1_555 MG ? B MG . ? A MG 201 ? 1_555 OD1 ? A ASP 32 ? A ASP 448 ? 1_555 179.5 ? 
12 O   ? D HOH .  ? A HOH 16  ? 1_555 MG ? B MG . ? A MG 201 ? 1_555 OD1 ? A ASP 32 ? A ASP 448 ? 1_555 86.8  ? 
13 O   ? D HOH .  ? A HOH 21  ? 1_555 MG ? B MG . ? A MG 201 ? 1_555 OD1 ? A ASP 32 ? A ASP 448 ? 1_555 87.2  ? 
14 O   ? D HOH .  ? A HOH 24  ? 1_555 MG ? B MG . ? A MG 201 ? 1_555 OD1 ? A ASP 32 ? A ASP 448 ? 1_555 89.1  ? 
15 O   ? D HOH .  ? A HOH 31  ? 1_555 MG ? B MG . ? A MG 201 ? 1_555 OD1 ? A ASP 32 ? A ASP 448 ? 1_555 88.9  ? 
16 O   ? D HOH .  ? A HOH 15  ? 1_555 MG ? C MG . ? A MG 202 ? 1_555 O   ? D HOH .  ? A HOH 53  ? 1_555 95.8  ? 
17 O   ? D HOH .  ? A HOH 15  ? 1_555 MG ? C MG . ? A MG 202 ? 1_555 O   ? A ASP 33 ? A ASP 449 ? 1_555 145.0 ? 
18 O   ? D HOH .  ? A HOH 53  ? 1_555 MG ? C MG . ? A MG 202 ? 1_555 O   ? A ASP 33 ? A ASP 449 ? 1_555 98.1  ? 
19 O   ? D HOH .  ? A HOH 15  ? 1_555 MG ? C MG . ? A MG 202 ? 1_555 OD2 ? A ASP 38 ? A ASP 454 ? 1_555 85.9  ? 
20 O   ? D HOH .  ? A HOH 53  ? 1_555 MG ? C MG . ? A MG 202 ? 1_555 OD2 ? A ASP 38 ? A ASP 454 ? 1_555 167.9 ? 
21 O   ? A ASP 33 ? A ASP 449 ? 1_555 MG ? C MG . ? A MG 202 ? 1_555 OD2 ? A ASP 38 ? A ASP 454 ? 1_555 87.1  ? 
22 O   ? D HOH .  ? A HOH 15  ? 1_555 MG ? C MG . ? A MG 202 ? 1_555 O   ? A VAL 69 ? A VAL 485 ? 1_555 108.4 ? 
23 O   ? D HOH .  ? A HOH 53  ? 1_555 MG ? C MG . ? A MG 202 ? 1_555 O   ? A VAL 69 ? A VAL 485 ? 1_555 85.2  ? 
24 O   ? A ASP 33 ? A ASP 449 ? 1_555 MG ? C MG . ? A MG 202 ? 1_555 O   ? A VAL 69 ? A VAL 485 ? 1_555 104.7 ? 
25 OD2 ? A ASP 38 ? A ASP 454 ? 1_555 MG ? C MG . ? A MG 202 ? 1_555 O   ? A VAL 69 ? A VAL 485 ? 1_555 82.9  ? 
# 
loop_
_pdbx_modification_feature.ordinal 
_pdbx_modification_feature.label_comp_id 
_pdbx_modification_feature.label_asym_id 
_pdbx_modification_feature.label_seq_id 
_pdbx_modification_feature.label_alt_id 
_pdbx_modification_feature.modified_residue_label_comp_id 
_pdbx_modification_feature.modified_residue_label_asym_id 
_pdbx_modification_feature.modified_residue_label_seq_id 
_pdbx_modification_feature.modified_residue_label_alt_id 
_pdbx_modification_feature.auth_comp_id 
_pdbx_modification_feature.auth_asym_id 
_pdbx_modification_feature.auth_seq_id 
_pdbx_modification_feature.PDB_ins_code 
_pdbx_modification_feature.symmetry 
_pdbx_modification_feature.modified_residue_auth_comp_id 
_pdbx_modification_feature.modified_residue_auth_asym_id 
_pdbx_modification_feature.modified_residue_auth_seq_id 
_pdbx_modification_feature.modified_residue_PDB_ins_code 
_pdbx_modification_feature.modified_residue_symmetry 
_pdbx_modification_feature.comp_id_linking_atom 
_pdbx_modification_feature.modified_residue_id_linking_atom 
_pdbx_modification_feature.modified_residue_id 
_pdbx_modification_feature.ref_pcm_id 
_pdbx_modification_feature.ref_comp_id 
_pdbx_modification_feature.type 
_pdbx_modification_feature.category 
1 CYS A 30 ? CYS A 91  ? CYS A 446 ? 1_555 CYS A 507 ? 1_555 SG SG . . . None 'Disulfide bridge' 
2 CYS A 43 ? CYS A 101 ? CYS A 459 ? 1_555 CYS A 517 ? 1_555 SG SG . . . None 'Disulfide bridge' 
3 CYS A 71 ? CYS A 81  ? CYS A 487 ? 1_555 CYS A 497 ? 1_555 SG SG . . . None 'Disulfide bridge' 
# 
loop_
_struct_sheet.id 
_struct_sheet.type 
_struct_sheet.number_strands 
_struct_sheet.details 
A ? 4 ? 
B ? 4 ? 
# 
loop_
_struct_sheet_order.sheet_id 
_struct_sheet_order.range_id_1 
_struct_sheet_order.range_id_2 
_struct_sheet_order.offset 
_struct_sheet_order.sense 
A 1 2 ? anti-parallel 
A 2 3 ? anti-parallel 
A 3 4 ? anti-parallel 
B 1 2 ? anti-parallel 
B 2 3 ? anti-parallel 
B 3 4 ? parallel      
# 
loop_
_struct_sheet_range.sheet_id 
_struct_sheet_range.id 
_struct_sheet_range.beg_label_comp_id 
_struct_sheet_range.beg_label_asym_id 
_struct_sheet_range.beg_label_seq_id 
_struct_sheet_range.pdbx_beg_PDB_ins_code 
_struct_sheet_range.end_label_comp_id 
_struct_sheet_range.end_label_asym_id 
_struct_sheet_range.end_label_seq_id 
_struct_sheet_range.pdbx_end_PDB_ins_code 
_struct_sheet_range.beg_auth_comp_id 
_struct_sheet_range.beg_auth_asym_id 
_struct_sheet_range.beg_auth_seq_id 
_struct_sheet_range.end_auth_comp_id 
_struct_sheet_range.end_auth_asym_id 
_struct_sheet_range.end_auth_seq_id 
A 1 VAL A 7  ? GLY A 11  ? VAL A 423 GLY A 427 
A 2 ARG A 15 ? TYR A 22  ? ARG A 431 TYR A 438 
A 3 GLY A 98 ? SER A 102 ? GLY A 514 SER A 518 
A 4 ARG A 50 ? LEU A 54  ? ARG A 466 LEU A 470 
B 1 VAL A 7  ? GLY A 11  ? VAL A 423 GLY A 427 
B 2 ARG A 15 ? TYR A 22  ? ARG A 431 TYR A 438 
B 3 GLU A 25 ? ILE A 29  ? GLU A 441 ILE A 445 
B 4 ILE A 64 ? LEU A 66  ? ILE A 480 LEU A 482 
# 
loop_
_pdbx_struct_sheet_hbond.sheet_id 
_pdbx_struct_sheet_hbond.range_id_1 
_pdbx_struct_sheet_hbond.range_id_2 
_pdbx_struct_sheet_hbond.range_1_label_atom_id 
_pdbx_struct_sheet_hbond.range_1_label_comp_id 
_pdbx_struct_sheet_hbond.range_1_label_asym_id 
_pdbx_struct_sheet_hbond.range_1_label_seq_id 
_pdbx_struct_sheet_hbond.range_1_PDB_ins_code 
_pdbx_struct_sheet_hbond.range_1_auth_atom_id 
_pdbx_struct_sheet_hbond.range_1_auth_comp_id 
_pdbx_struct_sheet_hbond.range_1_auth_asym_id 
_pdbx_struct_sheet_hbond.range_1_auth_seq_id 
_pdbx_struct_sheet_hbond.range_2_label_atom_id 
_pdbx_struct_sheet_hbond.range_2_label_comp_id 
_pdbx_struct_sheet_hbond.range_2_label_asym_id 
_pdbx_struct_sheet_hbond.range_2_label_seq_id 
_pdbx_struct_sheet_hbond.range_2_PDB_ins_code 
_pdbx_struct_sheet_hbond.range_2_auth_atom_id 
_pdbx_struct_sheet_hbond.range_2_auth_comp_id 
_pdbx_struct_sheet_hbond.range_2_auth_asym_id 
_pdbx_struct_sheet_hbond.range_2_auth_seq_id 
A 1 2 N MET A 10 ? N MET A 426 O ARG A 17 ? O ARG A 433 
A 2 3 N GLY A 16 ? N GLY A 432 O VAL A 99 ? O VAL A 515 
A 3 4 O GLY A 98 ? O GLY A 514 N LEU A 54 ? N LEU A 470 
B 1 2 N MET A 10 ? N MET A 426 O ARG A 17 ? O ARG A 433 
B 2 3 N VAL A 20 ? N VAL A 436 O GLY A 27 ? O GLY A 443 
B 3 4 N THR A 28 ? N THR A 444 O TRP A 65 ? O TRP A 481 
# 
loop_
_struct_site.id 
_struct_site.pdbx_evidence_code 
_struct_site.pdbx_auth_asym_id 
_struct_site.pdbx_auth_comp_id 
_struct_site.pdbx_auth_seq_id 
_struct_site.pdbx_auth_ins_code 
_struct_site.pdbx_num_residues 
_struct_site.details 
AC1 Software A MG 201 ? 6 'BINDING SITE FOR RESIDUE MG A 201' 
AC2 Software A MG 202 ? 6 'BINDING SITE FOR RESIDUE MG A 202' 
# 
loop_
_struct_site_gen.id 
_struct_site_gen.site_id 
_struct_site_gen.pdbx_num_res 
_struct_site_gen.label_comp_id 
_struct_site_gen.label_asym_id 
_struct_site_gen.label_seq_id 
_struct_site_gen.pdbx_auth_ins_code 
_struct_site_gen.auth_comp_id 
_struct_site_gen.auth_asym_id 
_struct_site_gen.auth_seq_id 
_struct_site_gen.label_atom_id 
_struct_site_gen.label_alt_id 
_struct_site_gen.symmetry 
_struct_site_gen.details 
1  AC1 6 HOH D .  ? HOH A 7   . ? 1_555 ? 
2  AC1 6 HOH D .  ? HOH A 16  . ? 1_555 ? 
3  AC1 6 HOH D .  ? HOH A 21  . ? 1_555 ? 
4  AC1 6 HOH D .  ? HOH A 24  . ? 1_555 ? 
5  AC1 6 HOH D .  ? HOH A 31  . ? 1_555 ? 
6  AC1 6 ASP A 32 ? ASP A 448 . ? 1_555 ? 
7  AC2 6 HOH D .  ? HOH A 15  . ? 1_555 ? 
8  AC2 6 HOH D .  ? HOH A 53  . ? 1_555 ? 
9  AC2 6 ASP A 33 ? ASP A 449 . ? 1_555 ? 
10 AC2 6 ASP A 35 ? ASP A 451 . ? 1_555 ? 
11 AC2 6 ASP A 38 ? ASP A 454 . ? 1_555 ? 
12 AC2 6 VAL A 69 ? VAL A 485 . ? 1_555 ? 
# 
_pdbx_entry_details.entry_id                   2OY3 
_pdbx_entry_details.compound_details           ? 
_pdbx_entry_details.source_details             ? 
_pdbx_entry_details.nonpolymer_details         ? 
_pdbx_entry_details.sequence_details           ? 
_pdbx_entry_details.has_ligand_of_interest     ? 
_pdbx_entry_details.has_protein_modification   Y 
# 
loop_
_pdbx_validate_torsion.id 
_pdbx_validate_torsion.PDB_model_num 
_pdbx_validate_torsion.auth_comp_id 
_pdbx_validate_torsion.auth_asym_id 
_pdbx_validate_torsion.auth_seq_id 
_pdbx_validate_torsion.PDB_ins_code 
_pdbx_validate_torsion.label_alt_id 
_pdbx_validate_torsion.phi 
_pdbx_validate_torsion.psi 
1 1 THR A 429 ? ? -87.64 -71.98 
2 1 ASP A 448 ? ? -55.19 109.11 
# 
loop_
_pdbx_unobs_or_zero_occ_residues.id 
_pdbx_unobs_or_zero_occ_residues.PDB_model_num 
_pdbx_unobs_or_zero_occ_residues.polymer_flag 
_pdbx_unobs_or_zero_occ_residues.occupancy_flag 
_pdbx_unobs_or_zero_occ_residues.auth_asym_id 
_pdbx_unobs_or_zero_occ_residues.auth_comp_id 
_pdbx_unobs_or_zero_occ_residues.auth_seq_id 
_pdbx_unobs_or_zero_occ_residues.PDB_ins_code 
_pdbx_unobs_or_zero_occ_residues.label_asym_id 
_pdbx_unobs_or_zero_occ_residues.label_comp_id 
_pdbx_unobs_or_zero_occ_residues.label_seq_id 
1 1 Y 1 A ALA 417 ? A ALA 1 
2 1 Y 1 A PRO 418 ? A PRO 2 
3 1 Y 1 A LEU 419 ? A LEU 3 
4 1 Y 1 A ALA 420 ? A ALA 4 
# 
loop_
_chem_comp_atom.comp_id 
_chem_comp_atom.atom_id 
_chem_comp_atom.type_symbol 
_chem_comp_atom.pdbx_aromatic_flag 
_chem_comp_atom.pdbx_stereo_config 
_chem_comp_atom.pdbx_ordinal 
ALA N    N  N N 1   
ALA CA   C  N S 2   
ALA C    C  N N 3   
ALA O    O  N N 4   
ALA CB   C  N N 5   
ALA OXT  O  N N 6   
ALA H    H  N N 7   
ALA H2   H  N N 8   
ALA HA   H  N N 9   
ALA HB1  H  N N 10  
ALA HB2  H  N N 11  
ALA HB3  H  N N 12  
ALA HXT  H  N N 13  
ARG N    N  N N 14  
ARG CA   C  N S 15  
ARG C    C  N N 16  
ARG O    O  N N 17  
ARG CB   C  N N 18  
ARG CG   C  N N 19  
ARG CD   C  N N 20  
ARG NE   N  N N 21  
ARG CZ   C  N N 22  
ARG NH1  N  N N 23  
ARG NH2  N  N N 24  
ARG OXT  O  N N 25  
ARG H    H  N N 26  
ARG H2   H  N N 27  
ARG HA   H  N N 28  
ARG HB2  H  N N 29  
ARG HB3  H  N N 30  
ARG HG2  H  N N 31  
ARG HG3  H  N N 32  
ARG HD2  H  N N 33  
ARG HD3  H  N N 34  
ARG HE   H  N N 35  
ARG HH11 H  N N 36  
ARG HH12 H  N N 37  
ARG HH21 H  N N 38  
ARG HH22 H  N N 39  
ARG HXT  H  N N 40  
ASN N    N  N N 41  
ASN CA   C  N S 42  
ASN C    C  N N 43  
ASN O    O  N N 44  
ASN CB   C  N N 45  
ASN CG   C  N N 46  
ASN OD1  O  N N 47  
ASN ND2  N  N N 48  
ASN OXT  O  N N 49  
ASN H    H  N N 50  
ASN H2   H  N N 51  
ASN HA   H  N N 52  
ASN HB2  H  N N 53  
ASN HB3  H  N N 54  
ASN HD21 H  N N 55  
ASN HD22 H  N N 56  
ASN HXT  H  N N 57  
ASP N    N  N N 58  
ASP CA   C  N S 59  
ASP C    C  N N 60  
ASP O    O  N N 61  
ASP CB   C  N N 62  
ASP CG   C  N N 63  
ASP OD1  O  N N 64  
ASP OD2  O  N N 65  
ASP OXT  O  N N 66  
ASP H    H  N N 67  
ASP H2   H  N N 68  
ASP HA   H  N N 69  
ASP HB2  H  N N 70  
ASP HB3  H  N N 71  
ASP HD2  H  N N 72  
ASP HXT  H  N N 73  
CYS N    N  N N 74  
CYS CA   C  N R 75  
CYS C    C  N N 76  
CYS O    O  N N 77  
CYS CB   C  N N 78  
CYS SG   S  N N 79  
CYS OXT  O  N N 80  
CYS H    H  N N 81  
CYS H2   H  N N 82  
CYS HA   H  N N 83  
CYS HB2  H  N N 84  
CYS HB3  H  N N 85  
CYS HG   H  N N 86  
CYS HXT  H  N N 87  
GLN N    N  N N 88  
GLN CA   C  N S 89  
GLN C    C  N N 90  
GLN O    O  N N 91  
GLN CB   C  N N 92  
GLN CG   C  N N 93  
GLN CD   C  N N 94  
GLN OE1  O  N N 95  
GLN NE2  N  N N 96  
GLN OXT  O  N N 97  
GLN H    H  N N 98  
GLN H2   H  N N 99  
GLN HA   H  N N 100 
GLN HB2  H  N N 101 
GLN HB3  H  N N 102 
GLN HG2  H  N N 103 
GLN HG3  H  N N 104 
GLN HE21 H  N N 105 
GLN HE22 H  N N 106 
GLN HXT  H  N N 107 
GLU N    N  N N 108 
GLU CA   C  N S 109 
GLU C    C  N N 110 
GLU O    O  N N 111 
GLU CB   C  N N 112 
GLU CG   C  N N 113 
GLU CD   C  N N 114 
GLU OE1  O  N N 115 
GLU OE2  O  N N 116 
GLU OXT  O  N N 117 
GLU H    H  N N 118 
GLU H2   H  N N 119 
GLU HA   H  N N 120 
GLU HB2  H  N N 121 
GLU HB3  H  N N 122 
GLU HG2  H  N N 123 
GLU HG3  H  N N 124 
GLU HE2  H  N N 125 
GLU HXT  H  N N 126 
GLY N    N  N N 127 
GLY CA   C  N N 128 
GLY C    C  N N 129 
GLY O    O  N N 130 
GLY OXT  O  N N 131 
GLY H    H  N N 132 
GLY H2   H  N N 133 
GLY HA2  H  N N 134 
GLY HA3  H  N N 135 
GLY HXT  H  N N 136 
HIS N    N  N N 137 
HIS CA   C  N S 138 
HIS C    C  N N 139 
HIS O    O  N N 140 
HIS CB   C  N N 141 
HIS CG   C  Y N 142 
HIS ND1  N  Y N 143 
HIS CD2  C  Y N 144 
HIS CE1  C  Y N 145 
HIS NE2  N  Y N 146 
HIS OXT  O  N N 147 
HIS H    H  N N 148 
HIS H2   H  N N 149 
HIS HA   H  N N 150 
HIS HB2  H  N N 151 
HIS HB3  H  N N 152 
HIS HD1  H  N N 153 
HIS HD2  H  N N 154 
HIS HE1  H  N N 155 
HIS HE2  H  N N 156 
HIS HXT  H  N N 157 
HOH O    O  N N 158 
HOH H1   H  N N 159 
HOH H2   H  N N 160 
ILE N    N  N N 161 
ILE CA   C  N S 162 
ILE C    C  N N 163 
ILE O    O  N N 164 
ILE CB   C  N S 165 
ILE CG1  C  N N 166 
ILE CG2  C  N N 167 
ILE CD1  C  N N 168 
ILE OXT  O  N N 169 
ILE H    H  N N 170 
ILE H2   H  N N 171 
ILE HA   H  N N 172 
ILE HB   H  N N 173 
ILE HG12 H  N N 174 
ILE HG13 H  N N 175 
ILE HG21 H  N N 176 
ILE HG22 H  N N 177 
ILE HG23 H  N N 178 
ILE HD11 H  N N 179 
ILE HD12 H  N N 180 
ILE HD13 H  N N 181 
ILE HXT  H  N N 182 
LEU N    N  N N 183 
LEU CA   C  N S 184 
LEU C    C  N N 185 
LEU O    O  N N 186 
LEU CB   C  N N 187 
LEU CG   C  N N 188 
LEU CD1  C  N N 189 
LEU CD2  C  N N 190 
LEU OXT  O  N N 191 
LEU H    H  N N 192 
LEU H2   H  N N 193 
LEU HA   H  N N 194 
LEU HB2  H  N N 195 
LEU HB3  H  N N 196 
LEU HG   H  N N 197 
LEU HD11 H  N N 198 
LEU HD12 H  N N 199 
LEU HD13 H  N N 200 
LEU HD21 H  N N 201 
LEU HD22 H  N N 202 
LEU HD23 H  N N 203 
LEU HXT  H  N N 204 
LYS N    N  N N 205 
LYS CA   C  N S 206 
LYS C    C  N N 207 
LYS O    O  N N 208 
LYS CB   C  N N 209 
LYS CG   C  N N 210 
LYS CD   C  N N 211 
LYS CE   C  N N 212 
LYS NZ   N  N N 213 
LYS OXT  O  N N 214 
LYS H    H  N N 215 
LYS H2   H  N N 216 
LYS HA   H  N N 217 
LYS HB2  H  N N 218 
LYS HB3  H  N N 219 
LYS HG2  H  N N 220 
LYS HG3  H  N N 221 
LYS HD2  H  N N 222 
LYS HD3  H  N N 223 
LYS HE2  H  N N 224 
LYS HE3  H  N N 225 
LYS HZ1  H  N N 226 
LYS HZ2  H  N N 227 
LYS HZ3  H  N N 228 
LYS HXT  H  N N 229 
MET N    N  N N 230 
MET CA   C  N S 231 
MET C    C  N N 232 
MET O    O  N N 233 
MET CB   C  N N 234 
MET CG   C  N N 235 
MET SD   S  N N 236 
MET CE   C  N N 237 
MET OXT  O  N N 238 
MET H    H  N N 239 
MET H2   H  N N 240 
MET HA   H  N N 241 
MET HB2  H  N N 242 
MET HB3  H  N N 243 
MET HG2  H  N N 244 
MET HG3  H  N N 245 
MET HE1  H  N N 246 
MET HE2  H  N N 247 
MET HE3  H  N N 248 
MET HXT  H  N N 249 
MG  MG   MG N N 250 
PHE N    N  N N 251 
PHE CA   C  N S 252 
PHE C    C  N N 253 
PHE O    O  N N 254 
PHE CB   C  N N 255 
PHE CG   C  Y N 256 
PHE CD1  C  Y N 257 
PHE CD2  C  Y N 258 
PHE CE1  C  Y N 259 
PHE CE2  C  Y N 260 
PHE CZ   C  Y N 261 
PHE OXT  O  N N 262 
PHE H    H  N N 263 
PHE H2   H  N N 264 
PHE HA   H  N N 265 
PHE HB2  H  N N 266 
PHE HB3  H  N N 267 
PHE HD1  H  N N 268 
PHE HD2  H  N N 269 
PHE HE1  H  N N 270 
PHE HE2  H  N N 271 
PHE HZ   H  N N 272 
PHE HXT  H  N N 273 
PRO N    N  N N 274 
PRO CA   C  N S 275 
PRO C    C  N N 276 
PRO O    O  N N 277 
PRO CB   C  N N 278 
PRO CG   C  N N 279 
PRO CD   C  N N 280 
PRO OXT  O  N N 281 
PRO H    H  N N 282 
PRO HA   H  N N 283 
PRO HB2  H  N N 284 
PRO HB3  H  N N 285 
PRO HG2  H  N N 286 
PRO HG3  H  N N 287 
PRO HD2  H  N N 288 
PRO HD3  H  N N 289 
PRO HXT  H  N N 290 
SER N    N  N N 291 
SER CA   C  N S 292 
SER C    C  N N 293 
SER O    O  N N 294 
SER CB   C  N N 295 
SER OG   O  N N 296 
SER OXT  O  N N 297 
SER H    H  N N 298 
SER H2   H  N N 299 
SER HA   H  N N 300 
SER HB2  H  N N 301 
SER HB3  H  N N 302 
SER HG   H  N N 303 
SER HXT  H  N N 304 
THR N    N  N N 305 
THR CA   C  N S 306 
THR C    C  N N 307 
THR O    O  N N 308 
THR CB   C  N R 309 
THR OG1  O  N N 310 
THR CG2  C  N N 311 
THR OXT  O  N N 312 
THR H    H  N N 313 
THR H2   H  N N 314 
THR HA   H  N N 315 
THR HB   H  N N 316 
THR HG1  H  N N 317 
THR HG21 H  N N 318 
THR HG22 H  N N 319 
THR HG23 H  N N 320 
THR HXT  H  N N 321 
TRP N    N  N N 322 
TRP CA   C  N S 323 
TRP C    C  N N 324 
TRP O    O  N N 325 
TRP CB   C  N N 326 
TRP CG   C  Y N 327 
TRP CD1  C  Y N 328 
TRP CD2  C  Y N 329 
TRP NE1  N  Y N 330 
TRP CE2  C  Y N 331 
TRP CE3  C  Y N 332 
TRP CZ2  C  Y N 333 
TRP CZ3  C  Y N 334 
TRP CH2  C  Y N 335 
TRP OXT  O  N N 336 
TRP H    H  N N 337 
TRP H2   H  N N 338 
TRP HA   H  N N 339 
TRP HB2  H  N N 340 
TRP HB3  H  N N 341 
TRP HD1  H  N N 342 
TRP HE1  H  N N 343 
TRP HE3  H  N N 344 
TRP HZ2  H  N N 345 
TRP HZ3  H  N N 346 
TRP HH2  H  N N 347 
TRP HXT  H  N N 348 
TYR N    N  N N 349 
TYR CA   C  N S 350 
TYR C    C  N N 351 
TYR O    O  N N 352 
TYR CB   C  N N 353 
TYR CG   C  Y N 354 
TYR CD1  C  Y N 355 
TYR CD2  C  Y N 356 
TYR CE1  C  Y N 357 
TYR CE2  C  Y N 358 
TYR CZ   C  Y N 359 
TYR OH   O  N N 360 
TYR OXT  O  N N 361 
TYR H    H  N N 362 
TYR H2   H  N N 363 
TYR HA   H  N N 364 
TYR HB2  H  N N 365 
TYR HB3  H  N N 366 
TYR HD1  H  N N 367 
TYR HD2  H  N N 368 
TYR HE1  H  N N 369 
TYR HE2  H  N N 370 
TYR HH   H  N N 371 
TYR HXT  H  N N 372 
VAL N    N  N N 373 
VAL CA   C  N S 374 
VAL C    C  N N 375 
VAL O    O  N N 376 
VAL CB   C  N N 377 
VAL CG1  C  N N 378 
VAL CG2  C  N N 379 
VAL OXT  O  N N 380 
VAL H    H  N N 381 
VAL H2   H  N N 382 
VAL HA   H  N N 383 
VAL HB   H  N N 384 
VAL HG11 H  N N 385 
VAL HG12 H  N N 386 
VAL HG13 H  N N 387 
VAL HG21 H  N N 388 
VAL HG22 H  N N 389 
VAL HG23 H  N N 390 
VAL HXT  H  N N 391 
# 
loop_
_chem_comp_bond.comp_id 
_chem_comp_bond.atom_id_1 
_chem_comp_bond.atom_id_2 
_chem_comp_bond.value_order 
_chem_comp_bond.pdbx_aromatic_flag 
_chem_comp_bond.pdbx_stereo_config 
_chem_comp_bond.pdbx_ordinal 
ALA N   CA   sing N N 1   
ALA N   H    sing N N 2   
ALA N   H2   sing N N 3   
ALA CA  C    sing N N 4   
ALA CA  CB   sing N N 5   
ALA CA  HA   sing N N 6   
ALA C   O    doub N N 7   
ALA C   OXT  sing N N 8   
ALA CB  HB1  sing N N 9   
ALA CB  HB2  sing N N 10  
ALA CB  HB3  sing N N 11  
ALA OXT HXT  sing N N 12  
ARG N   CA   sing N N 13  
ARG N   H    sing N N 14  
ARG N   H2   sing N N 15  
ARG CA  C    sing N N 16  
ARG CA  CB   sing N N 17  
ARG CA  HA   sing N N 18  
ARG C   O    doub N N 19  
ARG C   OXT  sing N N 20  
ARG CB  CG   sing N N 21  
ARG CB  HB2  sing N N 22  
ARG CB  HB3  sing N N 23  
ARG CG  CD   sing N N 24  
ARG CG  HG2  sing N N 25  
ARG CG  HG3  sing N N 26  
ARG CD  NE   sing N N 27  
ARG CD  HD2  sing N N 28  
ARG CD  HD3  sing N N 29  
ARG NE  CZ   sing N N 30  
ARG NE  HE   sing N N 31  
ARG CZ  NH1  sing N N 32  
ARG CZ  NH2  doub N N 33  
ARG NH1 HH11 sing N N 34  
ARG NH1 HH12 sing N N 35  
ARG NH2 HH21 sing N N 36  
ARG NH2 HH22 sing N N 37  
ARG OXT HXT  sing N N 38  
ASN N   CA   sing N N 39  
ASN N   H    sing N N 40  
ASN N   H2   sing N N 41  
ASN CA  C    sing N N 42  
ASN CA  CB   sing N N 43  
ASN CA  HA   sing N N 44  
ASN C   O    doub N N 45  
ASN C   OXT  sing N N 46  
ASN CB  CG   sing N N 47  
ASN CB  HB2  sing N N 48  
ASN CB  HB3  sing N N 49  
ASN CG  OD1  doub N N 50  
ASN CG  ND2  sing N N 51  
ASN ND2 HD21 sing N N 52  
ASN ND2 HD22 sing N N 53  
ASN OXT HXT  sing N N 54  
ASP N   CA   sing N N 55  
ASP N   H    sing N N 56  
ASP N   H2   sing N N 57  
ASP CA  C    sing N N 58  
ASP CA  CB   sing N N 59  
ASP CA  HA   sing N N 60  
ASP C   O    doub N N 61  
ASP C   OXT  sing N N 62  
ASP CB  CG   sing N N 63  
ASP CB  HB2  sing N N 64  
ASP CB  HB3  sing N N 65  
ASP CG  OD1  doub N N 66  
ASP CG  OD2  sing N N 67  
ASP OD2 HD2  sing N N 68  
ASP OXT HXT  sing N N 69  
CYS N   CA   sing N N 70  
CYS N   H    sing N N 71  
CYS N   H2   sing N N 72  
CYS CA  C    sing N N 73  
CYS CA  CB   sing N N 74  
CYS CA  HA   sing N N 75  
CYS C   O    doub N N 76  
CYS C   OXT  sing N N 77  
CYS CB  SG   sing N N 78  
CYS CB  HB2  sing N N 79  
CYS CB  HB3  sing N N 80  
CYS SG  HG   sing N N 81  
CYS OXT HXT  sing N N 82  
GLN N   CA   sing N N 83  
GLN N   H    sing N N 84  
GLN N   H2   sing N N 85  
GLN CA  C    sing N N 86  
GLN CA  CB   sing N N 87  
GLN CA  HA   sing N N 88  
GLN C   O    doub N N 89  
GLN C   OXT  sing N N 90  
GLN CB  CG   sing N N 91  
GLN CB  HB2  sing N N 92  
GLN CB  HB3  sing N N 93  
GLN CG  CD   sing N N 94  
GLN CG  HG2  sing N N 95  
GLN CG  HG3  sing N N 96  
GLN CD  OE1  doub N N 97  
GLN CD  NE2  sing N N 98  
GLN NE2 HE21 sing N N 99  
GLN NE2 HE22 sing N N 100 
GLN OXT HXT  sing N N 101 
GLU N   CA   sing N N 102 
GLU N   H    sing N N 103 
GLU N   H2   sing N N 104 
GLU CA  C    sing N N 105 
GLU CA  CB   sing N N 106 
GLU CA  HA   sing N N 107 
GLU C   O    doub N N 108 
GLU C   OXT  sing N N 109 
GLU CB  CG   sing N N 110 
GLU CB  HB2  sing N N 111 
GLU CB  HB3  sing N N 112 
GLU CG  CD   sing N N 113 
GLU CG  HG2  sing N N 114 
GLU CG  HG3  sing N N 115 
GLU CD  OE1  doub N N 116 
GLU CD  OE2  sing N N 117 
GLU OE2 HE2  sing N N 118 
GLU OXT HXT  sing N N 119 
GLY N   CA   sing N N 120 
GLY N   H    sing N N 121 
GLY N   H2   sing N N 122 
GLY CA  C    sing N N 123 
GLY CA  HA2  sing N N 124 
GLY CA  HA3  sing N N 125 
GLY C   O    doub N N 126 
GLY C   OXT  sing N N 127 
GLY OXT HXT  sing N N 128 
HIS N   CA   sing N N 129 
HIS N   H    sing N N 130 
HIS N   H2   sing N N 131 
HIS CA  C    sing N N 132 
HIS CA  CB   sing N N 133 
HIS CA  HA   sing N N 134 
HIS C   O    doub N N 135 
HIS C   OXT  sing N N 136 
HIS CB  CG   sing N N 137 
HIS CB  HB2  sing N N 138 
HIS CB  HB3  sing N N 139 
HIS CG  ND1  sing Y N 140 
HIS CG  CD2  doub Y N 141 
HIS ND1 CE1  doub Y N 142 
HIS ND1 HD1  sing N N 143 
HIS CD2 NE2  sing Y N 144 
HIS CD2 HD2  sing N N 145 
HIS CE1 NE2  sing Y N 146 
HIS CE1 HE1  sing N N 147 
HIS NE2 HE2  sing N N 148 
HIS OXT HXT  sing N N 149 
HOH O   H1   sing N N 150 
HOH O   H2   sing N N 151 
ILE N   CA   sing N N 152 
ILE N   H    sing N N 153 
ILE N   H2   sing N N 154 
ILE CA  C    sing N N 155 
ILE CA  CB   sing N N 156 
ILE CA  HA   sing N N 157 
ILE C   O    doub N N 158 
ILE C   OXT  sing N N 159 
ILE CB  CG1  sing N N 160 
ILE CB  CG2  sing N N 161 
ILE CB  HB   sing N N 162 
ILE CG1 CD1  sing N N 163 
ILE CG1 HG12 sing N N 164 
ILE CG1 HG13 sing N N 165 
ILE CG2 HG21 sing N N 166 
ILE CG2 HG22 sing N N 167 
ILE CG2 HG23 sing N N 168 
ILE CD1 HD11 sing N N 169 
ILE CD1 HD12 sing N N 170 
ILE CD1 HD13 sing N N 171 
ILE OXT HXT  sing N N 172 
LEU N   CA   sing N N 173 
LEU N   H    sing N N 174 
LEU N   H2   sing N N 175 
LEU CA  C    sing N N 176 
LEU CA  CB   sing N N 177 
LEU CA  HA   sing N N 178 
LEU C   O    doub N N 179 
LEU C   OXT  sing N N 180 
LEU CB  CG   sing N N 181 
LEU CB  HB2  sing N N 182 
LEU CB  HB3  sing N N 183 
LEU CG  CD1  sing N N 184 
LEU CG  CD2  sing N N 185 
LEU CG  HG   sing N N 186 
LEU CD1 HD11 sing N N 187 
LEU CD1 HD12 sing N N 188 
LEU CD1 HD13 sing N N 189 
LEU CD2 HD21 sing N N 190 
LEU CD2 HD22 sing N N 191 
LEU CD2 HD23 sing N N 192 
LEU OXT HXT  sing N N 193 
LYS N   CA   sing N N 194 
LYS N   H    sing N N 195 
LYS N   H2   sing N N 196 
LYS CA  C    sing N N 197 
LYS CA  CB   sing N N 198 
LYS CA  HA   sing N N 199 
LYS C   O    doub N N 200 
LYS C   OXT  sing N N 201 
LYS CB  CG   sing N N 202 
LYS CB  HB2  sing N N 203 
LYS CB  HB3  sing N N 204 
LYS CG  CD   sing N N 205 
LYS CG  HG2  sing N N 206 
LYS CG  HG3  sing N N 207 
LYS CD  CE   sing N N 208 
LYS CD  HD2  sing N N 209 
LYS CD  HD3  sing N N 210 
LYS CE  NZ   sing N N 211 
LYS CE  HE2  sing N N 212 
LYS CE  HE3  sing N N 213 
LYS NZ  HZ1  sing N N 214 
LYS NZ  HZ2  sing N N 215 
LYS NZ  HZ3  sing N N 216 
LYS OXT HXT  sing N N 217 
MET N   CA   sing N N 218 
MET N   H    sing N N 219 
MET N   H2   sing N N 220 
MET CA  C    sing N N 221 
MET CA  CB   sing N N 222 
MET CA  HA   sing N N 223 
MET C   O    doub N N 224 
MET C   OXT  sing N N 225 
MET CB  CG   sing N N 226 
MET CB  HB2  sing N N 227 
MET CB  HB3  sing N N 228 
MET CG  SD   sing N N 229 
MET CG  HG2  sing N N 230 
MET CG  HG3  sing N N 231 
MET SD  CE   sing N N 232 
MET CE  HE1  sing N N 233 
MET CE  HE2  sing N N 234 
MET CE  HE3  sing N N 235 
MET OXT HXT  sing N N 236 
PHE N   CA   sing N N 237 
PHE N   H    sing N N 238 
PHE N   H2   sing N N 239 
PHE CA  C    sing N N 240 
PHE CA  CB   sing N N 241 
PHE CA  HA   sing N N 242 
PHE C   O    doub N N 243 
PHE C   OXT  sing N N 244 
PHE CB  CG   sing N N 245 
PHE CB  HB2  sing N N 246 
PHE CB  HB3  sing N N 247 
PHE CG  CD1  doub Y N 248 
PHE CG  CD2  sing Y N 249 
PHE CD1 CE1  sing Y N 250 
PHE CD1 HD1  sing N N 251 
PHE CD2 CE2  doub Y N 252 
PHE CD2 HD2  sing N N 253 
PHE CE1 CZ   doub Y N 254 
PHE CE1 HE1  sing N N 255 
PHE CE2 CZ   sing Y N 256 
PHE CE2 HE2  sing N N 257 
PHE CZ  HZ   sing N N 258 
PHE OXT HXT  sing N N 259 
PRO N   CA   sing N N 260 
PRO N   CD   sing N N 261 
PRO N   H    sing N N 262 
PRO CA  C    sing N N 263 
PRO CA  CB   sing N N 264 
PRO CA  HA   sing N N 265 
PRO C   O    doub N N 266 
PRO C   OXT  sing N N 267 
PRO CB  CG   sing N N 268 
PRO CB  HB2  sing N N 269 
PRO CB  HB3  sing N N 270 
PRO CG  CD   sing N N 271 
PRO CG  HG2  sing N N 272 
PRO CG  HG3  sing N N 273 
PRO CD  HD2  sing N N 274 
PRO CD  HD3  sing N N 275 
PRO OXT HXT  sing N N 276 
SER N   CA   sing N N 277 
SER N   H    sing N N 278 
SER N   H2   sing N N 279 
SER CA  C    sing N N 280 
SER CA  CB   sing N N 281 
SER CA  HA   sing N N 282 
SER C   O    doub N N 283 
SER C   OXT  sing N N 284 
SER CB  OG   sing N N 285 
SER CB  HB2  sing N N 286 
SER CB  HB3  sing N N 287 
SER OG  HG   sing N N 288 
SER OXT HXT  sing N N 289 
THR N   CA   sing N N 290 
THR N   H    sing N N 291 
THR N   H2   sing N N 292 
THR CA  C    sing N N 293 
THR CA  CB   sing N N 294 
THR CA  HA   sing N N 295 
THR C   O    doub N N 296 
THR C   OXT  sing N N 297 
THR CB  OG1  sing N N 298 
THR CB  CG2  sing N N 299 
THR CB  HB   sing N N 300 
THR OG1 HG1  sing N N 301 
THR CG2 HG21 sing N N 302 
THR CG2 HG22 sing N N 303 
THR CG2 HG23 sing N N 304 
THR OXT HXT  sing N N 305 
TRP N   CA   sing N N 306 
TRP N   H    sing N N 307 
TRP N   H2   sing N N 308 
TRP CA  C    sing N N 309 
TRP CA  CB   sing N N 310 
TRP CA  HA   sing N N 311 
TRP C   O    doub N N 312 
TRP C   OXT  sing N N 313 
TRP CB  CG   sing N N 314 
TRP CB  HB2  sing N N 315 
TRP CB  HB3  sing N N 316 
TRP CG  CD1  doub Y N 317 
TRP CG  CD2  sing Y N 318 
TRP CD1 NE1  sing Y N 319 
TRP CD1 HD1  sing N N 320 
TRP CD2 CE2  doub Y N 321 
TRP CD2 CE3  sing Y N 322 
TRP NE1 CE2  sing Y N 323 
TRP NE1 HE1  sing N N 324 
TRP CE2 CZ2  sing Y N 325 
TRP CE3 CZ3  doub Y N 326 
TRP CE3 HE3  sing N N 327 
TRP CZ2 CH2  doub Y N 328 
TRP CZ2 HZ2  sing N N 329 
TRP CZ3 CH2  sing Y N 330 
TRP CZ3 HZ3  sing N N 331 
TRP CH2 HH2  sing N N 332 
TRP OXT HXT  sing N N 333 
TYR N   CA   sing N N 334 
TYR N   H    sing N N 335 
TYR N   H2   sing N N 336 
TYR CA  C    sing N N 337 
TYR CA  CB   sing N N 338 
TYR CA  HA   sing N N 339 
TYR C   O    doub N N 340 
TYR C   OXT  sing N N 341 
TYR CB  CG   sing N N 342 
TYR CB  HB2  sing N N 343 
TYR CB  HB3  sing N N 344 
TYR CG  CD1  doub Y N 345 
TYR CG  CD2  sing Y N 346 
TYR CD1 CE1  sing Y N 347 
TYR CD1 HD1  sing N N 348 
TYR CD2 CE2  doub Y N 349 
TYR CD2 HD2  sing N N 350 
TYR CE1 CZ   doub Y N 351 
TYR CE1 HE1  sing N N 352 
TYR CE2 CZ   sing Y N 353 
TYR CE2 HE2  sing N N 354 
TYR CZ  OH   sing N N 355 
TYR OH  HH   sing N N 356 
TYR OXT HXT  sing N N 357 
VAL N   CA   sing N N 358 
VAL N   H    sing N N 359 
VAL N   H2   sing N N 360 
VAL CA  C    sing N N 361 
VAL CA  CB   sing N N 362 
VAL CA  HA   sing N N 363 
VAL C   O    doub N N 364 
VAL C   OXT  sing N N 365 
VAL CB  CG1  sing N N 366 
VAL CB  CG2  sing N N 367 
VAL CB  HB   sing N N 368 
VAL CG1 HG11 sing N N 369 
VAL CG1 HG12 sing N N 370 
VAL CG1 HG13 sing N N 371 
VAL CG2 HG21 sing N N 372 
VAL CG2 HG22 sing N N 373 
VAL CG2 HG23 sing N N 374 
VAL OXT HXT  sing N N 375 
# 
_pdbx_initial_refinement_model.id               1 
_pdbx_initial_refinement_model.entity_id_list   ? 
_pdbx_initial_refinement_model.type             'experimental model' 
_pdbx_initial_refinement_model.source_name      PDB 
_pdbx_initial_refinement_model.accession_code   1BY2 
_pdbx_initial_refinement_model.details          'PDB ENTRY 1BY2' 
# 
_atom_sites.entry_id                    2OY3 
_atom_sites.fract_transf_matrix[1][1]   0.02444794 
_atom_sites.fract_transf_matrix[1][2]   0.00368971 
_atom_sites.fract_transf_matrix[1][3]   -0.01922434 
_atom_sites.fract_transf_matrix[2][1]   -0.01983761 
_atom_sites.fract_transf_matrix[2][2]   0.02058756 
_atom_sites.fract_transf_matrix[2][3]   -0.02127648 
_atom_sites.fract_transf_matrix[3][1]   0.00962318 
_atom_sites.fract_transf_matrix[3][2]   0.01937809 
_atom_sites.fract_transf_matrix[3][3]   0.00977825 
_atom_sites.fract_transf_vector[1]      0.142965 
_atom_sites.fract_transf_vector[2]      -0.031913 
_atom_sites.fract_transf_vector[3]      0.291775 
# 
loop_
_atom_type.symbol 
C  
MG 
N  
O  
S  
# 
loop_
_atom_site.group_PDB 
_atom_site.id 
_atom_site.type_symbol 
_atom_site.label_atom_id 
_atom_site.label_alt_id 
_atom_site.label_comp_id 
_atom_site.label_asym_id 
_atom_site.label_entity_id 
_atom_site.label_seq_id 
_atom_site.pdbx_PDB_ins_code 
_atom_site.Cartn_x 
_atom_site.Cartn_y 
_atom_site.Cartn_z 
_atom_site.occupancy 
_atom_site.B_iso_or_equiv 
_atom_site.pdbx_formal_charge 
_atom_site.auth_seq_id 
_atom_site.auth_comp_id 
_atom_site.auth_asym_id 
_atom_site.auth_atom_id 
_atom_site.pdbx_PDB_model_num 
ATOM   1   N  N   . GLN A 1 5   ? -3.149  -0.898  -13.584 1.00 31.74 ? 421 GLN A N   1 
ATOM   2   C  CA  . GLN A 1 5   ? -2.444  -1.129  -12.283 1.00 31.41 ? 421 GLN A CA  1 
ATOM   3   C  C   . GLN A 1 5   ? -1.819  0.172   -11.707 1.00 30.27 ? 421 GLN A C   1 
ATOM   4   O  O   . GLN A 1 5   ? -0.594  0.367   -11.728 1.00 30.49 ? 421 GLN A O   1 
ATOM   5   C  CB  . GLN A 1 5   ? -1.421  -2.266  -12.428 1.00 31.56 ? 421 GLN A CB  1 
ATOM   6   C  CG  . GLN A 1 5   ? -2.069  -3.617  -12.788 1.00 32.58 ? 421 GLN A CG  1 
ATOM   7   C  CD  . GLN A 1 5   ? -1.055  -4.749  -13.009 1.00 34.07 ? 421 GLN A CD  1 
ATOM   8   O  OE1 . GLN A 1 5   ? -1.400  -5.797  -13.561 1.00 37.98 ? 421 GLN A OE1 1 
ATOM   9   N  NE2 . GLN A 1 5   ? 0.195   -4.539  -12.588 1.00 35.38 ? 421 GLN A NE2 1 
ATOM   10  N  N   . ARG A 1 6   ? -2.689  1.043   -11.192 1.00 27.81 ? 422 ARG A N   1 
ATOM   11  C  CA  . ARG A 1 6   ? -2.324  2.393   -10.754 1.00 25.53 ? 422 ARG A CA  1 
ATOM   12  C  C   . ARG A 1 6   ? -2.207  2.496   -9.233  1.00 23.52 ? 422 ARG A C   1 
ATOM   13  O  O   . ARG A 1 6   ? -3.062  1.965   -8.488  1.00 21.66 ? 422 ARG A O   1 
ATOM   14  C  CB  . ARG A 1 6   ? -3.365  3.416   -11.238 1.00 26.02 ? 422 ARG A CB  1 
ATOM   15  C  CG  . ARG A 1 6   ? -2.993  4.200   -12.512 0.50 27.65 ? 422 ARG A CG  1 
ATOM   16  C  CD  . ARG A 1 6   ? -1.717  5.016   -12.316 0.50 29.50 ? 422 ARG A CD  1 
ATOM   17  N  NE  . ARG A 1 6   ? -1.369  5.788   -13.507 0.50 31.47 ? 422 ARG A NE  1 
ATOM   18  C  CZ  . ARG A 1 6   ? -0.724  5.302   -14.566 0.50 32.08 ? 422 ARG A CZ  1 
ATOM   19  N  NH1 . ARG A 1 6   ? -0.346  4.026   -14.606 0.50 30.59 ? 422 ARG A NH1 1 
ATOM   20  N  NH2 . ARG A 1 6   ? -0.463  6.100   -15.597 0.50 31.77 ? 422 ARG A NH2 1 
ATOM   21  N  N   . VAL A 1 7   ? -1.132  3.162   -8.805  1.00 21.42 ? 423 VAL A N   1 
ATOM   22  C  CA  . VAL A 1 7   ? -0.857  3.452   -7.387  1.00 19.91 ? 423 VAL A CA  1 
ATOM   23  C  C   . VAL A 1 7   ? -0.465  4.930   -7.197  1.00 19.19 ? 423 VAL A C   1 
ATOM   24  O  O   . VAL A 1 7   ? -0.050  5.607   -8.150  1.00 17.86 ? 423 VAL A O   1 
ATOM   25  C  CB  . VAL A 1 7   ? 0.177   2.470   -6.745  1.00 20.61 ? 423 VAL A CB  1 
ATOM   26  C  CG1 . VAL A 1 7   ? -0.315  1.018   -6.828  1.00 18.78 ? 423 VAL A CG1 1 
ATOM   27  C  CG2 . VAL A 1 7   ? 1.637   2.638   -7.354  1.00 20.78 ? 423 VAL A CG2 1 
ATOM   28  N  N   . ARG A 1 8   ? -0.616  5.443   -5.980  1.00 17.91 ? 424 ARG A N   1 
ATOM   29  C  CA  . ARG A 1 8   ? -0.196  6.805   -5.705  1.00 16.87 ? 424 ARG A CA  1 
ATOM   30  C  C   . ARG A 1 8   ? 0.162   6.948   -4.233  1.00 16.59 ? 424 ARG A C   1 
ATOM   31  O  O   . ARG A 1 8   ? -0.296  6.156   -3.417  1.00 15.64 ? 424 ARG A O   1 
ATOM   32  C  CB  . ARG A 1 8   ? -1.286  7.827   -6.106  1.00 16.82 ? 424 ARG A CB  1 
ATOM   33  C  CG  . ARG A 1 8   ? -2.524  7.839   -5.204  1.00 16.50 ? 424 ARG A CG  1 
ATOM   34  C  CD  . ARG A 1 8   ? -3.678  8.585   -5.828  1.00 16.89 ? 424 ARG A CD  1 
ATOM   35  N  NE  . ARG A 1 8   ? -4.779  8.719   -4.870  1.00 16.61 ? 424 ARG A NE  1 
ATOM   36  C  CZ  . ARG A 1 8   ? -5.850  9.478   -5.071  1.00 19.26 ? 424 ARG A CZ  1 
ATOM   37  N  NH1 . ARG A 1 8   ? -5.979  10.143  -6.222  1.00 19.87 ? 424 ARG A NH1 1 
ATOM   38  N  NH2 . ARG A 1 8   ? -6.791  9.565   -4.130  1.00 18.54 ? 424 ARG A NH2 1 
ATOM   39  N  N   . ILE A 1 9   ? 0.953   7.975   -3.914  1.00 16.26 ? 425 ILE A N   1 
ATOM   40  C  CA  . ILE A 1 9   ? 1.340   8.310   -2.536  1.00 16.70 ? 425 ILE A CA  1 
ATOM   41  C  C   . ILE A 1 9   ? 0.625   9.619   -2.178  1.00 17.94 ? 425 ILE A C   1 
ATOM   42  O  O   . ILE A 1 9   ? 0.741   10.603  -2.913  1.00 17.88 ? 425 ILE A O   1 
ATOM   43  C  CB  . ILE A 1 9   ? 2.873   8.495   -2.426  1.00 16.39 ? 425 ILE A CB  1 
ATOM   44  C  CG1 . ILE A 1 9   ? 3.604   7.164   -2.697  1.00 17.48 ? 425 ILE A CG1 1 
ATOM   45  C  CG2 . ILE A 1 9   ? 3.273   9.149   -1.089  1.00 15.42 ? 425 ILE A CG2 1 
ATOM   46  C  CD1 . ILE A 1 9   ? 5.114   7.308   -2.920  1.00 16.95 ? 425 ILE A CD1 1 
ATOM   47  N  N   . MET A 1 10  ? -0.114  9.628   -1.063  1.00 17.65 ? 426 MET A N   1 
ATOM   48  C  CA  . MET A 1 10  ? -0.870  10.802  -0.612  1.00 18.37 ? 426 MET A CA  1 
ATOM   49  C  C   . MET A 1 10  ? -0.381  11.224  0.795   1.00 18.41 ? 426 MET A C   1 
ATOM   50  O  O   . MET A 1 10  ? -0.441  10.436  1.745   1.00 18.37 ? 426 MET A O   1 
ATOM   51  C  CB  . MET A 1 10  ? -2.395  10.489  -0.576  1.00 18.42 ? 426 MET A CB  1 
ATOM   52  C  CG  . MET A 1 10  ? -3.039  10.013  -1.895  1.00 18.95 ? 426 MET A CG  1 
ATOM   53  S  SD  . MET A 1 10  ? -2.743  11.123  -3.245  1.00 24.03 ? 426 MET A SD  1 
ATOM   54  C  CE  . MET A 1 10  ? -3.622  12.625  -2.791  1.00 25.63 ? 426 MET A CE  1 
ATOM   55  N  N   . GLY A 1 11  ? 0.101   12.453  0.914   1.00 19.25 ? 427 GLY A N   1 
ATOM   56  C  CA  . GLY A 1 11  ? 0.659   12.969  2.165   1.00 19.60 ? 427 GLY A CA  1 
ATOM   57  C  C   . GLY A 1 11  ? 1.784   13.940  1.856   1.00 21.11 ? 427 GLY A C   1 
ATOM   58  O  O   . GLY A 1 11  ? 1.554   15.162  1.616   1.00 22.77 ? 427 GLY A O   1 
ATOM   59  N  N   . GLY A 1 12  ? 2.994   13.410  1.797   1.00 19.88 ? 428 GLY A N   1 
ATOM   60  C  CA  . GLY A 1 12  ? 4.174   14.243  1.591   1.00 19.40 ? 428 GLY A CA  1 
ATOM   61  C  C   . GLY A 1 12  ? 4.823   14.006  0.245   1.00 18.98 ? 428 GLY A C   1 
ATOM   62  O  O   . GLY A 1 12  ? 4.161   13.574  -0.704  1.00 19.22 ? 428 GLY A O   1 
ATOM   63  N  N   . THR A 1 13  ? 6.125   14.269  0.150   1.00 18.64 ? 429 THR A N   1 
ATOM   64  C  CA  . THR A 1 13  ? 6.809   14.100  -1.143  1.00 18.35 ? 429 THR A CA  1 
ATOM   65  C  C   . THR A 1 13  ? 7.307   12.647  -1.293  1.00 18.13 ? 429 THR A C   1 
ATOM   66  O  O   . THR A 1 13  ? 6.753   11.899  -2.093  1.00 19.19 ? 429 THR A O   1 
ATOM   67  C  CB  . THR A 1 13  ? 7.942   15.152  -1.362  1.00 19.57 ? 429 THR A CB  1 
ATOM   68  O  OG1 . THR A 1 13  ? 8.825   15.066  -0.262  1.00 19.44 ? 429 THR A OG1 1 
ATOM   69  C  CG2 . THR A 1 13  ? 7.388   16.581  -1.403  1.00 20.10 ? 429 THR A CG2 1 
ATOM   70  N  N   A ASN A 1 14  ? 8.293   12.265  -0.486  0.50 17.58 ? 430 ASN A N   1 
ATOM   71  N  N   B ASN A 1 14  ? 8.341   12.224  -0.564  0.50 17.70 ? 430 ASN A N   1 
ATOM   72  C  CA  A ASN A 1 14  ? 8.856   10.919  -0.541  0.50 17.61 ? 430 ASN A CA  1 
ATOM   73  C  CA  B ASN A 1 14  ? 8.755   10.812  -0.686  0.50 17.82 ? 430 ASN A CA  1 
ATOM   74  C  C   A ASN A 1 14  ? 8.254   9.983   0.496   0.50 16.80 ? 430 ASN A C   1 
ATOM   75  C  C   B ASN A 1 14  ? 8.046   9.886   0.296   0.50 16.88 ? 430 ASN A C   1 
ATOM   76  O  O   A ASN A 1 14  ? 8.711   8.857   0.687   0.50 16.40 ? 430 ASN A O   1 
ATOM   77  O  O   B ASN A 1 14  ? 8.250   8.662   0.269   0.50 16.46 ? 430 ASN A O   1 
ATOM   78  C  CB  A ASN A 1 14  ? 10.369  11.008  -0.414  0.50 18.18 ? 430 ASN A CB  1 
ATOM   79  C  CB  B ASN A 1 14  ? 10.277  10.631  -0.601  0.50 18.47 ? 430 ASN A CB  1 
ATOM   80  C  CG  A ASN A 1 14  ? 10.955  11.979  -1.403  0.50 18.43 ? 430 ASN A CG  1 
ATOM   81  C  CG  B ASN A 1 14  ? 10.815  10.882  0.792   0.50 20.08 ? 430 ASN A CG  1 
ATOM   82  O  OD1 A ASN A 1 14  ? 10.771  11.827  -2.601  0.50 19.38 ? 430 ASN A OD1 1 
ATOM   83  O  OD1 B ASN A 1 14  ? 10.521  11.917  1.414   0.50 24.48 ? 430 ASN A OD1 1 
ATOM   84  N  ND2 A ASN A 1 14  ? 11.648  12.999  -0.904  0.50 19.29 ? 430 ASN A ND2 1 
ATOM   85  N  ND2 B ASN A 1 14  ? 11.594  9.938   1.301   0.50 21.57 ? 430 ASN A ND2 1 
ATOM   86  N  N   . ARG A 1 15  ? 7.213   10.466  1.163   1.00 16.39 ? 431 ARG A N   1 
ATOM   87  C  CA  . ARG A 1 15  ? 6.453   9.652   2.100   1.00 16.16 ? 431 ARG A CA  1 
ATOM   88  C  C   . ARG A 1 15  ? 4.971   10.029  2.083   1.00 15.18 ? 431 ARG A C   1 
ATOM   89  O  O   . ARG A 1 15  ? 4.605   11.155  1.711   1.00 16.55 ? 431 ARG A O   1 
ATOM   90  C  CB  . ARG A 1 15  ? 7.014   9.740   3.512   1.00 16.10 ? 431 ARG A CB  1 
ATOM   91  C  CG  . ARG A 1 15  ? 6.739   11.032  4.222   1.00 20.91 ? 431 ARG A CG  1 
ATOM   92  C  CD  . ARG A 1 15  ? 7.158   10.863  5.658   1.00 23.91 ? 431 ARG A CD  1 
ATOM   93  N  NE  . ARG A 1 15  ? 6.890   12.063  6.432   1.00 30.27 ? 431 ARG A NE  1 
ATOM   94  C  CZ  . ARG A 1 15  ? 7.829   12.882  6.901   1.00 32.26 ? 431 ARG A CZ  1 
ATOM   95  N  NH1 . ARG A 1 15  ? 9.116   12.631  6.685   1.00 35.13 ? 431 ARG A NH1 1 
ATOM   96  N  NH2 . ARG A 1 15  ? 7.474   13.949  7.597   1.00 34.87 ? 431 ARG A NH2 1 
ATOM   97  N  N   . GLY A 1 16  ? 4.133   9.087   2.492   1.00 14.64 ? 432 GLY A N   1 
ATOM   98  C  CA  . GLY A 1 16  ? 2.687   9.314   2.481   1.00 13.34 ? 432 GLY A CA  1 
ATOM   99  C  C   . GLY A 1 16  ? 1.967   7.982   2.505   1.00 13.18 ? 432 GLY A C   1 
ATOM   100 O  O   . GLY A 1 16  ? 2.594   6.909   2.540   1.00 12.13 ? 432 GLY A O   1 
ATOM   101 N  N   . ARG A 1 17  ? 0.645   8.074   2.450   1.00 13.02 ? 433 ARG A N   1 
ATOM   102 C  CA  . ARG A 1 17  ? -0.229  6.924   2.539   1.00 13.64 ? 433 ARG A CA  1 
ATOM   103 C  C   . ARG A 1 17  ? -0.185  6.244   1.165   1.00 13.11 ? 433 ARG A C   1 
ATOM   104 O  O   . ARG A 1 17  ? -0.178  6.933   0.133   1.00 14.94 ? 433 ARG A O   1 
ATOM   105 C  CB  . ARG A 1 17  ? -1.662  7.398   2.843   1.00 12.90 ? 433 ARG A CB  1 
ATOM   106 C  CG  . ARG A 1 17  ? -2.721  6.251   2.816   1.00 12.97 ? 433 ARG A CG  1 
ATOM   107 C  CD  . ARG A 1 17  ? -4.112  6.768   3.259   1.00 12.53 ? 433 ARG A CD  1 
ATOM   108 N  NE  . ARG A 1 17  ? -4.581  7.861   2.399   1.00 12.59 ? 433 ARG A NE  1 
ATOM   109 C  CZ  . ARG A 1 17  ? -4.544  9.166   2.686   1.00 11.59 ? 433 ARG A CZ  1 
ATOM   110 N  NH1 . ARG A 1 17  ? -4.010  9.608   3.827   1.00 13.17 ? 433 ARG A NH1 1 
ATOM   111 N  NH2 . ARG A 1 17  ? -4.995  10.040  1.762   1.00 12.76 ? 433 ARG A NH2 1 
ATOM   112 N  N   . ALA A 1 18  ? -0.095  4.922   1.194   1.00 14.74 ? 434 ALA A N   1 
ATOM   113 C  CA  . ALA A 1 18  ? -0.092  4.092   -0.031  1.00 13.88 ? 434 ALA A CA  1 
ATOM   114 C  C   . ALA A 1 18  ? -1.544  3.860   -0.511  1.00 14.56 ? 434 ALA A C   1 
ATOM   115 O  O   . ALA A 1 18  ? -2.298  3.163   0.154   1.00 15.24 ? 434 ALA A O   1 
ATOM   116 C  CB  . ALA A 1 18  ? 0.620   2.739   0.229   1.00 12.93 ? 434 ALA A CB  1 
ATOM   117 N  N   . GLU A 1 19  ? -1.903  4.418   -1.666  1.00 14.31 ? 435 GLU A N   1 
ATOM   118 C  CA  . GLU A 1 19  ? -3.216  4.197   -2.301  1.00 13.99 ? 435 GLU A CA  1 
ATOM   119 C  C   . GLU A 1 19  ? -3.127  3.479   -3.633  1.00 14.87 ? 435 GLU A C   1 
ATOM   120 O  O   . GLU A 1 19  ? -2.155  3.644   -4.379  1.00 14.40 ? 435 GLU A O   1 
ATOM   121 C  CB  . GLU A 1 19  ? -3.985  5.510   -2.486  1.00 13.35 ? 435 GLU A CB  1 
ATOM   122 C  CG  . GLU A 1 19  ? -4.370  6.124   -1.127  1.00 13.60 ? 435 GLU A CG  1 
ATOM   123 C  CD  . GLU A 1 19  ? -5.317  7.291   -1.214  1.00 15.86 ? 435 GLU A CD  1 
ATOM   124 O  OE1 . GLU A 1 19  ? -5.646  7.822   -0.130  1.00 14.25 ? 435 GLU A OE1 1 
ATOM   125 O  OE2 . GLU A 1 19  ? -5.734  7.665   -2.333  1.00 15.33 ? 435 GLU A OE2 1 
ATOM   126 N  N   . VAL A 1 20  ? -4.167  2.691   -3.903  1.00 14.13 ? 436 VAL A N   1 
ATOM   127 C  CA  . VAL A 1 20  ? -4.247  1.790   -5.045  1.00 15.67 ? 436 VAL A CA  1 
ATOM   128 C  C   . VAL A 1 20  ? -5.580  2.004   -5.761  1.00 15.95 ? 436 VAL A C   1 
ATOM   129 O  O   . VAL A 1 20  ? -6.646  2.164   -5.132  1.00 15.10 ? 436 VAL A O   1 
ATOM   130 C  CB  . VAL A 1 20  ? -4.055  0.295   -4.609  1.00 15.60 ? 436 VAL A CB  1 
ATOM   131 C  CG1 . VAL A 1 20  ? -5.182  -0.189  -3.614  1.00 15.29 ? 436 VAL A CG1 1 
ATOM   132 C  CG2 . VAL A 1 20  ? -3.987  -0.598  -5.811  1.00 18.52 ? 436 VAL A CG2 1 
ATOM   133 N  N   . TYR A 1 21  ? -5.519  2.024   -7.086  1.00 15.30 ? 437 TYR A N   1 
ATOM   134 C  CA  . TYR A 1 21  ? -6.706  2.215   -7.874  1.00 16.61 ? 437 TYR A CA  1 
ATOM   135 C  C   . TYR A 1 21  ? -7.315  0.884   -8.316  1.00 15.58 ? 437 TYR A C   1 
ATOM   136 O  O   . TYR A 1 21  ? -6.690  0.101   -9.024  1.00 15.10 ? 437 TYR A O   1 
ATOM   137 C  CB  . TYR A 1 21  ? -6.438  3.124   -9.085  1.00 17.32 ? 437 TYR A CB  1 
ATOM   138 C  CG  . TYR A 1 21  ? -7.677  3.404   -9.912  1.00 19.48 ? 437 TYR A CG  1 
ATOM   139 C  CD1 . TYR A 1 21  ? -8.549  4.433   -9.574  1.00 19.09 ? 437 TYR A CD1 1 
ATOM   140 C  CD2 . TYR A 1 21  ? -7.949  2.652   -11.053 1.00 22.34 ? 437 TYR A CD2 1 
ATOM   141 C  CE1 . TYR A 1 21  ? -9.689  4.687   -10.342 1.00 23.14 ? 437 TYR A CE1 1 
ATOM   142 C  CE2 . TYR A 1 21  ? -9.067  2.900   -11.833 1.00 22.96 ? 437 TYR A CE2 1 
ATOM   143 C  CZ  . TYR A 1 21  ? -9.932  3.913   -11.469 1.00 22.16 ? 437 TYR A CZ  1 
ATOM   144 O  OH  . TYR A 1 21  ? -11.029 4.143   -12.251 1.00 24.37 ? 437 TYR A OH  1 
ATOM   145 N  N   . TYR A 1 22  ? -8.531  0.630   -7.867  1.00 16.33 ? 438 TYR A N   1 
ATOM   146 C  CA  . TYR A 1 22  ? -9.170  -0.659  -8.138  1.00 18.44 ? 438 TYR A CA  1 
ATOM   147 C  C   . TYR A 1 22  ? -10.684 -0.504  -8.024  1.00 18.53 ? 438 TYR A C   1 
ATOM   148 O  O   . TYR A 1 22  ? -11.182 0.341   -7.262  1.00 18.28 ? 438 TYR A O   1 
ATOM   149 C  CB  . TYR A 1 22  ? -8.641  -1.729  -7.149  1.00 19.79 ? 438 TYR A CB  1 
ATOM   150 C  CG  . TYR A 1 22  ? -9.379  -3.054  -7.222  1.00 23.57 ? 438 TYR A CG  1 
ATOM   151 C  CD1 . TYR A 1 22  ? -9.054  -4.015  -8.189  1.00 23.91 ? 438 TYR A CD1 1 
ATOM   152 C  CD2 . TYR A 1 22  ? -10.410 -3.332  -6.331  1.00 25.55 ? 438 TYR A CD2 1 
ATOM   153 C  CE1 . TYR A 1 22  ? -9.762  -5.236  -8.258  1.00 26.60 ? 438 TYR A CE1 1 
ATOM   154 C  CE2 . TYR A 1 22  ? -11.107 -4.524  -6.390  1.00 28.52 ? 438 TYR A CE2 1 
ATOM   155 C  CZ  . TYR A 1 22  ? -10.782 -5.468  -7.352  1.00 24.55 ? 438 TYR A CZ  1 
ATOM   156 O  OH  . TYR A 1 22  ? -11.512 -6.646  -7.361  1.00 28.30 ? 438 TYR A OH  1 
ATOM   157 N  N   . ASN A 1 23  ? -11.432 -1.336  -8.744  1.00 18.34 ? 439 ASN A N   1 
ATOM   158 C  CA  . ASN A 1 23  ? -12.885 -1.247  -8.668  1.00 18.90 ? 439 ASN A CA  1 
ATOM   159 C  C   . ASN A 1 23  ? -13.363 0.202   -8.853  1.00 18.55 ? 439 ASN A C   1 
ATOM   160 O  O   . ASN A 1 23  ? -14.210 0.674   -8.101  1.00 19.14 ? 439 ASN A O   1 
ATOM   161 C  CB  . ASN A 1 23  ? -13.388 -1.866  -7.340  1.00 18.50 ? 439 ASN A CB  1 
ATOM   162 C  CG  . ASN A 1 23  ? -14.890 -2.138  -7.330  1.00 20.46 ? 439 ASN A CG  1 
ATOM   163 O  OD1 . ASN A 1 23  ? -15.485 -2.365  -6.264  1.00 25.40 ? 439 ASN A OD1 1 
ATOM   164 N  ND2 . ASN A 1 23  ? -15.504 -2.129  -8.495  1.00 16.29 ? 439 ASN A ND2 1 
ATOM   165 N  N   . ASN A 1 24  ? -12.775 0.895   -9.835  1.00 19.22 ? 440 ASN A N   1 
ATOM   166 C  CA  . ASN A 1 24  ? -13.115 2.292   -10.222 1.00 19.37 ? 440 ASN A CA  1 
ATOM   167 C  C   . ASN A 1 24  ? -12.821 3.399   -9.216  1.00 18.99 ? 440 ASN A C   1 
ATOM   168 O  O   . ASN A 1 24  ? -13.247 4.525   -9.435  1.00 20.33 ? 440 ASN A O   1 
ATOM   169 C  CB  . ASN A 1 24  ? -14.575 2.405   -10.644 1.00 20.10 ? 440 ASN A CB  1 
ATOM   170 C  CG  . ASN A 1 24  ? -15.000 1.208   -11.454 1.00 21.67 ? 440 ASN A CG  1 
ATOM   171 O  OD1 . ASN A 1 24  ? -14.550 1.035   -12.588 1.00 22.82 ? 440 ASN A OD1 1 
ATOM   172 N  ND2 . ASN A 1 24  ? -15.785 0.332   -10.846 1.00 23.85 ? 440 ASN A ND2 1 
ATOM   173 N  N   . GLU A 1 25  ? -12.107 3.082   -8.139  1.00 17.97 ? 441 GLU A N   1 
ATOM   174 C  CA  . GLU A 1 25  ? -11.857 4.065   -7.079  1.00 17.42 ? 441 GLU A CA  1 
ATOM   175 C  C   . GLU A 1 25  ? -10.441 3.961   -6.536  1.00 16.39 ? 441 GLU A C   1 
ATOM   176 O  O   . GLU A 1 25  ? -9.828  2.881   -6.502  1.00 15.89 ? 441 GLU A O   1 
ATOM   177 C  CB  . GLU A 1 25  ? -12.797 3.877   -5.887  1.00 18.21 ? 441 GLU A CB  1 
ATOM   178 C  CG  . GLU A 1 25  ? -14.236 3.600   -6.199  1.00 20.92 ? 441 GLU A CG  1 
ATOM   179 C  CD  . GLU A 1 25  ? -15.043 3.410   -4.936  1.00 23.27 ? 441 GLU A CD  1 
ATOM   180 O  OE1 . GLU A 1 25  ? -14.476 3.534   -3.825  1.00 27.01 ? 441 GLU A OE1 1 
ATOM   181 O  OE2 . GLU A 1 25  ? -16.236 3.118   -5.044  1.00 24.22 ? 441 GLU A OE2 1 
ATOM   182 N  N   . TRP A 1 26  ? -9.926  5.108   -6.096  1.00 15.83 ? 442 TRP A N   1 
ATOM   183 C  CA  . TRP A 1 26  ? -8.725  5.133   -5.299  1.00 15.42 ? 442 TRP A CA  1 
ATOM   184 C  C   . TRP A 1 26  ? -9.123  4.685   -3.896  1.00 15.10 ? 442 TRP A C   1 
ATOM   185 O  O   . TRP A 1 26  ? -10.048 5.254   -3.278  1.00 14.31 ? 442 TRP A O   1 
ATOM   186 C  CB  . TRP A 1 26  ? -8.097  6.543   -5.241  1.00 15.63 ? 442 TRP A CB  1 
ATOM   187 C  CG  . TRP A 1 26  ? -7.439  6.891   -6.531  1.00 15.87 ? 442 TRP A CG  1 
ATOM   188 C  CD1 . TRP A 1 26  ? -7.939  7.679   -7.524  1.00 16.78 ? 442 TRP A CD1 1 
ATOM   189 C  CD2 . TRP A 1 26  ? -6.191  6.376   -7.004  1.00 17.32 ? 442 TRP A CD2 1 
ATOM   190 N  NE1 . TRP A 1 26  ? -7.053  7.719   -8.586  1.00 19.10 ? 442 TRP A NE1 1 
ATOM   191 C  CE2 . TRP A 1 26  ? -5.974  6.924   -8.295  1.00 18.25 ? 442 TRP A CE2 1 
ATOM   192 C  CE3 . TRP A 1 26  ? -5.230  5.489   -6.466  1.00 15.20 ? 442 TRP A CE3 1 
ATOM   193 C  CZ2 . TRP A 1 26  ? -4.831  6.622   -9.062  1.00 15.58 ? 442 TRP A CZ2 1 
ATOM   194 C  CZ3 . TRP A 1 26  ? -4.076  5.203   -7.227  1.00 16.36 ? 442 TRP A CZ3 1 
ATOM   195 C  CH2 . TRP A 1 26  ? -3.885  5.778   -8.498  1.00 17.29 ? 442 TRP A CH2 1 
ATOM   196 N  N   . GLY A 1 27  ? -8.452  3.627   -3.448  1.00 15.41 ? 443 GLY A N   1 
ATOM   197 C  CA  . GLY A 1 27  ? -8.662  3.051   -2.135  1.00 14.27 ? 443 GLY A CA  1 
ATOM   198 C  C   . GLY A 1 27  ? -7.388  2.909   -1.369  1.00 14.16 ? 443 GLY A C   1 
ATOM   199 O  O   . GLY A 1 27  ? -6.297  3.138   -1.898  1.00 13.81 ? 443 GLY A O   1 
ATOM   200 N  N   . THR A 1 28  ? -7.507  2.487   -0.121  1.00 13.48 ? 444 THR A N   1 
ATOM   201 C  CA  . THR A 1 28  ? -6.314  2.397   0.737   1.00 13.28 ? 444 THR A CA  1 
ATOM   202 C  C   . THR A 1 28  ? -5.858  0.943   1.005   1.00 13.39 ? 444 THR A C   1 
ATOM   203 O  O   . THR A 1 28  ? -6.480  -0.022  0.541   1.00 14.63 ? 444 THR A O   1 
ATOM   204 C  CB  . THR A 1 28  ? -6.529  3.187   2.040   1.00 12.62 ? 444 THR A CB  1 
ATOM   205 O  OG1 . THR A 1 28  ? -7.593  2.557   2.770   1.00 12.96 ? 444 THR A OG1 1 
ATOM   206 C  CG2 . THR A 1 28  ? -6.880  4.661   1.701   1.00 14.54 ? 444 THR A CG2 1 
ATOM   207 N  N   . ILE A 1 29  ? -4.783  0.796   1.768   1.00 12.85 ? 445 ILE A N   1 
ATOM   208 C  CA  . ILE A 1 29  ? -4.182  -0.489  2.048   1.00 12.96 ? 445 ILE A CA  1 
ATOM   209 C  C   . ILE A 1 29  ? -4.051  -0.607  3.556   1.00 13.81 ? 445 ILE A C   1 
ATOM   210 O  O   . ILE A 1 29  ? -3.277  0.131   4.203   1.00 13.03 ? 445 ILE A O   1 
ATOM   211 C  CB  . ILE A 1 29  ? -2.796  -0.634  1.379   1.00 12.97 ? 445 ILE A CB  1 
ATOM   212 C  CG1 . ILE A 1 29  ? -2.920  -0.479  -0.171  1.00 12.90 ? 445 ILE A CG1 1 
ATOM   213 C  CG2 . ILE A 1 29  ? -2.109  -1.967  1.811   1.00 10.52 ? 445 ILE A CG2 1 
ATOM   214 C  CD1 . ILE A 1 29  ? -1.562  -0.423  -0.931  1.00 13.89 ? 445 ILE A CD1 1 
ATOM   215 N  N   . CYS A 1 30  ? -4.774  -1.560  4.126   1.00 14.26 ? 446 CYS A N   1 
ATOM   216 C  CA  . CYS A 1 30  ? -4.598  -1.808  5.559   1.00 13.96 ? 446 CYS A CA  1 
ATOM   217 C  C   . CYS A 1 30  ? -3.186  -2.332  5.894   1.00 15.17 ? 446 CYS A C   1 
ATOM   218 O  O   . CYS A 1 30  ? -2.583  -3.079  5.123   1.00 14.79 ? 446 CYS A O   1 
ATOM   219 C  CB  . CYS A 1 30  ? -5.673  -2.765  6.073   1.00 15.05 ? 446 CYS A CB  1 
ATOM   220 S  SG  . CYS A 1 30  ? -5.552  -2.965  7.861   1.00 16.12 ? 446 CYS A SG  1 
ATOM   221 N  N   . ASP A 1 31  ? -2.680  -1.919  7.055   1.00 14.91 ? 447 ASP A N   1 
ATOM   222 C  CA  . ASP A 1 31  ? -1.281  -2.114  7.442   1.00 16.28 ? 447 ASP A CA  1 
ATOM   223 C  C   . ASP A 1 31  ? -1.007  -3.493  8.108   1.00 16.27 ? 447 ASP A C   1 
ATOM   224 O  O   . ASP A 1 31  ? 0.119   -3.779  8.477   1.00 16.83 ? 447 ASP A O   1 
ATOM   225 C  CB  . ASP A 1 31  ? -0.780  -0.924  8.298   1.00 16.30 ? 447 ASP A CB  1 
ATOM   226 C  CG  . ASP A 1 31  ? -1.334  -0.938  9.759   1.00 17.37 ? 447 ASP A CG  1 
ATOM   227 O  OD1 . ASP A 1 31  ? -2.027  -1.906  10.142  1.00 17.23 ? 447 ASP A OD1 1 
ATOM   228 O  OD2 . ASP A 1 31  ? -1.062  0.029   10.515  1.00 17.66 ? 447 ASP A OD2 1 
ATOM   229 N  N   . ASP A 1 32  ? -2.037  -4.332  8.264   1.00 16.11 ? 448 ASP A N   1 
ATOM   230 C  CA  . ASP A 1 32  ? -1.802  -5.688  8.803   1.00 17.41 ? 448 ASP A CA  1 
ATOM   231 C  C   . ASP A 1 32  ? -0.745  -6.415  7.954   1.00 16.80 ? 448 ASP A C   1 
ATOM   232 O  O   . ASP A 1 32  ? -0.976  -6.710  6.778   1.00 16.62 ? 448 ASP A O   1 
ATOM   233 C  CB  . ASP A 1 32  ? -3.085  -6.506  8.897   1.00 17.02 ? 448 ASP A CB  1 
ATOM   234 C  CG  . ASP A 1 32  ? -4.128  -5.860  9.832   1.00 21.61 ? 448 ASP A CG  1 
ATOM   235 O  OD1 . ASP A 1 32  ? -3.752  -5.324  10.908  1.00 23.77 ? 448 ASP A OD1 1 
ATOM   236 O  OD2 . ASP A 1 32  ? -5.328  -5.902  9.500   1.00 24.65 ? 448 ASP A OD2 1 
ATOM   237 N  N   . ASP A 1 33  ? 0.432   -6.584  8.556   1.00 17.32 ? 449 ASP A N   1 
ATOM   238 C  CA  . ASP A 1 33  ? 1.573   -7.300  7.972   1.00 17.71 ? 449 ASP A CA  1 
ATOM   239 C  C   . ASP A 1 33  ? 2.248   -6.543  6.819   1.00 17.69 ? 449 ASP A C   1 
ATOM   240 O  O   . ASP A 1 33  ? 3.065   -7.107  6.091   1.00 19.14 ? 449 ASP A O   1 
ATOM   241 C  CB  . ASP A 1 33  ? 1.154   -8.701  7.546   1.00 18.40 ? 449 ASP A CB  1 
ATOM   242 C  CG  . ASP A 1 33  ? 0.554   -9.500  8.720   1.00 20.25 ? 449 ASP A CG  1 
ATOM   243 O  OD1 . ASP A 1 33  ? 1.090   -9.385  9.865   1.00 23.45 ? 449 ASP A OD1 1 
ATOM   244 O  OD2 . ASP A 1 33  ? -0.436  -10.225 8.465   1.00 26.16 ? 449 ASP A OD2 1 
ATOM   245 N  N   . TRP A 1 34  ? 1.935   -5.262  6.688   1.00 16.40 ? 450 TRP A N   1 
ATOM   246 C  CA  . TRP A 1 34  ? 2.557   -4.408  5.680   1.00 15.57 ? 450 TRP A CA  1 
ATOM   247 C  C   . TRP A 1 34  ? 3.998   -4.168  6.137   1.00 16.10 ? 450 TRP A C   1 
ATOM   248 O  O   . TRP A 1 34  ? 4.229   -3.607  7.194   1.00 14.95 ? 450 TRP A O   1 
ATOM   249 C  CB  . TRP A 1 34  ? 1.787   -3.069  5.616   1.00 14.43 ? 450 TRP A CB  1 
ATOM   250 C  CG  . TRP A 1 34  ? 2.304   -2.066  4.653   1.00 15.84 ? 450 TRP A CG  1 
ATOM   251 C  CD1 . TRP A 1 34  ? 3.011   -0.939  4.944   1.00 14.05 ? 450 TRP A CD1 1 
ATOM   252 C  CD2 . TRP A 1 34  ? 2.105   -2.073  3.240   1.00 14.03 ? 450 TRP A CD2 1 
ATOM   253 N  NE1 . TRP A 1 34  ? 3.300   -0.255  3.788   1.00 15.34 ? 450 TRP A NE1 1 
ATOM   254 C  CE2 . TRP A 1 34  ? 2.748   -0.927  2.726   1.00 14.06 ? 450 TRP A CE2 1 
ATOM   255 C  CE3 . TRP A 1 34  ? 1.484   -2.975  2.347   1.00 13.66 ? 450 TRP A CE3 1 
ATOM   256 C  CZ2 . TRP A 1 34  ? 2.773   -0.626  1.352   1.00 14.22 ? 450 TRP A CZ2 1 
ATOM   257 C  CZ3 . TRP A 1 34  ? 1.500   -2.666  0.961   1.00 13.89 ? 450 TRP A CZ3 1 
ATOM   258 C  CH2 . TRP A 1 34  ? 2.139   -1.518  0.486   1.00 14.47 ? 450 TRP A CH2 1 
ATOM   259 N  N   . ASP A 1 35  ? 4.967   -4.604  5.335   1.00 16.59 ? 451 ASP A N   1 
ATOM   260 C  CA  . ASP A 1 35  ? 6.356   -4.424  5.712   1.00 17.23 ? 451 ASP A CA  1 
ATOM   261 C  C   . ASP A 1 35  ? 7.209   -3.828  4.580   1.00 16.24 ? 451 ASP A C   1 
ATOM   262 O  O   . ASP A 1 35  ? 6.692   -3.504  3.513   1.00 14.39 ? 451 ASP A O   1 
ATOM   263 C  CB  . ASP A 1 35  ? 6.937   -5.740  6.223   1.00 17.98 ? 451 ASP A CB  1 
ATOM   264 C  CG  . ASP A 1 35  ? 7.104   -6.816  5.123   1.00 20.39 ? 451 ASP A CG  1 
ATOM   265 O  OD1 . ASP A 1 35  ? 7.456   -7.955  5.525   1.00 25.68 ? 451 ASP A OD1 1 
ATOM   266 O  OD2 . ASP A 1 35  ? 6.916   -6.579  3.893   1.00 17.96 ? 451 ASP A OD2 1 
ATOM   267 N  N   . ASN A 1 36  ? 8.505   -3.729  4.834   1.00 16.09 ? 452 ASN A N   1 
ATOM   268 C  CA  . ASN A 1 36  ? 9.457   -3.111  3.898   1.00 15.91 ? 452 ASN A CA  1 
ATOM   269 C  C   . ASN A 1 36  ? 9.463   -3.767  2.518   1.00 15.90 ? 452 ASN A C   1 
ATOM   270 O  O   . ASN A 1 36  ? 9.607   -3.079  1.525   1.00 14.56 ? 452 ASN A O   1 
ATOM   271 C  CB  . ASN A 1 36  ? 10.868  -3.091  4.486   1.00 16.17 ? 452 ASN A CB  1 
ATOM   272 C  CG  . ASN A 1 36  ? 11.010  -2.139  5.690   1.00 17.39 ? 452 ASN A CG  1 
ATOM   273 O  OD1 . ASN A 1 36  ? 10.127  -1.346  5.996   1.00 18.56 ? 452 ASN A OD1 1 
ATOM   274 N  ND2 . ASN A 1 36  ? 12.140  -2.248  6.391   1.00 20.50 ? 452 ASN A ND2 1 
ATOM   275 N  N   . ASN A 1 37  ? 9.275   -5.084  2.462   1.00 15.34 ? 453 ASN A N   1 
ATOM   276 C  CA  . ASN A 1 37  ? 9.152   -5.762  1.166   1.00 15.62 ? 453 ASN A CA  1 
ATOM   277 C  C   . ASN A 1 37  ? 7.975   -5.244  0.354   1.00 15.23 ? 453 ASN A C   1 
ATOM   278 O  O   . ASN A 1 37  ? 8.122   -4.972  -0.835  1.00 14.73 ? 453 ASN A O   1 
ATOM   279 C  CB  . ASN A 1 37  ? 9.145   -7.270  1.336   1.00 16.63 ? 453 ASN A CB  1 
ATOM   280 C  CG  . ASN A 1 37  ? 10.488  -7.793  1.790   1.00 19.74 ? 453 ASN A CG  1 
ATOM   281 O  OD1 . ASN A 1 37  ? 10.584  -8.622  2.713   1.00 26.50 ? 453 ASN A OD1 1 
ATOM   282 N  ND2 . ASN A 1 37  ? 11.540  -7.251  1.208   1.00 19.17 ? 453 ASN A ND2 1 
ATOM   283 N  N   . ASP A 1 38  ? 6.830   -5.063  1.024   1.00 14.30 ? 454 ASP A N   1 
ATOM   284 C  CA  . ASP A 1 38  ? 5.637   -4.503  0.399   1.00 15.15 ? 454 ASP A CA  1 
ATOM   285 C  C   . ASP A 1 38  ? 5.877   -3.038  0.004   1.00 14.24 ? 454 ASP A C   1 
ATOM   286 O  O   . ASP A 1 38  ? 5.535   -2.638  -1.118  1.00 13.22 ? 454 ASP A O   1 
ATOM   287 C  CB  . ASP A 1 38  ? 4.422   -4.575  1.335   1.00 14.88 ? 454 ASP A CB  1 
ATOM   288 C  CG  . ASP A 1 38  ? 4.204   -5.969  1.900   1.00 17.62 ? 454 ASP A CG  1 
ATOM   289 O  OD1 . ASP A 1 38  ? 4.280   -6.957  1.120   1.00 19.16 ? 454 ASP A OD1 1 
ATOM   290 O  OD2 . ASP A 1 38  ? 3.994   -6.070  3.126   1.00 20.61 ? 454 ASP A OD2 1 
ATOM   291 N  N   . ALA A 1 39  ? 6.451   -2.259  0.932   1.00 14.36 ? 455 ALA A N   1 
ATOM   292 C  CA  . ALA A 1 39  ? 6.707   -0.841  0.675   1.00 14.63 ? 455 ALA A CA  1 
ATOM   293 C  C   . ALA A 1 39  ? 7.679   -0.698  -0.486  1.00 15.07 ? 455 ALA A C   1 
ATOM   294 O  O   . ALA A 1 39  ? 7.565   0.224   -1.295  1.00 14.52 ? 455 ALA A O   1 
ATOM   295 C  CB  . ALA A 1 39  ? 7.276   -0.136  1.928   1.00 14.90 ? 455 ALA A CB  1 
ATOM   296 N  N   . THR A 1 40  ? 8.641   -1.619  -0.566  1.00 14.81 ? 456 THR A N   1 
ATOM   297 C  CA  . THR A 1 40  ? 9.615   -1.610  -1.666  1.00 15.34 ? 456 THR A CA  1 
ATOM   298 C  C   . THR A 1 40  ? 8.964   -1.853  -3.047  1.00 15.70 ? 456 THR A C   1 
ATOM   299 O  O   . THR A 1 40  ? 9.189   -1.079  -3.989  1.00 15.44 ? 456 THR A O   1 
ATOM   300 C  CB  . THR A 1 40  ? 10.806  -2.552  -1.362  1.00 15.28 ? 456 THR A CB  1 
ATOM   301 O  OG1 . THR A 1 40  ? 11.609  -1.940  -0.345  1.00 15.86 ? 456 THR A OG1 1 
ATOM   302 C  CG2 . THR A 1 40  ? 11.683  -2.792  -2.633  1.00 16.53 ? 456 THR A CG2 1 
ATOM   303 N  N   . VAL A 1 41  ? 8.142   -2.899  -3.164  1.00 15.72 ? 457 VAL A N   1 
ATOM   304 C  CA  . VAL A 1 41  ? 7.344   -3.138  -4.372  1.00 16.17 ? 457 VAL A CA  1 
ATOM   305 C  C   . VAL A 1 41  ? 6.514   -1.898  -4.735  1.00 15.60 ? 457 VAL A C   1 
ATOM   306 O  O   . VAL A 1 41  ? 6.527   -1.460  -5.886  1.00 14.76 ? 457 VAL A O   1 
ATOM   307 C  CB  . VAL A 1 41  ? 6.449   -4.437  -4.257  1.00 15.31 ? 457 VAL A CB  1 
ATOM   308 C  CG1 . VAL A 1 41  ? 5.472   -4.562  -5.432  1.00 17.58 ? 457 VAL A CG1 1 
ATOM   309 C  CG2 . VAL A 1 41  ? 7.322   -5.669  -4.163  1.00 16.71 ? 457 VAL A CG2 1 
ATOM   310 N  N   . PHE A 1 42  ? 5.818   -1.322  -3.743  1.00 14.70 ? 458 PHE A N   1 
ATOM   311 C  CA  . PHE A 1 42  ? 4.949   -0.178  -3.976  1.00 14.05 ? 458 PHE A CA  1 
ATOM   312 C  C   . PHE A 1 42  ? 5.741   1.057   -4.492  1.00 13.59 ? 458 PHE A C   1 
ATOM   313 O  O   . PHE A 1 42  ? 5.359   1.665   -5.480  1.00 14.24 ? 458 PHE A O   1 
ATOM   314 C  CB  . PHE A 1 42  ? 4.183   0.149   -2.680  1.00 12.45 ? 458 PHE A CB  1 
ATOM   315 C  CG  . PHE A 1 42  ? 3.120   1.199   -2.859  1.00 14.86 ? 458 PHE A CG  1 
ATOM   316 C  CD1 . PHE A 1 42  ? 1.805   0.835   -3.154  1.00 15.76 ? 458 PHE A CD1 1 
ATOM   317 C  CD2 . PHE A 1 42  ? 3.452   2.556   -2.783  1.00 16.24 ? 458 PHE A CD2 1 
ATOM   318 C  CE1 . PHE A 1 42  ? 0.836   1.816   -3.360  1.00 15.24 ? 458 PHE A CE1 1 
ATOM   319 C  CE2 . PHE A 1 42  ? 2.494   3.542   -2.962  1.00 17.00 ? 458 PHE A CE2 1 
ATOM   320 C  CZ  . PHE A 1 42  ? 1.178   3.178   -3.266  1.00 16.84 ? 458 PHE A CZ  1 
ATOM   321 N  N   . CYS A 1 43  ? 6.818   1.419   -3.797  1.00 13.03 ? 459 CYS A N   1 
ATOM   322 C  CA  . CYS A 1 43  ? 7.680   2.537   -4.165  1.00 13.87 ? 459 CYS A CA  1 
ATOM   323 C  C   . CYS A 1 43  ? 8.305   2.378   -5.563  1.00 13.40 ? 459 CYS A C   1 
ATOM   324 O  O   . CYS A 1 43  ? 8.433   3.357   -6.298  1.00 14.34 ? 459 CYS A O   1 
ATOM   325 C  CB  . CYS A 1 43  ? 8.802   2.727   -3.130  1.00 14.25 ? 459 CYS A CB  1 
ATOM   326 S  SG  . CYS A 1 43  ? 8.170   3.388   -1.543  1.00 14.79 ? 459 CYS A SG  1 
ATOM   327 N  N   . ARG A 1 44  ? 8.691   1.150   -5.896  1.00 12.99 ? 460 ARG A N   1 
ATOM   328 C  CA  . ARG A 1 44  ? 9.266   0.844   -7.205  1.00 14.57 ? 460 ARG A CA  1 
ATOM   329 C  C   . ARG A 1 44  ? 8.245   1.050   -8.362  1.00 15.87 ? 460 ARG A C   1 
ATOM   330 O  O   . ARG A 1 44  ? 8.638   1.371   -9.491  1.00 16.78 ? 460 ARG A O   1 
ATOM   331 C  CB  . ARG A 1 44  ? 9.927   -0.535  -7.227  1.00 14.44 ? 460 ARG A CB  1 
ATOM   332 C  CG  . ARG A 1 44  ? 11.239  -0.612  -6.446  1.00 13.34 ? 460 ARG A CG  1 
ATOM   333 C  CD  . ARG A 1 44  ? 11.734  -2.073  -6.323  1.00 12.34 ? 460 ARG A CD  1 
ATOM   334 N  NE  . ARG A 1 44  ? 12.233  -2.543  -7.620  1.00 14.47 ? 460 ARG A NE  1 
ATOM   335 C  CZ  . ARG A 1 44  ? 13.439  -2.233  -8.110  1.00 18.14 ? 460 ARG A CZ  1 
ATOM   336 N  NH1 . ARG A 1 44  ? 14.290  -1.467  -7.412  1.00 14.01 ? 460 ARG A NH1 1 
ATOM   337 N  NH2 . ARG A 1 44  ? 13.805  -2.720  -9.295  1.00 18.49 ? 460 ARG A NH2 1 
ATOM   338 N  N   . MET A 1 45  ? 6.944   0.938   -8.076  1.00 16.00 ? 461 MET A N   1 
ATOM   339 C  CA  . MET A 1 45  ? 5.929   1.271   -9.077  1.00 17.01 ? 461 MET A CA  1 
ATOM   340 C  C   . MET A 1 45  ? 5.875   2.779   -9.377  1.00 17.92 ? 461 MET A C   1 
ATOM   341 O  O   . MET A 1 45  ? 5.359   3.217   -10.413 1.00 18.76 ? 461 MET A O   1 
ATOM   342 C  CB  . MET A 1 45  ? 4.535   0.767   -8.652  1.00 16.38 ? 461 MET A CB  1 
ATOM   343 C  CG  . MET A 1 45  ? 4.422   -0.728  -8.545  1.00 16.11 ? 461 MET A CG  1 
ATOM   344 S  SD  . MET A 1 45  ? 2.795   -1.229  -7.923  1.00 19.92 ? 461 MET A SD  1 
ATOM   345 C  CE  . MET A 1 45  ? 1.815   -1.051  -9.428  1.00 18.24 ? 461 MET A CE  1 
ATOM   346 N  N   . LEU A 1 46  ? 6.408   3.581   -8.467  1.00 17.70 ? 462 LEU A N   1 
ATOM   347 C  CA  . LEU A 1 46  ? 6.412   5.010   -8.648  1.00 18.65 ? 462 LEU A CA  1 
ATOM   348 C  C   . LEU A 1 46  ? 7.807   5.560   -8.959  1.00 18.87 ? 462 LEU A C   1 
ATOM   349 O  O   . LEU A 1 46  ? 8.064   6.752   -8.795  1.00 20.56 ? 462 LEU A O   1 
ATOM   350 C  CB  . LEU A 1 46  ? 5.797   5.669   -7.433  1.00 18.51 ? 462 LEU A CB  1 
ATOM   351 C  CG  . LEU A 1 46  ? 4.286   5.400   -7.386  1.00 20.80 ? 462 LEU A CG  1 
ATOM   352 C  CD1 . LEU A 1 46  ? 3.735   5.641   -5.987  1.00 20.50 ? 462 LEU A CD1 1 
ATOM   353 C  CD2 . LEU A 1 46  ? 3.515   6.200   -8.463  1.00 17.63 ? 462 LEU A CD2 1 
ATOM   354 N  N   . GLY A 1 47  ? 8.711   4.677   -9.367  1.00 18.50 ? 463 GLY A N   1 
ATOM   355 C  CA  . GLY A 1 47  ? 10.002  5.128   -9.882  1.00 18.01 ? 463 GLY A CA  1 
ATOM   356 C  C   . GLY A 1 47  ? 11.062  5.360   -8.815  1.00 17.41 ? 463 GLY A C   1 
ATOM   357 O  O   . GLY A 1 47  ? 12.121  5.934   -9.096  1.00 16.49 ? 463 GLY A O   1 
ATOM   358 N  N   . TYR A 1 48  ? 10.769  4.941   -7.584  1.00 16.56 ? 464 TYR A N   1 
ATOM   359 C  CA  . TYR A 1 48  ? 11.790  4.885   -6.525  1.00 15.65 ? 464 TYR A CA  1 
ATOM   360 C  C   . TYR A 1 48  ? 12.504  3.537   -6.593  1.00 15.56 ? 464 TYR A C   1 
ATOM   361 O  O   . TYR A 1 48  ? 12.049  2.632   -7.318  1.00 15.71 ? 464 TYR A O   1 
ATOM   362 C  CB  . TYR A 1 48  ? 11.150  5.058   -5.166  1.00 15.88 ? 464 TYR A CB  1 
ATOM   363 C  CG  . TYR A 1 48  ? 10.624  6.448   -4.873  1.00 15.82 ? 464 TYR A CG  1 
ATOM   364 C  CD1 . TYR A 1 48  ? 9.262   6.712   -4.939  1.00 18.04 ? 464 TYR A CD1 1 
ATOM   365 C  CD2 . TYR A 1 48  ? 11.483  7.478   -4.443  1.00 16.89 ? 464 TYR A CD2 1 
ATOM   366 C  CE1 . TYR A 1 48  ? 8.746   7.973   -4.633  1.00 19.34 ? 464 TYR A CE1 1 
ATOM   367 C  CE2 . TYR A 1 48  ? 10.983  8.774   -4.135  1.00 17.01 ? 464 TYR A CE2 1 
ATOM   368 C  CZ  . TYR A 1 48  ? 9.616   8.995   -4.217  1.00 16.54 ? 464 TYR A CZ  1 
ATOM   369 O  OH  . TYR A 1 48  ? 9.095   10.230  -3.912  1.00 20.66 ? 464 TYR A OH  1 
ATOM   370 N  N   . SER A 1 49  ? 13.604  3.382   -5.847  1.00 15.03 ? 465 SER A N   1 
ATOM   371 C  CA  . SER A 1 49  ? 14.290  2.074   -5.763  1.00 15.10 ? 465 SER A CA  1 
ATOM   372 C  C   . SER A 1 49  ? 13.780  1.138   -4.637  1.00 14.36 ? 465 SER A C   1 
ATOM   373 O  O   . SER A 1 49  ? 13.854  -0.080  -4.763  1.00 13.86 ? 465 SER A O   1 
ATOM   374 C  CB  . SER A 1 49  ? 15.803  2.277   -5.587  1.00 15.62 ? 465 SER A CB  1 
ATOM   375 O  OG  . SER A 1 49  ? 16.357  2.969   -6.714  1.00 16.09 ? 465 SER A OG  1 
ATOM   376 N  N   . ARG A 1 50  ? 13.301  1.727   -3.534  1.00 14.78 ? 466 ARG A N   1 
ATOM   377 C  CA  . ARG A 1 50  ? 13.030  0.979   -2.304  1.00 14.98 ? 466 ARG A CA  1 
ATOM   378 C  C   . ARG A 1 50  ? 12.069  1.794   -1.443  1.00 14.79 ? 466 ARG A C   1 
ATOM   379 O  O   . ARG A 1 50  ? 11.835  2.982   -1.698  1.00 13.27 ? 466 ARG A O   1 
ATOM   380 C  CB  . ARG A 1 50  ? 14.323  0.719   -1.518  1.00 15.26 ? 466 ARG A CB  1 
ATOM   381 C  CG  . ARG A 1 50  ? 14.932  1.989   -0.887  1.00 15.45 ? 466 ARG A CG  1 
ATOM   382 C  CD  . ARG A 1 50  ? 16.423  1.815   -0.467  1.00 16.99 ? 466 ARG A CD  1 
ATOM   383 N  NE  . ARG A 1 50  ? 17.276  1.512   -1.607  1.00 20.97 ? 466 ARG A NE  1 
ATOM   384 C  CZ  . ARG A 1 50  ? 17.800  2.410   -2.433  1.00 21.23 ? 466 ARG A CZ  1 
ATOM   385 N  NH1 . ARG A 1 50  ? 17.582  3.710   -2.246  1.00 23.10 ? 466 ARG A NH1 1 
ATOM   386 N  NH2 . ARG A 1 50  ? 18.545  2.004   -3.442  1.00 19.24 ? 466 ARG A NH2 1 
ATOM   387 N  N   . GLY A 1 51  ? 11.504  1.124   -0.446  1.00 14.45 ? 467 GLY A N   1 
ATOM   388 C  CA  . GLY A 1 51  ? 10.603  1.774   0.517   1.00 14.93 ? 467 GLY A CA  1 
ATOM   389 C  C   . GLY A 1 51  ? 10.737  1.161   1.913   1.00 14.67 ? 467 GLY A C   1 
ATOM   390 O  O   . GLY A 1 51  ? 11.030  -0.048  2.071   1.00 15.56 ? 467 GLY A O   1 
ATOM   391 N  N   . ARG A 1 52  ? 10.466  1.995   2.915   1.00 13.89 ? 468 ARG A N   1 
ATOM   392 C  CA  . ARG A 1 52  ? 10.248  1.559   4.281   1.00 14.16 ? 468 ARG A CA  1 
ATOM   393 C  C   . ARG A 1 52  ? 8.729   1.582   4.552   1.00 13.39 ? 468 ARG A C   1 
ATOM   394 O  O   . ARG A 1 52  ? 8.071   2.558   4.206   1.00 15.43 ? 468 ARG A O   1 
ATOM   395 C  CB  . ARG A 1 52  ? 10.988  2.499   5.238   1.00 13.19 ? 468 ARG A CB  1 
ATOM   396 C  CG  . ARG A 1 52  ? 10.846  2.136   6.722   1.00 16.78 ? 468 ARG A CG  1 
ATOM   397 C  CD  . ARG A 1 52  ? 11.741  2.991   7.633   1.00 14.91 ? 468 ARG A CD  1 
ATOM   398 N  NE  . ARG A 1 52  ? 11.376  4.403   7.655   1.00 18.20 ? 468 ARG A NE  1 
ATOM   399 C  CZ  . ARG A 1 52  ? 10.423  4.903   8.449   1.00 16.56 ? 468 ARG A CZ  1 
ATOM   400 N  NH1 . ARG A 1 52  ? 10.124  6.196   8.406   1.00 15.80 ? 468 ARG A NH1 1 
ATOM   401 N  NH2 . ARG A 1 52  ? 9.769   4.099   9.281   1.00 15.40 ? 468 ARG A NH2 1 
ATOM   402 N  N   . ALA A 1 53  ? 8.196   0.504   5.124   1.00 14.07 ? 469 ALA A N   1 
ATOM   403 C  CA  . ALA A 1 53  ? 6.788   0.440   5.556   1.00 14.51 ? 469 ALA A CA  1 
ATOM   404 C  C   . ALA A 1 53  ? 6.463   1.452   6.657   1.00 15.34 ? 469 ALA A C   1 
ATOM   405 O  O   . ALA A 1 53  ? 7.166   1.553   7.676   1.00 16.91 ? 469 ALA A O   1 
ATOM   406 C  CB  . ALA A 1 53  ? 6.431   -0.972  6.017   1.00 14.59 ? 469 ALA A CB  1 
ATOM   407 N  N   . LEU A 1 54  ? 5.372   2.187   6.463   1.00 15.66 ? 470 LEU A N   1 
ATOM   408 C  CA  . LEU A 1 54  ? 4.835   3.060   7.515   1.00 14.72 ? 470 LEU A CA  1 
ATOM   409 C  C   . LEU A 1 54  ? 3.536   2.423   8.002   1.00 14.89 ? 470 LEU A C   1 
ATOM   410 O  O   . LEU A 1 54  ? 2.595   2.227   7.219   1.00 15.14 ? 470 LEU A O   1 
ATOM   411 C  CB  . LEU A 1 54  ? 4.583   4.474   6.988   1.00 13.89 ? 470 LEU A CB  1 
ATOM   412 C  CG  . LEU A 1 54  ? 5.800   5.202   6.355   1.00 12.76 ? 470 LEU A CG  1 
ATOM   413 C  CD1 . LEU A 1 54  ? 5.507   6.689   6.042   1.00 14.44 ? 470 LEU A CD1 1 
ATOM   414 C  CD2 . LEU A 1 54  ? 7.048   5.064   7.237   1.00 12.79 ? 470 LEU A CD2 1 
ATOM   415 N  N   . SER A 1 55  ? 3.523   2.011   9.261   1.00 14.56 ? 471 SER A N   1 
ATOM   416 C  CA  . SER A 1 55  ? 2.344   1.358   9.828   1.00 14.44 ? 471 SER A CA  1 
ATOM   417 C  C   . SER A 1 55  ? 1.444   2.468   10.348  1.00 14.18 ? 471 SER A C   1 
ATOM   418 O  O   . SER A 1 55  ? 1.921   3.453   10.943  1.00 12.64 ? 471 SER A O   1 
ATOM   419 C  CB  . SER A 1 55  ? 2.736   0.374   10.958  1.00 13.57 ? 471 SER A CB  1 
ATOM   420 O  OG  . SER A 1 55  ? 3.629   0.973   11.880  1.00 15.06 ? 471 SER A OG  1 
ATOM   421 N  N   . SER A 1 56  ? 0.142   2.312   10.115  1.00 14.28 ? 472 SER A N   1 
ATOM   422 C  CA  . SER A 1 56  ? -0.862  3.266   10.599  1.00 14.48 ? 472 SER A CA  1 
ATOM   423 C  C   . SER A 1 56  ? -0.510  4.707   10.291  1.00 14.91 ? 472 SER A C   1 
ATOM   424 O  O   . SER A 1 56  ? -0.481  5.560   11.193  1.00 15.20 ? 472 SER A O   1 
ATOM   425 C  CB  . SER A 1 56  ? -1.149  3.058   12.102  1.00 15.40 ? 472 SER A CB  1 
ATOM   426 O  OG  . SER A 1 56  ? -2.013  1.949   12.258  1.00 15.56 ? 472 SER A OG  1 
ATOM   427 N  N   . TYR A 1 57  ? -0.215  4.966   9.013   1.00 14.45 ? 473 TYR A N   1 
ATOM   428 C  CA  . TYR A 1 57  ? -0.047  6.325   8.521   1.00 15.41 ? 473 TYR A CA  1 
ATOM   429 C  C   . TYR A 1 57  ? -1.393  7.057   8.624   1.00 15.20 ? 473 TYR A C   1 
ATOM   430 O  O   . TYR A 1 57  ? -1.435  8.250   8.950   1.00 14.13 ? 473 TYR A O   1 
ATOM   431 C  CB  . TYR A 1 57  ? 0.485   6.337   7.099   1.00 15.07 ? 473 TYR A CB  1 
ATOM   432 C  CG  . TYR A 1 57  ? 0.866   7.714   6.615   1.00 16.68 ? 473 TYR A CG  1 
ATOM   433 C  CD1 . TYR A 1 57  ? 2.173   8.165   6.749   1.00 17.49 ? 473 TYR A CD1 1 
ATOM   434 C  CD2 . TYR A 1 57  ? -0.089  8.570   6.046   1.00 15.15 ? 473 TYR A CD2 1 
ATOM   435 C  CE1 . TYR A 1 57  ? 2.538   9.435   6.291   1.00 18.20 ? 473 TYR A CE1 1 
ATOM   436 C  CE2 . TYR A 1 57  ? 0.248   9.849   5.611   1.00 17.60 ? 473 TYR A CE2 1 
ATOM   437 C  CZ  . TYR A 1 57  ? 1.561   10.272  5.727   1.00 18.28 ? 473 TYR A CZ  1 
ATOM   438 O  OH  . TYR A 1 57  ? 1.885   11.521  5.281   1.00 20.06 ? 473 TYR A OH  1 
ATOM   439 N  N   . GLY A 1 58  ? -2.480  6.323   8.362   1.00 15.55 ? 474 GLY A N   1 
ATOM   440 C  CA  . GLY A 1 58  ? -3.845  6.832   8.536   1.00 14.70 ? 474 GLY A CA  1 
ATOM   441 C  C   . GLY A 1 58  ? -4.315  7.839   7.475   1.00 14.92 ? 474 GLY A C   1 
ATOM   442 O  O   . GLY A 1 58  ? -3.621  8.136   6.480   1.00 15.64 ? 474 GLY A O   1 
ATOM   443 N  N   . GLY A 1 59  ? -5.492  8.396   7.722   1.00 15.31 ? 475 GLY A N   1 
ATOM   444 C  CA  . GLY A 1 59  ? -5.934  9.617   7.052   1.00 14.17 ? 475 GLY A CA  1 
ATOM   445 C  C   . GLY A 1 59  ? -6.624  9.395   5.711   1.00 13.98 ? 475 GLY A C   1 
ATOM   446 O  O   . GLY A 1 59  ? -7.018  10.350  5.097   1.00 14.63 ? 475 GLY A O   1 
ATOM   447 N  N   . GLY A 1 60  ? -6.792  8.156   5.259   1.00 14.37 ? 476 GLY A N   1 
ATOM   448 C  CA  . GLY A 1 60  ? -7.493  7.904   4.000   1.00 14.40 ? 476 GLY A CA  1 
ATOM   449 C  C   . GLY A 1 60  ? -9.002  7.887   4.220   1.00 14.67 ? 476 GLY A C   1 
ATOM   450 O  O   . GLY A 1 60  ? -9.472  7.994   5.350   1.00 15.85 ? 476 GLY A O   1 
ATOM   451 N  N   . SER A 1 61  ? -9.756  7.748   3.143   1.00 14.94 ? 477 SER A N   1 
ATOM   452 C  CA  . SER A 1 61  ? -11.216 7.613   3.229   1.00 15.38 ? 477 SER A CA  1 
ATOM   453 C  C   . SER A 1 61  ? -11.706 6.761   2.061   1.00 15.68 ? 477 SER A C   1 
ATOM   454 O  O   . SER A 1 61  ? -10.917 6.386   1.199   1.00 16.88 ? 477 SER A O   1 
ATOM   455 C  CB  . SER A 1 61  ? -11.892 8.994   3.218   1.00 14.06 ? 477 SER A CB  1 
ATOM   456 O  OG  . SER A 1 61  ? -11.806 9.586   1.922   1.00 17.61 ? 477 SER A OG  1 
ATOM   457 N  N   . GLY A 1 62  ? -13.008 6.462   2.034   1.00 16.23 ? 478 GLY A N   1 
ATOM   458 C  CA  . GLY A 1 62  ? -13.556 5.561   1.029   1.00 16.12 ? 478 GLY A CA  1 
ATOM   459 C  C   . GLY A 1 62  ? -13.237 4.097   1.280   1.00 15.94 ? 478 GLY A C   1 
ATOM   460 O  O   . GLY A 1 62  ? -13.245 3.605   2.423   1.00 15.64 ? 478 GLY A O   1 
ATOM   461 N  N   . ASN A 1 63  ? -12.988 3.374   0.201   1.00 16.21 ? 479 ASN A N   1 
ATOM   462 C  CA  . ASN A 1 63  ? -12.750 1.943   0.318   1.00 16.09 ? 479 ASN A CA  1 
ATOM   463 C  C   . ASN A 1 63  ? -11.349 1.605   0.814   1.00 16.46 ? 479 ASN A C   1 
ATOM   464 O  O   . ASN A 1 63  ? -10.362 2.279   0.477   1.00 16.69 ? 479 ASN A O   1 
ATOM   465 C  CB  . ASN A 1 63  ? -13.104 1.232   -0.987  1.00 17.32 ? 479 ASN A CB  1 
ATOM   466 C  CG  . ASN A 1 63  ? -14.606 1.033   -1.138  1.00 16.99 ? 479 ASN A CG  1 
ATOM   467 O  OD1 . ASN A 1 63  ? -15.259 1.688   -1.963  1.00 24.35 ? 479 ASN A OD1 1 
ATOM   468 N  ND2 . ASN A 1 63  ? -15.171 0.179   -0.295  1.00 16.58 ? 479 ASN A ND2 1 
ATOM   469 N  N   . ILE A 1 64  ? -11.278 0.601   1.681   1.00 16.72 ? 480 ILE A N   1 
ATOM   470 C  CA  . ILE A 1 64  ? -9.987  -0.056  1.997   1.00 16.31 ? 480 ILE A CA  1 
ATOM   471 C  C   . ILE A 1 64  ? -9.904  -1.274  1.067   1.00 16.72 ? 480 ILE A C   1 
ATOM   472 O  O   . ILE A 1 64  ? -10.744 -2.174  1.140   1.00 16.19 ? 480 ILE A O   1 
ATOM   473 C  CB  . ILE A 1 64  ? -9.885  -0.449  3.492   1.00 16.48 ? 480 ILE A CB  1 
ATOM   474 C  CG1 . ILE A 1 64  ? -10.027 0.816   4.359   1.00 16.63 ? 480 ILE A CG1 1 
ATOM   475 C  CG2 . ILE A 1 64  ? -8.554  -1.139  3.792   1.00 16.96 ? 480 ILE A CG2 1 
ATOM   476 C  CD1 . ILE A 1 64  ? -10.258 0.578   5.823   1.00 16.49 ? 480 ILE A CD1 1 
ATOM   477 N  N   . TRP A 1 65  ? -8.956  -1.260  0.132   1.00 16.12 ? 481 TRP A N   1 
ATOM   478 C  CA  . TRP A 1 65  ? -8.988  -2.261  -0.925  1.00 15.91 ? 481 TRP A CA  1 
ATOM   479 C  C   . TRP A 1 65  ? -8.172  -3.484  -0.614  1.00 16.38 ? 481 TRP A C   1 
ATOM   480 O  O   . TRP A 1 65  ? -8.485  -4.539  -1.133  1.00 18.33 ? 481 TRP A O   1 
ATOM   481 C  CB  . TRP A 1 65  ? -8.529  -1.711  -2.306  1.00 15.48 ? 481 TRP A CB  1 
ATOM   482 C  CG  . TRP A 1 65  ? -9.511  -0.829  -3.068  1.00 16.15 ? 481 TRP A CG  1 
ATOM   483 C  CD1 . TRP A 1 65  ? -9.194  0.299   -3.787  1.00 15.23 ? 481 TRP A CD1 1 
ATOM   484 C  CD2 . TRP A 1 65  ? -10.937 -0.997  -3.194  1.00 14.92 ? 481 TRP A CD2 1 
ATOM   485 N  NE1 . TRP A 1 65  ? -10.326 0.840   -4.359  1.00 16.02 ? 481 TRP A NE1 1 
ATOM   486 C  CE2 . TRP A 1 65  ? -11.415 0.079   -4.005  1.00 18.08 ? 481 TRP A CE2 1 
ATOM   487 C  CE3 . TRP A 1 65  ? -11.861 -1.939  -2.697  1.00 17.67 ? 481 TRP A CE3 1 
ATOM   488 C  CZ2 . TRP A 1 65  ? -12.785 0.230   -4.344  1.00 16.38 ? 481 TRP A CZ2 1 
ATOM   489 C  CZ3 . TRP A 1 65  ? -13.234 -1.775  -3.000  1.00 17.23 ? 481 TRP A CZ3 1 
ATOM   490 C  CH2 . TRP A 1 65  ? -13.678 -0.705  -3.831  1.00 16.71 ? 481 TRP A CH2 1 
ATOM   491 N  N   . LEU A 1 66  ? -7.082  -3.323  0.132   1.00 16.60 ? 482 LEU A N   1 
ATOM   492 C  CA  . LEU A 1 66  ? -6.146  -4.421  0.395   1.00 17.09 ? 482 LEU A CA  1 
ATOM   493 C  C   . LEU A 1 66  ? -5.866  -4.552  1.878   1.00 17.36 ? 482 LEU A C   1 
ATOM   494 O  O   . LEU A 1 66  ? -5.946  -3.573  2.627   1.00 17.34 ? 482 LEU A O   1 
ATOM   495 C  CB  . LEU A 1 66  ? -4.822  -4.225  -0.365  1.00 17.10 ? 482 LEU A CB  1 
ATOM   496 C  CG  . LEU A 1 66  ? -4.905  -4.391  -1.881  1.00 18.22 ? 482 LEU A CG  1 
ATOM   497 C  CD1 . LEU A 1 66  ? -3.605  -3.912  -2.501  1.00 17.34 ? 482 LEU A CD1 1 
ATOM   498 C  CD2 . LEU A 1 66  ? -5.228  -5.831  -2.255  1.00 17.82 ? 482 LEU A CD2 1 
ATOM   499 N  N   . ASP A 1 67  ? -5.509  -5.767  2.290   1.00 17.71 ? 483 ASP A N   1 
ATOM   500 C  CA  . ASP A 1 67  ? -5.121  -6.042  3.667   1.00 18.79 ? 483 ASP A CA  1 
ATOM   501 C  C   . ASP A 1 67  ? -4.191  -7.228  3.558   1.00 19.49 ? 483 ASP A C   1 
ATOM   502 O  O   . ASP A 1 67  ? -4.289  -7.997  2.584   1.00 18.98 ? 483 ASP A O   1 
ATOM   503 C  CB  . ASP A 1 67  ? -6.372  -6.400  4.487   1.00 19.03 ? 483 ASP A CB  1 
ATOM   504 C  CG  . ASP A 1 67  ? -6.110  -6.445  5.997   1.00 22.06 ? 483 ASP A CG  1 
ATOM   505 O  OD1 . ASP A 1 67  ? -5.044  -5.991  6.466   1.00 23.01 ? 483 ASP A OD1 1 
ATOM   506 O  OD2 . ASP A 1 67  ? -7.000  -6.935  6.722   1.00 24.64 ? 483 ASP A OD2 1 
ATOM   507 N  N   . ASN A 1 68  ? -3.271  -7.362  4.509   1.00 20.01 ? 484 ASN A N   1 
ATOM   508 C  CA  . ASN A 1 68  ? -2.399  -8.526  4.572   1.00 20.64 ? 484 ASN A CA  1 
ATOM   509 C  C   . ASN A 1 68  ? -1.605  -8.761  3.292   1.00 20.42 ? 484 ASN A C   1 
ATOM   510 O  O   . ASN A 1 68  ? -1.626  -9.875  2.740   1.00 21.55 ? 484 ASN A O   1 
ATOM   511 C  CB  . ASN A 1 68  ? -3.227  -9.781  4.932   1.00 20.63 ? 484 ASN A CB  1 
ATOM   512 C  CG  . ASN A 1 68  ? -3.913  -9.640  6.276   1.00 22.08 ? 484 ASN A CG  1 
ATOM   513 O  OD1 . ASN A 1 68  ? -3.263  -9.644  7.322   1.00 22.76 ? 484 ASN A OD1 1 
ATOM   514 N  ND2 . ASN A 1 68  ? -5.220  -9.463  6.250   1.00 24.11 ? 484 ASN A ND2 1 
ATOM   515 N  N   . VAL A 1 69  ? -0.975  -7.702  2.793   1.00 19.39 ? 485 VAL A N   1 
ATOM   516 C  CA  . VAL A 1 69  ? -0.127  -7.793  1.608   1.00 18.99 ? 485 VAL A CA  1 
ATOM   517 C  C   . VAL A 1 69  ? 1.159   -8.566  1.954   1.00 19.83 ? 485 VAL A C   1 
ATOM   518 O  O   . VAL A 1 69  ? 1.765   -8.323  2.984   1.00 19.61 ? 485 VAL A O   1 
ATOM   519 C  CB  . VAL A 1 69  ? 0.209   -6.388  1.023   1.00 19.15 ? 485 VAL A CB  1 
ATOM   520 C  CG1 . VAL A 1 69  ? 1.101   -6.525  -0.218  1.00 15.94 ? 485 VAL A CG1 1 
ATOM   521 C  CG2 . VAL A 1 69  ? -1.071  -5.620  0.682   1.00 16.51 ? 485 VAL A CG2 1 
ATOM   522 N  N   . ASN A 1 70  ? 1.535   -9.515  1.094   1.00 21.81 ? 486 ASN A N   1 
ATOM   523 C  CA  . ASN A 1 70  ? 2.646   -10.438 1.354   1.00 23.49 ? 486 ASN A CA  1 
ATOM   524 C  C   . ASN A 1 70  ? 3.605   -10.510 0.134   1.00 23.77 ? 486 ASN A C   1 
ATOM   525 O  O   . ASN A 1 70  ? 3.841   -11.597 -0.409  1.00 23.20 ? 486 ASN A O   1 
ATOM   526 C  CB  . ASN A 1 70  ? 2.129   -11.862 1.717   1.00 23.90 ? 486 ASN A CB  1 
ATOM   527 C  CG  . ASN A 1 70  ? 0.927   -11.851 2.681   1.00 27.49 ? 486 ASN A CG  1 
ATOM   528 O  OD1 . ASN A 1 70  ? 1.016   -11.366 3.827   1.00 30.59 ? 486 ASN A OD1 1 
ATOM   529 N  ND2 . ASN A 1 70  ? -0.209  -12.378 2.211   1.00 30.29 ? 486 ASN A ND2 1 
ATOM   530 N  N   . CYS A 1 71  ? 4.146   -9.363  -0.287  1.00 23.86 ? 487 CYS A N   1 
ATOM   531 C  CA  . CYS A 1 71  ? 5.183   -9.319  -1.327  1.00 24.20 ? 487 CYS A CA  1 
ATOM   532 C  C   . CYS A 1 71  ? 6.469   -9.965  -0.858  1.00 25.70 ? 487 CYS A C   1 
ATOM   533 O  O   . CYS A 1 71  ? 6.861   -9.824  0.311   1.00 25.42 ? 487 CYS A O   1 
ATOM   534 C  CB  . CYS A 1 71  ? 5.512   -7.873  -1.747  1.00 24.11 ? 487 CYS A CB  1 
ATOM   535 S  SG  . CYS A 1 71  ? 4.134   -6.929  -2.421  1.00 19.52 ? 487 CYS A SG  1 
ATOM   536 N  N   . ARG A 1 72  ? 7.154   -10.625 -1.788  1.00 27.25 ? 488 ARG A N   1 
ATOM   537 C  CA  . ARG A 1 72  ? 8.508   -11.112 -1.530  1.00 29.35 ? 488 ARG A CA  1 
ATOM   538 C  C   . ARG A 1 72  ? 9.497   -9.949  -1.523  1.00 29.36 ? 488 ARG A C   1 
ATOM   539 O  O   . ARG A 1 72  ? 10.518  -10.013 -0.849  1.00 29.66 ? 488 ARG A O   1 
ATOM   540 C  CB  . ARG A 1 72  ? 8.909   -12.211 -2.529  1.00 29.98 ? 488 ARG A CB  1 
ATOM   541 C  CG  . ARG A 1 72  ? 7.915   -13.386 -2.593  1.00 33.24 ? 488 ARG A CG  1 
ATOM   542 C  CD  . ARG A 1 72  ? 7.797   -14.229 -1.293  1.00 39.70 ? 488 ARG A CD  1 
ATOM   543 N  NE  . ARG A 1 72  ? 6.708   -15.212 -1.399  1.00 44.56 ? 488 ARG A NE  1 
ATOM   544 C  CZ  . ARG A 1 72  ? 5.538   -15.140 -0.751  1.00 47.36 ? 488 ARG A CZ  1 
ATOM   545 N  NH1 . ARG A 1 72  ? 5.282   -14.148 0.103   1.00 48.54 ? 488 ARG A NH1 1 
ATOM   546 N  NH2 . ARG A 1 72  ? 4.616   -16.074 -0.944  1.00 47.54 ? 488 ARG A NH2 1 
ATOM   547 N  N   . GLY A 1 73  ? 9.173   -8.877  -2.249  1.00 29.93 ? 489 GLY A N   1 
ATOM   548 C  CA  . GLY A 1 73  ? 10.031  -7.692  -2.319  1.00 30.45 ? 489 GLY A CA  1 
ATOM   549 C  C   . GLY A 1 73  ? 10.664  -7.562  -3.684  1.00 30.69 ? 489 GLY A C   1 
ATOM   550 O  O   . GLY A 1 73  ? 11.309  -6.562  -4.000  1.00 31.45 ? 489 GLY A O   1 
ATOM   551 N  N   . THR A 1 74  ? 10.459  -8.584  -4.502  1.00 30.97 ? 490 THR A N   1 
ATOM   552 C  CA  . THR A 1 74  ? 11.059  -8.656  -5.826  1.00 31.45 ? 490 THR A CA  1 
ATOM   553 C  C   . THR A 1 74  ? 10.060  -8.362  -6.966  1.00 31.57 ? 490 THR A C   1 
ATOM   554 O  O   . THR A 1 74  ? 10.468  -8.153  -8.114  1.00 32.62 ? 490 THR A O   1 
ATOM   555 C  CB  . THR A 1 74  ? 11.708  -10.047 -6.016  1.00 31.27 ? 490 THR A CB  1 
ATOM   556 O  OG1 . THR A 1 74  ? 10.712  -11.053 -5.805  1.00 29.99 ? 490 THR A OG1 1 
ATOM   557 C  CG2 . THR A 1 74  ? 12.815  -10.257 -4.979  1.00 32.17 ? 490 THR A CG2 1 
ATOM   558 N  N   . GLU A 1 75  ? 8.761   -8.331  -6.657  1.00 31.29 ? 491 GLU A N   1 
ATOM   559 C  CA  . GLU A 1 75  ? 7.722   -8.162  -7.690  1.00 30.78 ? 491 GLU A CA  1 
ATOM   560 C  C   . GLU A 1 75  ? 7.836   -6.842  -8.475  1.00 30.68 ? 491 GLU A C   1 
ATOM   561 O  O   . GLU A 1 75  ? 8.385   -5.852  -7.980  1.00 31.18 ? 491 GLU A O   1 
ATOM   562 C  CB  . GLU A 1 75  ? 6.308   -8.339  -7.095  1.00 30.76 ? 491 GLU A CB  1 
ATOM   563 C  CG  . GLU A 1 75  ? 5.992   -9.734  -6.499  1.00 30.12 ? 491 GLU A CG  1 
ATOM   564 C  CD  . GLU A 1 75  ? 6.535   -9.938  -5.081  1.00 30.79 ? 491 GLU A CD  1 
ATOM   565 O  OE1 . GLU A 1 75  ? 7.414   -9.162  -4.640  1.00 33.17 ? 491 GLU A OE1 1 
ATOM   566 O  OE2 . GLU A 1 75  ? 6.084   -10.883 -4.401  1.00 30.56 ? 491 GLU A OE2 1 
ATOM   567 N  N   . ASN A 1 76  ? 7.360   -6.846  -9.716  1.00 30.27 ? 492 ASN A N   1 
ATOM   568 C  CA  . ASN A 1 76  ? 7.335   -5.645  -10.564 1.00 30.13 ? 492 ASN A CA  1 
ATOM   569 C  C   . ASN A 1 76  ? 6.075   -4.826  -10.279 1.00 29.21 ? 492 ASN A C   1 
ATOM   570 O  O   . ASN A 1 76  ? 6.013   -3.635  -10.573 1.00 29.82 ? 492 ASN A O   1 
ATOM   571 C  CB  . ASN A 1 76  ? 7.370   -6.056  -12.051 1.00 31.11 ? 492 ASN A CB  1 
ATOM   572 C  CG  . ASN A 1 76  ? 7.916   -4.984  -12.958 0.50 31.97 ? 492 ASN A CG  1 
ATOM   573 O  OD1 . ASN A 1 76  ? 9.106   -4.655  -12.920 0.50 34.85 ? 492 ASN A OD1 1 
ATOM   574 N  ND2 . ASN A 1 76  ? 7.057   -4.470  -13.837 0.50 34.55 ? 492 ASN A ND2 1 
ATOM   575 N  N   . SER A 1 77  ? 5.074   -5.483  -9.711  1.00 27.46 ? 493 SER A N   1 
ATOM   576 C  CA  . SER A 1 77  ? 3.824   -4.856  -9.376  1.00 25.46 ? 493 SER A CA  1 
ATOM   577 C  C   . SER A 1 77  ? 3.223   -5.466  -8.096  1.00 24.75 ? 493 SER A C   1 
ATOM   578 O  O   . SER A 1 77  ? 3.393   -6.659  -7.802  1.00 23.20 ? 493 SER A O   1 
ATOM   579 C  CB  . SER A 1 77  ? 2.839   -5.019  -10.531 1.00 25.27 ? 493 SER A CB  1 
ATOM   580 O  OG  . SER A 1 77  ? 1.558   -4.593  -10.137 1.00 25.43 ? 493 SER A OG  1 
ATOM   581 N  N   . LEU A 1 78  ? 2.528   -4.613  -7.347  1.00 23.04 ? 494 LEU A N   1 
ATOM   582 C  CA  . LEU A 1 78  ? 1.727   -5.022  -6.209  1.00 23.48 ? 494 LEU A CA  1 
ATOM   583 C  C   . LEU A 1 78  ? 0.686   -6.093  -6.582  1.00 22.51 ? 494 LEU A C   1 
ATOM   584 O  O   . LEU A 1 78  ? 0.322   -6.947  -5.762  1.00 21.91 ? 494 LEU A O   1 
ATOM   585 C  CB  . LEU A 1 78  ? 1.019   -3.787  -5.655  1.00 23.41 ? 494 LEU A CB  1 
ATOM   586 C  CG  . LEU A 1 78  ? 0.531   -3.875  -4.220  1.00 26.43 ? 494 LEU A CG  1 
ATOM   587 C  CD1 . LEU A 1 78  ? 1.717   -4.117  -3.282  1.00 27.45 ? 494 LEU A CD1 1 
ATOM   588 C  CD2 . LEU A 1 78  ? -0.240  -2.595  -3.873  1.00 24.92 ? 494 LEU A CD2 1 
ATOM   589 N  N   . TRP A 1 79  ? 0.196   -6.027  -7.817  1.00 22.93 ? 495 TRP A N   1 
ATOM   590 C  CA  . TRP A 1 79  ? -0.811  -6.973  -8.320  1.00 23.70 ? 495 TRP A CA  1 
ATOM   591 C  C   . TRP A 1 79  ? -0.275  -8.411  -8.385  1.00 23.87 ? 495 TRP A C   1 
ATOM   592 O  O   . TRP A 1 79  ? -1.043  -9.360  -8.331  1.00 24.65 ? 495 TRP A O   1 
ATOM   593 C  CB  . TRP A 1 79  ? -1.274  -6.537  -9.711  1.00 23.99 ? 495 TRP A CB  1 
ATOM   594 C  CG  . TRP A 1 79  ? -2.465  -5.642  -9.709  1.00 24.58 ? 495 TRP A CG  1 
ATOM   595 C  CD1 . TRP A 1 79  ? -3.737  -5.979  -10.088 1.00 25.45 ? 495 TRP A CD1 1 
ATOM   596 C  CD2 . TRP A 1 79  ? -2.517  -4.255  -9.324  1.00 25.21 ? 495 TRP A CD2 1 
ATOM   597 N  NE1 . TRP A 1 79  ? -4.571  -4.892  -9.967  1.00 26.02 ? 495 TRP A NE1 1 
ATOM   598 C  CE2 . TRP A 1 79  ? -3.849  -3.823  -9.500  1.00 26.04 ? 495 TRP A CE2 1 
ATOM   599 C  CE3 . TRP A 1 79  ? -1.568  -3.339  -8.855  1.00 26.39 ? 495 TRP A CE3 1 
ATOM   600 C  CZ2 . TRP A 1 79  ? -4.261  -2.516  -9.206  1.00 26.17 ? 495 TRP A CZ2 1 
ATOM   601 C  CZ3 . TRP A 1 79  ? -1.981  -2.045  -8.556  1.00 25.06 ? 495 TRP A CZ3 1 
ATOM   602 C  CH2 . TRP A 1 79  ? -3.312  -1.645  -8.748  1.00 25.70 ? 495 TRP A CH2 1 
ATOM   603 N  N   . ASP A 1 80  ? 1.042   -8.558  -8.503  1.00 23.86 ? 496 ASP A N   1 
ATOM   604 C  CA  . ASP A 1 80  ? 1.706   -9.869  -8.508  1.00 23.90 ? 496 ASP A CA  1 
ATOM   605 C  C   . ASP A 1 80  ? 1.978   -10.421 -7.096  1.00 23.76 ? 496 ASP A C   1 
ATOM   606 O  O   . ASP A 1 80  ? 2.391   -11.569 -6.934  1.00 24.25 ? 496 ASP A O   1 
ATOM   607 C  CB  . ASP A 1 80  ? 3.029   -9.782  -9.289  1.00 23.95 ? 496 ASP A CB  1 
ATOM   608 C  CG  . ASP A 1 80  ? 2.823   -9.353  -10.746 1.00 25.21 ? 496 ASP A CG  1 
ATOM   609 O  OD1 . ASP A 1 80  ? 1.760   -9.684  -11.328 1.00 27.94 ? 496 ASP A OD1 1 
ATOM   610 O  OD2 . ASP A 1 80  ? 3.700   -8.652  -11.299 1.00 28.45 ? 496 ASP A OD2 1 
ATOM   611 N  N   . CYS A 1 81  ? 1.760   -9.598  -6.077  1.00 22.87 ? 497 CYS A N   1 
ATOM   612 C  CA  . CYS A 1 81  ? 2.040   -10.009 -4.720  1.00 22.78 ? 497 CYS A CA  1 
ATOM   613 C  C   . CYS A 1 81  ? 0.873   -10.816 -4.186  1.00 22.50 ? 497 CYS A C   1 
ATOM   614 O  O   . CYS A 1 81  ? -0.281  -10.524 -4.496  1.00 22.56 ? 497 CYS A O   1 
ATOM   615 C  CB  . CYS A 1 81  ? 2.240   -8.776  -3.827  1.00 22.25 ? 497 CYS A CB  1 
ATOM   616 S  SG  . CYS A 1 81  ? 3.728   -7.859  -4.194  1.00 21.73 ? 497 CYS A SG  1 
ATOM   617 N  N   A SER A 1 82  ? 1.184   -11.824 -3.376  0.50 23.03 ? 498 SER A N   1 
ATOM   618 N  N   B SER A 1 82  ? 1.173   -11.827 -3.372  0.50 23.03 ? 498 SER A N   1 
ATOM   619 C  CA  A SER A 1 82  ? 0.197   -12.435 -2.493  0.50 23.18 ? 498 SER A CA  1 
ATOM   620 C  CA  B SER A 1 82  ? 0.149   -12.449 -2.535  0.50 23.15 ? 498 SER A CA  1 
ATOM   621 C  C   A SER A 1 82  ? -0.426  -11.346 -1.605  0.50 23.35 ? 498 SER A C   1 
ATOM   622 C  C   B SER A 1 82  ? -0.423  -11.398 -1.572  0.50 23.34 ? 498 SER A C   1 
ATOM   623 O  O   A SER A 1 82  ? 0.282   -10.455 -1.136  0.50 23.57 ? 498 SER A O   1 
ATOM   624 O  O   B SER A 1 82  ? 0.317   -10.584 -1.023  0.50 23.56 ? 498 SER A O   1 
ATOM   625 C  CB  A SER A 1 82  ? 0.876   -13.493 -1.624  0.50 23.07 ? 498 SER A CB  1 
ATOM   626 C  CB  B SER A 1 82  ? 0.725   -13.634 -1.756  0.50 23.12 ? 498 SER A CB  1 
ATOM   627 O  OG  A SER A 1 82  ? 0.004   -13.989 -0.635  0.50 24.65 ? 498 SER A OG  1 
ATOM   628 O  OG  B SER A 1 82  ? 1.049   -14.703 -2.635  0.50 24.34 ? 498 SER A OG  1 
ATOM   629 N  N   . LYS A 1 83  ? -1.743  -11.411 -1.412  1.00 23.46 ? 499 LYS A N   1 
ATOM   630 C  CA  . LYS A 1 83  ? -2.475  -10.447 -0.579  1.00 22.72 ? 499 LYS A CA  1 
ATOM   631 C  C   . LYS A 1 83  ? -3.891  -10.987 -0.390  1.00 22.50 ? 499 LYS A C   1 
ATOM   632 O  O   . LYS A 1 83  ? -4.336  -11.849 -1.156  1.00 21.88 ? 499 LYS A O   1 
ATOM   633 C  CB  . LYS A 1 83  ? -2.527  -9.058  -1.260  1.00 22.72 ? 499 LYS A CB  1 
ATOM   634 C  CG  . LYS A 1 83  ? -3.172  -9.055  -2.666  1.00 22.18 ? 499 LYS A CG  1 
ATOM   635 C  CD  . LYS A 1 83  ? -2.573  -7.977  -3.573  1.00 22.32 ? 499 LYS A CD  1 
ATOM   636 C  CE  . LYS A 1 83  ? -3.085  -8.039  -5.002  1.00 23.31 ? 499 LYS A CE  1 
ATOM   637 N  NZ  . LYS A 1 83  ? -2.773  -9.332  -5.678  1.00 24.30 ? 499 LYS A NZ  1 
ATOM   638 N  N   . ASN A 1 84  ? -4.602  -10.487 0.617   1.00 21.54 ? 500 ASN A N   1 
ATOM   639 C  CA  . ASN A 1 84  ? -6.028  -10.779 0.766   1.00 21.74 ? 500 ASN A CA  1 
ATOM   640 C  C   . ASN A 1 84  ? -6.756  -10.414 -0.519  1.00 21.32 ? 500 ASN A C   1 
ATOM   641 O  O   . ASN A 1 84  ? -6.305  -9.536  -1.267  1.00 19.64 ? 500 ASN A O   1 
ATOM   642 C  CB  . ASN A 1 84  ? -6.662  -9.914  1.856   1.00 22.64 ? 500 ASN A CB  1 
ATOM   643 C  CG  . ASN A 1 84  ? -6.626  -10.543 3.257   1.00 26.27 ? 500 ASN A CG  1 
ATOM   644 O  OD1 . ASN A 1 84  ? -7.361  -10.090 4.146   1.00 31.67 ? 500 ASN A OD1 1 
ATOM   645 N  ND2 . ASN A 1 84  ? -5.775  -11.538 3.472   1.00 26.77 ? 500 ASN A ND2 1 
ATOM   646 N  N   . SER A 1 85  ? -7.902  -11.050 -0.744  1.00 21.05 ? 501 SER A N   1 
ATOM   647 C  CA  . SER A 1 85  ? -8.801  -10.678 -1.850  1.00 21.70 ? 501 SER A CA  1 
ATOM   648 C  C   . SER A 1 85  ? -9.181  -9.173  -1.730  1.00 21.88 ? 501 SER A C   1 
ATOM   649 O  O   . SER A 1 85  ? -9.244  -8.626  -0.622  1.00 21.82 ? 501 SER A O   1 
ATOM   650 C  CB  . SER A 1 85  ? -10.074 -11.547 -1.837  1.00 21.69 ? 501 SER A CB  1 
ATOM   651 O  OG  . SER A 1 85  ? -9.764  -12.947 -1.903  1.00 21.02 ? 501 SER A OG  1 
ATOM   652 N  N   . TRP A 1 86  ? -9.411  -8.524  -2.864  1.00 22.09 ? 502 TRP A N   1 
ATOM   653 C  CA  . TRP A 1 86  ? -9.749  -7.090  -2.887  1.00 22.33 ? 502 TRP A CA  1 
ATOM   654 C  C   . TRP A 1 86  ? -10.986 -6.765  -2.014  1.00 22.54 ? 502 TRP A C   1 
ATOM   655 O  O   . TRP A 1 86  ? -11.982 -7.495  -2.050  1.00 23.45 ? 502 TRP A O   1 
ATOM   656 C  CB  . TRP A 1 86  ? -9.994  -6.663  -4.326  1.00 21.97 ? 502 TRP A CB  1 
ATOM   657 C  CG  . TRP A 1 86  ? -8.770  -6.742  -5.227  1.00 22.66 ? 502 TRP A CG  1 
ATOM   658 C  CD1 . TRP A 1 86  ? -8.459  -7.743  -6.105  1.00 23.42 ? 502 TRP A CD1 1 
ATOM   659 C  CD2 . TRP A 1 86  ? -7.714  -5.776  -5.333  1.00 21.45 ? 502 TRP A CD2 1 
ATOM   660 N  NE1 . TRP A 1 86  ? -7.277  -7.458  -6.761  1.00 21.21 ? 502 TRP A NE1 1 
ATOM   661 C  CE2 . TRP A 1 86  ? -6.797  -6.261  -6.306  1.00 21.52 ? 502 TRP A CE2 1 
ATOM   662 C  CE3 . TRP A 1 86  ? -7.461  -4.536  -4.720  1.00 22.63 ? 502 TRP A CE3 1 
ATOM   663 C  CZ2 . TRP A 1 86  ? -5.640  -5.569  -6.659  1.00 21.94 ? 502 TRP A CZ2 1 
ATOM   664 C  CZ3 . TRP A 1 86  ? -6.303  -3.839  -5.077  1.00 21.56 ? 502 TRP A CZ3 1 
ATOM   665 C  CH2 . TRP A 1 86  ? -5.406  -4.368  -6.040  1.00 23.22 ? 502 TRP A CH2 1 
ATOM   666 N  N   . GLY A 1 87  ? -10.893 -5.696  -1.219  1.00 22.83 ? 503 GLY A N   1 
ATOM   667 C  CA  . GLY A 1 87  ? -11.945 -5.295  -0.275  1.00 22.03 ? 503 GLY A CA  1 
ATOM   668 C  C   . GLY A 1 87  ? -12.205 -6.247  0.899   1.00 22.12 ? 503 GLY A C   1 
ATOM   669 O  O   . GLY A 1 87  ? -13.185 -6.079  1.619   1.00 21.53 ? 503 GLY A O   1 
ATOM   670 N  N   . ASN A 1 88  ? -11.345 -7.252  1.099   1.00 21.50 ? 504 ASN A N   1 
ATOM   671 C  CA  . ASN A 1 88  ? -11.464 -8.142  2.270   1.00 23.45 ? 504 ASN A CA  1 
ATOM   672 C  C   . ASN A 1 88  ? -10.527 -7.658  3.386   1.00 22.94 ? 504 ASN A C   1 
ATOM   673 O  O   . ASN A 1 88  ? -9.313  -7.756  3.262   1.00 23.80 ? 504 ASN A O   1 
ATOM   674 C  CB  . ASN A 1 88  ? -11.163 -9.605  1.888   1.00 24.15 ? 504 ASN A CB  1 
ATOM   675 C  CG  . ASN A 1 88  ? -11.339 -10.571 3.048   1.00 27.25 ? 504 ASN A CG  1 
ATOM   676 O  OD1 . ASN A 1 88  ? -12.128 -10.331 3.966   1.00 30.56 ? 504 ASN A OD1 1 
ATOM   677 N  ND2 . ASN A 1 88  ? -10.593 -11.674 3.019   1.00 30.91 ? 504 ASN A ND2 1 
ATOM   678 N  N   . HIS A 1 89  ? -11.082 -7.080  4.442   1.00 22.68 ? 505 HIS A N   1 
ATOM   679 C  CA  . HIS A 1 89  ? -10.257 -6.504  5.506   1.00 22.41 ? 505 HIS A CA  1 
ATOM   680 C  C   . HIS A 1 89  ? -11.065 -6.425  6.782   1.00 22.17 ? 505 HIS A C   1 
ATOM   681 O  O   . HIS A 1 89  ? -12.303 -6.478  6.746   1.00 22.21 ? 505 HIS A O   1 
ATOM   682 C  CB  . HIS A 1 89  ? -9.826  -5.077  5.143   1.00 23.05 ? 505 HIS A CB  1 
ATOM   683 C  CG  . HIS A 1 89  ? -10.967 -4.105  5.125   1.00 24.52 ? 505 HIS A CG  1 
ATOM   684 N  ND1 . HIS A 1 89  ? -11.362 -3.400  6.242   1.00 24.58 ? 505 HIS A ND1 1 
ATOM   685 C  CD2 . HIS A 1 89  ? -11.832 -3.768  4.142   1.00 23.57 ? 505 HIS A CD2 1 
ATOM   686 C  CE1 . HIS A 1 89  ? -12.409 -2.653  5.945   1.00 24.25 ? 505 HIS A CE1 1 
ATOM   687 N  NE2 . HIS A 1 89  ? -12.716 -2.855  4.675   1.00 25.90 ? 505 HIS A NE2 1 
ATOM   688 N  N   A ASN A 1 90  ? -10.368 -6.303  7.903   0.50 21.35 ? 506 ASN A N   1 
ATOM   689 N  N   B ASN A 1 90  ? -10.364 -6.266  7.907   0.50 21.28 ? 506 ASN A N   1 
ATOM   690 C  CA  A ASN A 1 90  ? -11.026 -6.010  9.160   0.50 21.30 ? 506 ASN A CA  1 
ATOM   691 C  CA  B ASN A 1 90  ? -11.011 -6.039  9.207   0.50 21.22 ? 506 ASN A CA  1 
ATOM   692 C  C   A ASN A 1 90  ? -10.302 -4.801  9.755   0.50 20.08 ? 506 ASN A C   1 
ATOM   693 C  C   B ASN A 1 90  ? -10.570 -4.695  9.847   0.50 19.92 ? 506 ASN A C   1 
ATOM   694 O  O   A ASN A 1 90  ? -9.718  -4.875  10.854  0.50 20.11 ? 506 ASN A O   1 
ATOM   695 O  O   B ASN A 1 90  ? -10.481 -4.561  11.074  0.50 20.04 ? 506 ASN A O   1 
ATOM   696 C  CB  A ASN A 1 90  ? -10.994 -7.232  10.085  0.50 21.69 ? 506 ASN A CB  1 
ATOM   697 C  CB  B ASN A 1 90  ? -10.821 -7.267  10.140  0.50 21.62 ? 506 ASN A CB  1 
ATOM   698 C  CG  A ASN A 1 90  ? -12.004 -7.141  11.226  0.50 23.16 ? 506 ASN A CG  1 
ATOM   699 C  CG  B ASN A 1 90  ? -9.392  -7.408  10.705  0.50 22.96 ? 506 ASN A CG  1 
ATOM   700 O  OD1 A ASN A 1 90  ? -12.124 -8.077  12.018  0.50 25.61 ? 506 ASN A OD1 1 
ATOM   701 O  OD1 B ASN A 1 90  ? -8.447  -6.742  10.269  0.50 24.91 ? 506 ASN A OD1 1 
ATOM   702 N  ND2 A ASN A 1 90  ? -12.736 -6.025  11.314  0.50 22.39 ? 506 ASN A ND2 1 
ATOM   703 N  ND2 B ASN A 1 90  ? -9.246  -8.287  11.702  0.50 24.52 ? 506 ASN A ND2 1 
ATOM   704 N  N   . CYS A 1 91  ? -10.319 -3.707  8.983   1.00 18.23 ? 507 CYS A N   1 
ATOM   705 C  CA  . CYS A 1 91  ? -9.569  -2.482  9.331   1.00 16.53 ? 507 CYS A CA  1 
ATOM   706 C  C   . CYS A 1 91  ? -10.383 -1.189  9.413   1.00 14.88 ? 507 CYS A C   1 
ATOM   707 O  O   . CYS A 1 91  ? -11.527 -1.131  8.984   1.00 14.59 ? 507 CYS A O   1 
ATOM   708 C  CB  . CYS A 1 91  ? -8.414  -2.290  8.337   1.00 17.33 ? 507 CYS A CB  1 
ATOM   709 S  SG  . CYS A 1 91  ? -7.360  -3.788  8.236   1.00 17.62 ? 507 CYS A SG  1 
ATOM   710 N  N   . VAL A 1 92  ? -9.770  -0.162  9.997   1.00 14.22 ? 508 VAL A N   1 
ATOM   711 C  CA  . VAL A 1 92  ? -10.246 1.218   9.895   1.00 13.83 ? 508 VAL A CA  1 
ATOM   712 C  C   . VAL A 1 92  ? -9.175  2.031   9.205   1.00 13.09 ? 508 VAL A C   1 
ATOM   713 O  O   . VAL A 1 92  ? -8.016  1.606   9.125   1.00 13.79 ? 508 VAL A O   1 
ATOM   714 C  CB  . VAL A 1 92  ? -10.522 1.822   11.296  1.00 13.26 ? 508 VAL A CB  1 
ATOM   715 C  CG1 . VAL A 1 92  ? -11.620 1.017   11.999  1.00 14.57 ? 508 VAL A CG1 1 
ATOM   716 C  CG2 . VAL A 1 92  ? -9.254  1.767   12.136  1.00 12.29 ? 508 VAL A CG2 1 
ATOM   717 N  N   . HIS A 1 93  ? -9.533  3.234   8.786   1.00 13.04 ? 509 HIS A N   1 
ATOM   718 C  CA  . HIS A 1 93  ? -8.610  4.098   8.052   1.00 13.21 ? 509 HIS A CA  1 
ATOM   719 C  C   . HIS A 1 93  ? -7.402  4.605   8.839   1.00 13.56 ? 509 HIS A C   1 
ATOM   720 O  O   . HIS A 1 93  ? -6.382  4.924   8.237   1.00 12.76 ? 509 HIS A O   1 
ATOM   721 C  CB  . HIS A 1 93  ? -9.371  5.248   7.370   1.00 11.92 ? 509 HIS A CB  1 
ATOM   722 C  CG  . HIS A 1 93  ? -9.992  4.869   6.061   1.00 14.12 ? 509 HIS A CG  1 
ATOM   723 N  ND1 . HIS A 1 93  ? -9.249  4.625   4.920   1.00 13.35 ? 509 HIS A ND1 1 
ATOM   724 C  CD2 . HIS A 1 93  ? -11.285 4.686   5.714   1.00 14.47 ? 509 HIS A CD2 1 
ATOM   725 C  CE1 . HIS A 1 93  ? -10.065 4.319   3.928   1.00 14.58 ? 509 HIS A CE1 1 
ATOM   726 N  NE2 . HIS A 1 93  ? -11.309 4.360   4.381   1.00 13.65 ? 509 HIS A NE2 1 
ATOM   727 N  N   . ASN A 1 94  ? -7.486  4.635   10.175  1.00 13.70 ? 510 ASN A N   1 
ATOM   728 C  CA  . ASN A 1 94  ? -6.309  4.894   11.026  1.00 14.31 ? 510 ASN A CA  1 
ATOM   729 C  C   . ASN A 1 94  ? -5.164  3.954   10.713  1.00 13.73 ? 510 ASN A C   1 
ATOM   730 O  O   . ASN A 1 94  ? -4.009  4.356   10.808  1.00 13.91 ? 510 ASN A O   1 
ATOM   731 C  CB  . ASN A 1 94  ? -6.626  4.771   12.506  1.00 13.32 ? 510 ASN A CB  1 
ATOM   732 C  CG  . ASN A 1 94  ? -7.545  5.869   12.991  1.00 16.79 ? 510 ASN A CG  1 
ATOM   733 O  OD1 . ASN A 1 94  ? -7.793  6.865   12.279  1.00 15.78 ? 510 ASN A OD1 1 
ATOM   734 N  ND2 . ASN A 1 94  ? -8.075  5.693   14.202  1.00 17.59 ? 510 ASN A ND2 1 
ATOM   735 N  N   . GLU A 1 95  ? -5.532  2.727   10.310  1.00 13.06 ? 511 GLU A N   1 
ATOM   736 C  CA  . GLU A 1 95  ? -4.609  1.658   9.972   1.00 13.23 ? 511 GLU A CA  1 
ATOM   737 C  C   . GLU A 1 95  ? -4.110  1.659   8.507   1.00 12.90 ? 511 GLU A C   1 
ATOM   738 O  O   . GLU A 1 95  ? -3.388  0.752   8.120   1.00 14.02 ? 511 GLU A O   1 
ATOM   739 C  CB  . GLU A 1 95  ? -5.220  0.299   10.351  1.00 12.37 ? 511 GLU A CB  1 
ATOM   740 C  CG  . GLU A 1 95  ? -5.506  0.216   11.886  1.00 13.83 ? 511 GLU A CG  1 
ATOM   741 C  CD  . GLU A 1 95  ? -6.544  -0.829  12.305  1.00 15.27 ? 511 GLU A CD  1 
ATOM   742 O  OE1 . GLU A 1 95  ? -7.229  -1.471  11.467  1.00 16.79 ? 511 GLU A OE1 1 
ATOM   743 O  OE2 . GLU A 1 95  ? -6.667  -0.989  13.540  1.00 18.84 ? 511 GLU A OE2 1 
ATOM   744 N  N   . ASP A 1 96  ? -4.492  2.668   7.734   1.00 13.19 ? 512 ASP A N   1 
ATOM   745 C  CA  . ASP A 1 96  ? -3.965  2.848   6.348   1.00 12.58 ? 512 ASP A CA  1 
ATOM   746 C  C   . ASP A 1 96  ? -2.442  2.888   6.365   1.00 12.64 ? 512 ASP A C   1 
ATOM   747 O  O   . ASP A 1 96  ? -1.828  3.685   7.094   1.00 11.95 ? 512 ASP A O   1 
ATOM   748 C  CB  . ASP A 1 96  ? -4.515  4.112   5.662   1.00 12.99 ? 512 ASP A CB  1 
ATOM   749 C  CG  . ASP A 1 96  ? -6.026  4.029   5.347   1.00 13.37 ? 512 ASP A CG  1 
ATOM   750 O  OD1 . ASP A 1 96  ? -6.618  2.939   5.373   1.00 12.70 ? 512 ASP A OD1 1 
ATOM   751 O  OD2 . ASP A 1 96  ? -6.634  5.090   5.096   1.00 11.14 ? 512 ASP A OD2 1 
ATOM   752 N  N   . ALA A 1 97  ? -1.856  1.966   5.602   1.00 12.06 ? 513 ALA A N   1 
ATOM   753 C  CA  . ALA A 1 97  ? -0.404  1.852   5.403   1.00 12.98 ? 513 ALA A CA  1 
ATOM   754 C  C   . ALA A 1 97  ? 0.131   3.032   4.620   1.00 12.75 ? 513 ALA A C   1 
ATOM   755 O  O   . ALA A 1 97  ? -0.552  3.550   3.728   1.00 13.25 ? 513 ALA A O   1 
ATOM   756 C  CB  . ALA A 1 97  ? -0.090  0.549   4.628   1.00 13.36 ? 513 ALA A CB  1 
ATOM   757 N  N   . GLY A 1 98  ? 1.374   3.388   4.919   1.00 13.89 ? 514 GLY A N   1 
ATOM   758 C  CA  . GLY A 1 98  ? 2.127   4.370   4.133   1.00 13.50 ? 514 GLY A CA  1 
ATOM   759 C  C   . GLY A 1 98  ? 3.487   3.798   3.739   1.00 13.35 ? 514 GLY A C   1 
ATOM   760 O  O   . GLY A 1 98  ? 3.819   2.639   4.047   1.00 13.35 ? 514 GLY A O   1 
ATOM   761 N  N   . VAL A 1 99  ? 4.265   4.627   3.054   1.00 12.74 ? 515 VAL A N   1 
ATOM   762 C  CA  . VAL A 1 99  ? 5.587   4.270   2.568   1.00 13.22 ? 515 VAL A CA  1 
ATOM   763 C  C   . VAL A 1 99  ? 6.466   5.492   2.705   1.00 13.27 ? 515 VAL A C   1 
ATOM   764 O  O   . VAL A 1 99  ? 5.973   6.639   2.579   1.00 13.83 ? 515 VAL A O   1 
ATOM   765 C  CB  . VAL A 1 99  ? 5.605   3.793   1.071   1.00 13.29 ? 515 VAL A CB  1 
ATOM   766 C  CG1 . VAL A 1 99  ? 4.833   2.447   0.882   1.00 15.75 ? 515 VAL A CG1 1 
ATOM   767 C  CG2 . VAL A 1 99  ? 5.087   4.879   0.095   1.00 12.81 ? 515 VAL A CG2 1 
ATOM   768 N  N   . GLU A 1 100 ? 7.737   5.254   3.012   1.00 13.84 ? 516 GLU A N   1 
ATOM   769 C  CA  . GLU A 1 100 ? 8.776   6.261   2.855   1.00 15.02 ? 516 GLU A CA  1 
ATOM   770 C  C   . GLU A 1 100 ? 9.792   5.704   1.852   1.00 15.22 ? 516 GLU A C   1 
ATOM   771 O  O   . GLU A 1 100 ? 10.555  4.748   2.174   1.00 15.76 ? 516 GLU A O   1 
ATOM   772 C  CB  . GLU A 1 100 ? 9.430   6.565   4.199   1.00 15.37 ? 516 GLU A CB  1 
ATOM   773 C  CG  . GLU A 1 100 ? 10.549  7.593   4.132   1.00 16.90 ? 516 GLU A CG  1 
ATOM   774 C  CD  . GLU A 1 100 ? 10.788  8.281   5.475   1.00 23.12 ? 516 GLU A CD  1 
ATOM   775 O  OE1 . GLU A 1 100 ? 11.320  7.638   6.373   1.00 26.57 ? 516 GLU A OE1 1 
ATOM   776 O  OE2 . GLU A 1 100 ? 10.464  9.470   5.617   1.00 27.84 ? 516 GLU A OE2 1 
ATOM   777 N  N   . CYS A 1 101 ? 9.764   6.276   0.643   1.00 15.31 ? 517 CYS A N   1 
ATOM   778 C  CA  . CYS A 1 101 ? 10.543  5.750   -0.468  1.00 14.48 ? 517 CYS A CA  1 
ATOM   779 C  C   . CYS A 1 101 ? 11.869  6.488   -0.601  1.00 14.68 ? 517 CYS A C   1 
ATOM   780 O  O   . CYS A 1 101 ? 12.013  7.613   -0.142  1.00 14.46 ? 517 CYS A O   1 
ATOM   781 C  CB  . CYS A 1 101 ? 9.807   5.899   -1.788  1.00 15.28 ? 517 CYS A CB  1 
ATOM   782 S  SG  . CYS A 1 101 ? 8.073   5.383   -1.860  1.00 15.44 ? 517 CYS A SG  1 
ATOM   783 N  N   . SER A 1 102 ? 12.817  5.832   -1.255  1.00 14.53 ? 518 SER A N   1 
ATOM   784 C  CA  . SER A 1 102 ? 14.064  6.484   -1.617  1.00 16.56 ? 518 SER A CA  1 
ATOM   785 C  C   . SER A 1 102 ? 14.566  5.939   -2.936  1.00 16.97 ? 518 SER A C   1 
ATOM   786 O  O   . SER A 1 102 ? 14.143  4.882   -3.392  1.00 14.59 ? 518 SER A O   1 
ATOM   787 C  CB  . SER A 1 102 ? 15.122  6.371   -0.509  1.00 16.56 ? 518 SER A CB  1 
ATOM   788 O  OG  . SER A 1 102 ? 15.583  5.054   -0.330  1.00 17.00 ? 518 SER A OG  1 
ATOM   789 O  OXT . SER A 1 102 ? 15.353  6.635   -3.590  1.00 17.40 ? 518 SER A OXT 1 
HETATM 790 MG MG  . MG  B 2 .   ? -4.746  -4.440  12.604  1.00 28.28 ? 201 MG  A MG  1 
HETATM 791 MG MG  . MG  C 2 .   ? 3.649   -8.274  4.266   1.00 32.17 ? 202 MG  A MG  1 
HETATM 792 O  O   . HOH D 3 .   ? -8.189  7.895   0.617   1.00 18.33 ? 1   HOH A O   1 
HETATM 793 O  O   . HOH D 3 .   ? -3.200  3.059   2.609   1.00 12.03 ? 2   HOH A O   1 
HETATM 794 O  O   . HOH D 3 .   ? -6.733  0.395   6.654   1.00 13.70 ? 3   HOH A O   1 
HETATM 795 O  O   . HOH D 3 .   ? -7.178  8.302   10.035  1.00 15.63 ? 4   HOH A O   1 
HETATM 796 O  O   . HOH D 3 .   ? 13.223  4.976   -11.318 1.00 16.30 ? 5   HOH A O   1 
HETATM 797 O  O   . HOH D 3 .   ? 5.330   -1.142  12.565  1.00 15.81 ? 6   HOH A O   1 
HETATM 798 O  O   . HOH D 3 .   ? -5.780  -3.505  14.402  1.00 19.02 ? 7   HOH A O   1 
HETATM 799 O  O   . HOH D 3 .   ? -0.908  -5.194  4.419   1.00 15.95 ? 8   HOH A O   1 
HETATM 800 O  O   . HOH D 3 .   ? -11.447 7.424   -6.588  1.00 20.27 ? 9   HOH A O   1 
HETATM 801 O  O   . HOH D 3 .   ? -3.869  2.532   13.952  1.00 20.53 ? 10  HOH A O   1 
HETATM 802 O  O   . HOH D 3 .   ? -12.580 4.484   -2.326  1.00 17.94 ? 11  HOH A O   1 
HETATM 803 O  O   . HOH D 3 .   ? -5.556  1.029   15.190  1.00 20.13 ? 12  HOH A O   1 
HETATM 804 O  O   . HOH D 3 .   ? -7.686  -7.133  1.155   1.00 30.12 ? 13  HOH A O   1 
HETATM 805 O  O   . HOH D 3 .   ? -6.329  -8.656  -3.858  1.00 23.86 ? 14  HOH A O   1 
HETATM 806 O  O   . HOH D 3 .   ? 5.503   -9.060  2.926   1.00 18.53 ? 15  HOH A O   1 
HETATM 807 O  O   . HOH D 3 .   ? -3.724  -2.560  12.068  1.00 18.32 ? 16  HOH A O   1 
HETATM 808 O  O   . HOH D 3 .   ? 0.097   13.396  5.300   1.00 26.32 ? 17  HOH A O   1 
HETATM 809 O  O   . HOH D 3 .   ? 10.351  9.740   8.551   1.00 22.94 ? 18  HOH A O   1 
HETATM 810 O  O   . HOH D 3 .   ? 0.492   8.124   -9.223  1.00 25.76 ? 19  HOH A O   1 
HETATM 811 O  O   . HOH D 3 .   ? 2.605   -2.738  9.349   1.00 23.06 ? 20  HOH A O   1 
HETATM 812 O  O   . HOH D 3 .   ? -6.380  -4.257  11.426  1.00 20.84 ? 21  HOH A O   1 
HETATM 813 O  O   . HOH D 3 .   ? 0.839   -5.735  11.329  1.00 24.61 ? 22  HOH A O   1 
HETATM 814 O  O   . HOH D 3 .   ? 18.561  4.529   -6.293  1.00 28.63 ? 23  HOH A O   1 
HETATM 815 O  O   . HOH D 3 .   ? -2.882  -4.650  13.761  1.00 25.85 ? 24  HOH A O   1 
HETATM 816 O  O   . HOH D 3 .   ? 3.815   -12.583 -2.829  1.00 23.88 ? 25  HOH A O   1 
HETATM 817 O  O   . HOH D 3 .   ? -4.128  -9.035  -8.109  1.00 27.76 ? 26  HOH A O   1 
HETATM 818 O  O   . HOH D 3 .   ? -10.268 6.851   -1.266  1.00 26.92 ? 27  HOH A O   1 
HETATM 819 O  O   . HOH D 3 .   ? 14.634  7.142   -5.979  1.00 29.50 ? 28  HOH A O   1 
HETATM 820 O  O   . HOH D 3 .   ? 1.137   15.843  5.500   1.00 26.41 ? 29  HOH A O   1 
HETATM 821 O  O   . HOH D 3 .   ? -13.589 0.679   8.194   1.00 36.57 ? 30  HOH A O   1 
HETATM 822 O  O   . HOH D 3 .   ? -5.507  -6.458  13.156  1.00 28.32 ? 31  HOH A O   1 
HETATM 823 O  O   . HOH D 3 .   ? -12.493 4.243   9.154   1.00 14.14 ? 32  HOH A O   1 
HETATM 824 O  O   . HOH D 3 .   ? -9.253  8.605   13.507  1.00 28.89 ? 33  HOH A O   1 
HETATM 825 O  O   . HOH D 3 .   ? 0.701   10.913  -5.843  1.00 31.59 ? 34  HOH A O   1 
HETATM 826 O  O   . HOH D 3 .   ? -14.819 4.410   5.617   1.00 30.59 ? 35  HOH A O   1 
HETATM 827 O  O   . HOH D 3 .   ? -13.621 -1.964  1.207   1.00 33.75 ? 36  HOH A O   1 
HETATM 828 O  O   . HOH D 3 .   ? -13.607 0.242   3.447   1.00 33.51 ? 37  HOH A O   1 
HETATM 829 O  O   . HOH D 3 .   ? -14.306 -6.990  4.252   1.00 34.20 ? 38  HOH A O   1 
HETATM 830 O  O   . HOH D 3 .   ? 14.808  9.214   -3.404  1.00 35.21 ? 39  HOH A O   1 
HETATM 831 O  O   . HOH D 3 .   ? 0.670   9.743   9.984   1.00 32.99 ? 40  HOH A O   1 
HETATM 832 O  O   . HOH D 3 .   ? -5.357  11.316  17.597  1.00 33.87 ? 41  HOH A O   1 
HETATM 833 O  O   . HOH D 3 .   ? 3.158   -2.917  12.016  1.00 22.83 ? 42  HOH A O   1 
HETATM 834 O  O   . HOH D 3 .   ? -1.849  -10.121 10.770  1.00 30.79 ? 43  HOH A O   1 
HETATM 835 O  O   . HOH D 3 .   ? 12.968  5.748   5.713   1.00 32.85 ? 44  HOH A O   1 
HETATM 836 O  O   . HOH D 3 .   ? 7.340   -2.947  -8.229  1.00 26.90 ? 45  HOH A O   1 
HETATM 837 O  O   . HOH D 3 .   ? -16.680 0.886   -7.686  1.00 30.48 ? 46  HOH A O   1 
HETATM 838 O  O   . HOH D 3 .   ? 3.705   8.349   10.049  1.00 21.86 ? 47  HOH A O   1 
HETATM 839 O  O   . HOH D 3 .   ? 15.241  4.080   1.989   1.00 29.63 ? 48  HOH A O   1 
HETATM 840 O  O   . HOH D 3 .   ? -6.639  -7.852  8.896   1.00 38.91 ? 49  HOH A O   1 
HETATM 841 O  O   . HOH D 3 .   ? 8.465   -9.868  4.128   1.00 28.08 ? 50  HOH A O   1 
HETATM 842 O  O   . HOH D 3 .   ? -17.344 3.638   -7.526  1.00 29.97 ? 51  HOH A O   1 
HETATM 843 O  O   . HOH D 3 .   ? 7.258   14.799  2.755   1.00 27.86 ? 52  HOH A O   1 
HETATM 844 O  O   . HOH D 3 .   ? 3.045   -10.158 4.917   1.00 27.09 ? 53  HOH A O   1 
HETATM 845 O  O   . HOH D 3 .   ? 13.087  4.548   2.896   1.00 38.41 ? 54  HOH A O   1 
HETATM 846 O  O   . HOH D 3 .   ? 10.634  -3.728  -9.427  1.00 32.21 ? 55  HOH A O   1 
HETATM 847 O  O   . HOH D 3 .   ? 4.212   12.873  5.823   1.00 32.13 ? 56  HOH A O   1 
HETATM 848 O  O   . HOH D 3 .   ? -3.082  11.804  -7.455  1.00 35.76 ? 57  HOH A O   1 
HETATM 849 O  O   . HOH D 3 .   ? -8.252  -13.944 3.490   1.00 36.77 ? 58  HOH A O   1 
HETATM 850 O  O   . HOH D 3 .   ? 8.986   -0.076  8.472   1.00 18.13 ? 59  HOH A O   1 
HETATM 851 O  O   . HOH D 3 .   ? 9.391   -4.202  7.716   1.00 25.08 ? 60  HOH A O   1 
HETATM 852 O  O   . HOH D 3 .   ? 5.625   15.024  5.173   1.00 37.23 ? 61  HOH A O   1 
HETATM 853 O  O   . HOH D 3 .   ? 13.539  -0.782  3.104   1.00 30.21 ? 62  HOH A O   1 
HETATM 854 O  O   . HOH D 3 .   ? -13.753 1.596   5.755   1.00 29.92 ? 63  HOH A O   1 
HETATM 855 O  O   . HOH D 3 .   ? -13.861 7.100   -2.451  1.00 35.06 ? 64  HOH A O   1 
HETATM 856 O  O   . HOH D 3 .   ? 3.316   5.626   9.963   1.00 23.98 ? 65  HOH A O   1 
HETATM 857 O  O   . HOH D 3 .   ? -8.718  -13.601 0.760   1.00 22.05 ? 66  HOH A O   1 
HETATM 858 O  O   . HOH D 3 .   ? 6.366   -9.028  -10.823 1.00 34.68 ? 67  HOH A O   1 
# 
